data_9BCV
#
_entry.id   9BCV
#
_cell.length_a   1.00
_cell.length_b   1.00
_cell.length_c   1.00
_cell.angle_alpha   90.00
_cell.angle_beta   90.00
_cell.angle_gamma   90.00
#
_symmetry.space_group_name_H-M   'P 1'
#
loop_
_entity.id
_entity.type
_entity.pdbx_description
1 polymer 'Atrial natriuretic peptide receptor 1'
2 polymer 'Fab fragment'
3 non-polymer 'PHOSPHOMETHYLPHOSPHONIC ACID GUANYLATE ESTER'
4 non-polymer 'MAGNESIUM ION'
#
loop_
_entity_poly.entity_id
_entity_poly.type
_entity_poly.pdbx_seq_one_letter_code
_entity_poly.pdbx_strand_id
1 'polypeptide(L)'
;GNLTVAVVLPLANTSYPWSWARVGPAVELALAQVKARPDLLPGWTVRTVLGSSENALGVCSDTAAPLAAVDLKWEHNPAV
FLGPGCVYAAAPVGRFTAHWRVPLLTAGAPALGFGVKDEYALTTRAGPSYAKLGDFVAALHRRLGWERQALMLYAYRPGD
EEHCFFLVEGLFMRVRDRLNITVDHLEFAEDDLSHYTRLLRTMPRKGRVIYICSSPDAFRTLMLLALEAGLCGEDYVFFH
LDIFGQSLQGGQGPAPRRPWERGDGQDVSARQAFQAAKIITYKDPDNPEYLEFLKQLKHLAYEQFNFTMEDGLVNTIPAS
FHDGLLLYIQAVTETLAHGGTVTDGENITQRMWNRSFQGVTGYLKIDSSGDRETDFSLWDMDPENGAFRVVLNYNGTSQE
LVAVSGRKLNWPLGYPPPDIPKCGFDNEDPACNQDHLSTLEVLALVGSLSLLGILIVSFFIYRKMQLEKELASELWRVRW
EDVEPSSLERHLRSAGSRLTLSGRGSNYGSLLTTEGQFQVFAKTAYYKGNLVAVKRVNRKRIELTRKVLFELKHMRDVQN
EHLTRFVGACTDPPNICILTEYCPRGSLQDILENESITLDWMFRYSLTNDIVKGMLFLHNGAICSHGNLKSSNCVVDGRF
VLKITDYGLESFRDLDPEQGHTVYAKKLWTAPELLRMASPPVRGSQAGDVYSFGIILQEIALRSGVFHVEGLDLSPKEII
ERVTRGEQPPFRPSLALQSHLEELGLLMQRCWAEDPQERPPFQQIRLTLRKFNRENSSNILDNLLSRMEQYANNLEELVE
ERTQAYLEEKRKAEALLYQILPHSVAEQLKRGETVQAEAFDSVTIYFSDIVGFTALSAESTPMQVVTLLNDLYTCFDAVI
DNFDVYKVETIGDAYMVVSGLPVRNGRLHACEVARMALALLDAVRSFRIRHRPQEQLRLRIGIHTGPVCAGVVGLKMPRY
CLFGDTVNTASRMESNGEALKIHLSSETKAVLEEFGGFELELRGDVEMKGKGKVRTYWLLGERGSSTRG
;
A,B
2 'polypeptide(L)'
;(UNK)(UNK)(UNK)(UNK)(UNK)(UNK)(UNK)(UNK)(UNK)(UNK)(UNK)(UNK)(UNK)(UNK)(UNK)(UNK)
(UNK)(UNK)(UNK)(UNK)(UNK)(UNK)(UNK)(UNK)(UNK)(UNK)(UNK)(UNK)(UNK)(UNK)(UNK)(UNK)
(UNK)(UNK)(UNK)(UNK)(UNK)(UNK)(UNK)(UNK)(UNK)(UNK)(UNK)(UNK)(UNK)(UNK)(UNK)(UNK)
(UNK)(UNK)(UNK)(UNK)(UNK)(UNK)(UNK)(UNK)(UNK)(UNK)(UNK)(UNK)(UNK)(UNK)(UNK)(UNK)
(UNK)(UNK)(UNK)(UNK)(UNK)(UNK)(UNK)(UNK)(UNK)(UNK)(UNK)(UNK)(UNK)(UNK)(UNK)(UNK)
(UNK)(UNK)(UNK)(UNK)(UNK)(UNK)(UNK)(UNK)(UNK)(UNK)(UNK)(UNK)(UNK)(UNK)(UNK)(UNK)
(UNK)(UNK)(UNK)(UNK)(UNK)(UNK)(UNK)(UNK)(UNK)(UNK)(UNK)(UNK)(UNK)(UNK)(UNK)(UNK)
(UNK)(UNK)(UNK)(UNK)(UNK)(UNK)(UNK)(UNK)
;
G,H,J,I,C,D,E,F
#
# COMPACT_ATOMS: atom_id res chain seq x y z
N ALA A 813 -3.99 -17.29 5.75
CA ALA A 813 -2.65 -16.89 6.18
C ALA A 813 -1.86 -16.31 5.01
N GLU A 814 -1.49 -17.18 4.06
CA GLU A 814 -0.81 -16.71 2.86
C GLU A 814 -1.74 -15.90 1.97
N ALA A 815 -3.05 -16.17 2.04
CA ALA A 815 -3.99 -15.43 1.22
C ALA A 815 -4.06 -13.96 1.59
N LEU A 816 -3.72 -13.61 2.83
CA LEU A 816 -3.67 -12.22 3.25
C LEU A 816 -2.30 -11.59 3.11
N LEU A 817 -1.28 -12.37 2.75
CA LEU A 817 0.04 -11.82 2.51
C LEU A 817 0.24 -11.39 1.06
N TYR A 818 -0.47 -12.01 0.13
CA TYR A 818 -0.37 -11.72 -1.29
C TYR A 818 -1.62 -11.01 -1.80
N GLN A 819 -2.14 -10.08 -1.01
CA GLN A 819 -3.34 -9.34 -1.37
C GLN A 819 -3.06 -8.10 -2.19
N ILE A 820 -1.80 -7.74 -2.40
CA ILE A 820 -1.46 -6.61 -3.25
C ILE A 820 -0.88 -7.05 -4.59
N LEU A 821 -0.16 -8.16 -4.65
CA LEU A 821 0.42 -8.63 -5.89
C LEU A 821 -0.66 -9.07 -6.86
N PRO A 822 -0.37 -9.09 -8.16
CA PRO A 822 -1.35 -9.60 -9.12
C PRO A 822 -1.60 -11.08 -8.89
N HIS A 823 -2.71 -11.56 -9.47
CA HIS A 823 -3.12 -12.93 -9.21
C HIS A 823 -2.11 -13.93 -9.75
N SER A 824 -1.53 -13.65 -10.92
CA SER A 824 -0.52 -14.55 -11.49
C SER A 824 0.68 -14.67 -10.57
N VAL A 825 1.20 -13.55 -10.08
CA VAL A 825 2.33 -13.58 -9.17
C VAL A 825 1.97 -14.20 -7.83
N ALA A 826 0.74 -13.97 -7.36
CA ALA A 826 0.29 -14.60 -6.12
C ALA A 826 0.29 -16.12 -6.24
N GLU A 827 -0.24 -16.65 -7.34
CA GLU A 827 -0.21 -18.10 -7.54
C GLU A 827 1.21 -18.61 -7.72
N GLN A 828 2.07 -17.85 -8.39
CA GLN A 828 3.46 -18.26 -8.53
C GLN A 828 4.13 -18.40 -7.18
N LEU A 829 3.93 -17.41 -6.30
CA LEU A 829 4.57 -17.44 -4.99
C LEU A 829 3.95 -18.50 -4.07
N LYS A 830 2.64 -18.73 -4.21
CA LYS A 830 1.96 -19.66 -3.30
C LYS A 830 2.47 -21.08 -3.46
N ARG A 831 2.74 -21.51 -4.69
CA ARG A 831 3.17 -22.87 -4.95
C ARG A 831 4.68 -23.06 -4.82
N GLY A 832 5.41 -22.04 -4.38
CA GLY A 832 6.80 -22.17 -4.02
C GLY A 832 7.78 -21.64 -5.03
N GLU A 833 7.35 -21.38 -6.27
CA GLU A 833 8.27 -20.91 -7.28
C GLU A 833 8.77 -19.50 -6.94
N THR A 834 9.85 -19.11 -7.61
CA THR A 834 10.45 -17.80 -7.41
C THR A 834 10.14 -16.90 -8.60
N VAL A 835 9.88 -15.62 -8.33
CA VAL A 835 9.54 -14.65 -9.36
C VAL A 835 10.74 -13.72 -9.54
N GLN A 836 11.23 -13.63 -10.76
CA GLN A 836 12.39 -12.81 -11.09
C GLN A 836 11.95 -11.46 -11.64
N ALA A 837 12.82 -10.46 -11.47
CA ALA A 837 12.59 -9.17 -12.09
C ALA A 837 12.67 -9.29 -13.60
N GLU A 838 11.74 -8.65 -14.29
CA GLU A 838 11.61 -8.82 -15.74
C GLU A 838 11.60 -7.47 -16.43
N ALA A 839 11.84 -7.50 -17.73
CA ALA A 839 11.75 -6.33 -18.59
C ALA A 839 10.67 -6.56 -19.64
N PHE A 840 9.81 -5.56 -19.82
CA PHE A 840 8.71 -5.62 -20.77
C PHE A 840 8.90 -4.51 -21.79
N ASP A 841 8.83 -4.88 -23.07
CA ASP A 841 9.16 -3.96 -24.16
C ASP A 841 8.03 -3.00 -24.50
N SER A 842 6.82 -3.25 -24.02
CA SER A 842 5.71 -2.32 -24.23
C SER A 842 4.63 -2.60 -23.21
N VAL A 843 4.36 -1.63 -22.35
CA VAL A 843 3.23 -1.67 -21.42
C VAL A 843 2.55 -0.31 -21.50
N THR A 844 1.30 -0.26 -21.05
CA THR A 844 0.53 0.98 -21.09
C THR A 844 0.21 1.44 -19.67
N ILE A 845 0.60 2.67 -19.36
CA ILE A 845 0.44 3.27 -18.03
C ILE A 845 -0.65 4.34 -18.13
N TYR A 846 -1.55 4.34 -17.15
CA TYR A 846 -2.64 5.30 -17.09
C TYR A 846 -2.59 5.98 -15.72
N PHE A 847 -2.57 7.32 -15.72
CA PHE A 847 -2.44 8.13 -14.52
C PHE A 847 -3.63 9.07 -14.43
N SER A 848 -4.35 9.04 -13.31
CA SER A 848 -5.52 9.88 -13.13
C SER A 848 -5.41 10.68 -11.85
N ASP A 849 -5.89 11.92 -11.90
CA ASP A 849 -5.88 12.83 -10.76
C ASP A 849 -7.14 13.67 -10.77
N ILE A 850 -7.68 13.94 -9.60
CA ILE A 850 -8.90 14.75 -9.46
C ILE A 850 -8.49 16.20 -9.31
N VAL A 851 -8.96 17.06 -10.20
CA VAL A 851 -8.57 18.46 -10.20
C VAL A 851 -9.43 19.23 -9.20
N GLY A 852 -8.81 20.18 -8.52
CA GLY A 852 -9.50 20.97 -7.51
C GLY A 852 -10.00 20.18 -6.32
N PHE A 853 -9.19 19.25 -5.81
CA PHE A 853 -9.58 18.44 -4.66
C PHE A 853 -9.11 19.01 -3.34
N THR A 854 -8.01 19.76 -3.34
CA THR A 854 -7.52 20.36 -2.10
C THR A 854 -8.33 21.59 -1.69
N ALA A 855 -9.20 22.09 -2.56
CA ALA A 855 -10.11 23.18 -2.20
C ALA A 855 -11.48 22.67 -1.77
N LEU A 856 -11.94 21.57 -2.37
CA LEU A 856 -13.17 20.94 -1.93
C LEU A 856 -12.99 20.28 -0.57
N SER A 857 -11.82 19.67 -0.34
CA SER A 857 -11.53 19.03 0.92
C SER A 857 -11.05 20.00 2.00
N ALA A 858 -10.93 21.28 1.66
CA ALA A 858 -10.56 22.31 2.63
C ALA A 858 -11.76 22.98 3.27
N GLU A 859 -12.98 22.64 2.84
CA GLU A 859 -14.20 23.22 3.36
C GLU A 859 -15.16 22.13 3.80
N SER A 860 -14.64 21.07 4.39
CA SER A 860 -15.46 19.96 4.85
C SER A 860 -14.95 19.49 6.20
N THR A 861 -15.87 18.99 7.01
CA THR A 861 -15.49 18.35 8.26
C THR A 861 -14.76 17.04 7.96
N PRO A 862 -13.97 16.54 8.89
CA PRO A 862 -13.16 15.34 8.60
C PRO A 862 -13.97 14.12 8.18
N MET A 863 -15.27 14.07 8.44
CA MET A 863 -16.07 12.91 8.08
C MET A 863 -16.54 12.95 6.63
N GLN A 864 -16.89 14.14 6.13
CA GLN A 864 -17.38 14.25 4.76
C GLN A 864 -16.31 13.83 3.75
N VAL A 865 -15.07 14.25 3.97
CA VAL A 865 -14.01 13.93 3.02
C VAL A 865 -13.66 12.45 3.07
N VAL A 866 -13.66 11.86 4.26
CA VAL A 866 -13.43 10.42 4.37
C VAL A 866 -14.51 9.65 3.62
N THR A 867 -15.78 10.05 3.81
CA THR A 867 -16.86 9.37 3.12
C THR A 867 -16.77 9.55 1.62
N LEU A 868 -16.37 10.75 1.16
CA LEU A 868 -16.20 10.98 -0.27
C LEU A 868 -15.11 10.08 -0.85
N LEU A 869 -13.99 9.94 -0.14
CA LEU A 869 -12.93 9.07 -0.63
C LEU A 869 -13.38 7.62 -0.67
N ASN A 870 -14.12 7.18 0.36
CA ASN A 870 -14.63 5.82 0.36
C ASN A 870 -15.56 5.57 -0.81
N ASP A 871 -16.48 6.51 -1.06
CA ASP A 871 -17.42 6.36 -2.16
C ASP A 871 -16.72 6.34 -3.51
N LEU A 872 -15.74 7.23 -3.69
CA LEU A 872 -15.01 7.29 -4.95
C LEU A 872 -14.21 6.00 -5.18
N TYR A 873 -13.58 5.47 -4.13
CA TYR A 873 -12.84 4.22 -4.27
C TYR A 873 -13.77 3.08 -4.64
N THR A 874 -14.91 2.98 -3.97
CA THR A 874 -15.86 1.90 -4.28
C THR A 874 -16.43 2.04 -5.69
N CYS A 875 -16.59 3.28 -6.17
CA CYS A 875 -17.11 3.47 -7.53
C CYS A 875 -16.06 3.13 -8.58
N PHE A 876 -14.79 3.47 -8.32
CA PHE A 876 -13.75 3.22 -9.32
C PHE A 876 -13.35 1.75 -9.37
N ASP A 877 -13.34 1.07 -8.22
CA ASP A 877 -12.90 -0.32 -8.19
C ASP A 877 -13.89 -1.26 -8.88
N ALA A 878 -15.14 -0.84 -9.05
CA ALA A 878 -16.13 -1.67 -9.74
C ALA A 878 -16.04 -1.52 -11.26
N VAL A 879 -15.34 -0.51 -11.75
CA VAL A 879 -15.11 -0.34 -13.18
C VAL A 879 -13.73 -0.82 -13.59
N ILE A 880 -12.73 -0.62 -12.73
CA ILE A 880 -11.38 -1.09 -13.03
C ILE A 880 -11.35 -2.62 -13.09
N ASP A 881 -12.24 -3.28 -12.35
CA ASP A 881 -12.27 -4.74 -12.30
C ASP A 881 -12.97 -5.36 -13.50
N ASN A 882 -13.54 -4.54 -14.39
CA ASN A 882 -14.20 -5.04 -15.59
C ASN A 882 -13.24 -5.40 -16.70
N PHE A 883 -11.97 -5.00 -16.61
CA PHE A 883 -11.03 -5.08 -17.72
C PHE A 883 -9.82 -5.92 -17.33
N ASP A 884 -8.82 -5.94 -18.21
CA ASP A 884 -7.60 -6.71 -18.05
C ASP A 884 -6.50 -5.93 -17.32
N VAL A 885 -6.79 -4.71 -16.89
CA VAL A 885 -5.80 -3.83 -16.29
C VAL A 885 -5.44 -4.29 -14.87
N TYR A 886 -4.36 -3.74 -14.32
CA TYR A 886 -3.93 -4.01 -12.96
C TYR A 886 -3.62 -2.69 -12.27
N LYS A 887 -4.21 -2.48 -11.10
CA LYS A 887 -4.10 -1.20 -10.39
C LYS A 887 -2.89 -1.25 -9.44
N VAL A 888 -1.88 -0.44 -9.73
CA VAL A 888 -0.62 -0.55 -8.98
C VAL A 888 -0.77 0.05 -7.59
N GLU A 889 -1.25 1.28 -7.51
CA GLU A 889 -1.30 1.99 -6.23
C GLU A 889 -2.47 2.95 -6.22
N THR A 890 -2.84 3.38 -5.01
CA THR A 890 -3.92 4.35 -4.82
C THR A 890 -3.59 5.14 -3.55
N ILE A 891 -3.00 6.32 -3.71
CA ILE A 891 -2.70 7.21 -2.60
C ILE A 891 -3.46 8.51 -2.80
N GLY A 892 -4.15 8.95 -1.76
CA GLY A 892 -5.01 10.13 -1.86
C GLY A 892 -6.16 9.91 -2.82
N ASP A 893 -6.15 10.64 -3.93
CA ASP A 893 -7.13 10.46 -4.99
C ASP A 893 -6.51 10.01 -6.31
N ALA A 894 -5.19 10.08 -6.46
CA ALA A 894 -4.56 9.71 -7.72
C ALA A 894 -4.61 8.20 -7.92
N TYR A 895 -4.67 7.79 -9.18
CA TYR A 895 -4.74 6.39 -9.57
C TYR A 895 -3.68 6.11 -10.62
N MET A 896 -3.01 4.97 -10.49
CA MET A 896 -2.06 4.49 -11.48
C MET A 896 -2.40 3.06 -11.84
N VAL A 897 -2.76 2.83 -13.09
CA VAL A 897 -3.17 1.51 -13.57
C VAL A 897 -2.33 1.13 -14.78
N VAL A 898 -1.76 -0.06 -14.77
CA VAL A 898 -0.88 -0.53 -15.82
C VAL A 898 -1.52 -1.73 -16.49
N SER A 899 -1.34 -1.84 -17.81
CA SER A 899 -1.81 -2.99 -18.55
C SER A 899 -0.70 -3.53 -19.44
N GLY A 900 -0.72 -4.85 -19.61
CA GLY A 900 0.34 -5.56 -20.30
C GLY A 900 1.48 -6.00 -19.41
N LEU A 901 1.48 -5.60 -18.15
CA LEU A 901 2.63 -5.80 -17.29
C LEU A 901 2.83 -7.26 -16.85
N PRO A 902 1.98 -7.84 -15.99
CA PRO A 902 2.38 -9.14 -15.40
C PRO A 902 2.49 -10.25 -16.43
N VAL A 903 1.46 -10.45 -17.25
CA VAL A 903 1.49 -11.40 -18.35
C VAL A 903 1.24 -10.64 -19.63
N ARG A 904 2.12 -10.81 -20.61
CA ARG A 904 2.01 -10.07 -21.86
C ARG A 904 0.79 -10.52 -22.64
N ASN A 905 0.24 -9.59 -23.44
CA ASN A 905 -0.94 -9.91 -24.24
C ASN A 905 -0.85 -9.36 -25.65
N GLY A 906 0.33 -8.99 -26.13
CA GLY A 906 0.48 -8.53 -27.49
C GLY A 906 0.39 -7.02 -27.61
N ARG A 907 -0.67 -6.53 -28.26
CA ARG A 907 -0.91 -5.11 -28.39
C ARG A 907 -2.29 -4.71 -27.88
N LEU A 908 -2.87 -5.52 -27.00
CA LEU A 908 -4.19 -5.23 -26.46
C LEU A 908 -4.15 -4.33 -25.23
N HIS A 909 -2.97 -4.03 -24.68
CA HIS A 909 -2.93 -3.19 -23.50
C HIS A 909 -3.42 -1.78 -23.80
N ALA A 910 -3.06 -1.24 -24.95
CA ALA A 910 -3.52 0.10 -25.32
C ALA A 910 -5.02 0.14 -25.46
N CYS A 911 -5.62 -0.88 -26.09
CA CYS A 911 -7.06 -0.89 -26.26
C CYS A 911 -7.78 -1.05 -24.93
N GLU A 912 -7.30 -1.93 -24.06
CA GLU A 912 -7.94 -2.11 -22.77
C GLU A 912 -7.89 -0.82 -21.94
N VAL A 913 -6.73 -0.15 -21.93
CA VAL A 913 -6.62 1.06 -21.13
C VAL A 913 -7.44 2.20 -21.74
N ALA A 914 -7.47 2.30 -23.08
CA ALA A 914 -8.24 3.36 -23.70
C ALA A 914 -9.75 3.14 -23.56
N ARG A 915 -10.18 1.89 -23.45
CA ARG A 915 -11.58 1.62 -23.15
C ARG A 915 -11.90 1.89 -21.68
N MET A 916 -10.98 1.53 -20.79
CA MET A 916 -11.19 1.79 -19.37
C MET A 916 -11.24 3.28 -19.06
N ALA A 917 -10.45 4.08 -19.80
CA ALA A 917 -10.50 5.53 -19.59
C ALA A 917 -11.87 6.09 -19.92
N LEU A 918 -12.47 5.66 -21.03
CA LEU A 918 -13.81 6.13 -21.39
C LEU A 918 -14.85 5.60 -20.41
N ALA A 919 -14.70 4.36 -19.95
CA ALA A 919 -15.63 3.84 -18.94
C ALA A 919 -15.56 4.65 -17.66
N LEU A 920 -14.35 5.02 -17.23
CA LEU A 920 -14.19 5.81 -16.00
C LEU A 920 -14.68 7.23 -16.20
N LEU A 921 -14.58 7.77 -17.41
CA LEU A 921 -15.18 9.08 -17.69
C LEU A 921 -16.70 9.01 -17.60
N ASP A 922 -17.30 7.93 -18.11
CA ASP A 922 -18.74 7.78 -18.03
C ASP A 922 -19.20 7.53 -16.60
N ALA A 923 -18.38 6.85 -15.78
CA ALA A 923 -18.79 6.54 -14.41
C ALA A 923 -18.75 7.77 -13.52
N VAL A 924 -17.84 8.70 -13.81
CA VAL A 924 -17.72 9.91 -12.99
C VAL A 924 -18.95 10.79 -13.15
N ARG A 925 -19.53 10.84 -14.36
CA ARG A 925 -20.66 11.70 -14.62
C ARG A 925 -21.90 11.36 -13.79
N SER A 926 -21.97 10.16 -13.22
CA SER A 926 -23.08 9.79 -12.36
C SER A 926 -22.69 9.72 -10.89
N PHE A 927 -21.43 9.99 -10.56
CA PHE A 927 -21.00 9.96 -9.17
C PHE A 927 -21.57 11.15 -8.41
N ARG A 928 -22.12 10.89 -7.23
CA ARG A 928 -22.78 11.91 -6.42
C ARG A 928 -22.02 12.14 -5.13
N ILE A 929 -21.59 13.38 -4.92
CA ILE A 929 -21.03 13.79 -3.63
C ILE A 929 -22.19 14.04 -2.68
N ARG A 930 -22.17 13.37 -1.53
CA ARG A 930 -23.34 13.39 -0.67
C ARG A 930 -23.41 14.60 0.25
N HIS A 931 -22.44 15.51 0.20
CA HIS A 931 -22.54 16.76 0.96
C HIS A 931 -22.60 17.99 0.06
N ARG A 932 -22.78 17.81 -1.24
CA ARG A 932 -23.07 18.87 -2.19
C ARG A 932 -23.67 18.25 -3.45
N PRO A 933 -24.92 17.78 -3.39
CA PRO A 933 -25.42 16.89 -4.46
C PRO A 933 -25.46 17.52 -5.84
N GLN A 934 -25.75 18.80 -5.97
CA GLN A 934 -25.86 19.44 -7.27
C GLN A 934 -24.49 19.92 -7.75
N GLU A 935 -23.59 18.95 -7.90
CA GLU A 935 -22.21 19.25 -8.28
C GLU A 935 -21.57 17.97 -8.81
N GLN A 936 -20.70 18.14 -9.81
CA GLN A 936 -20.00 17.03 -10.43
C GLN A 936 -18.51 17.11 -10.15
N LEU A 937 -17.87 15.96 -10.09
CA LEU A 937 -16.44 15.86 -9.80
C LEU A 937 -15.67 15.83 -11.12
N ARG A 938 -14.63 16.66 -11.21
CA ARG A 938 -13.82 16.72 -12.42
C ARG A 938 -12.64 15.77 -12.32
N LEU A 939 -12.21 15.28 -13.48
CA LEU A 939 -11.18 14.24 -13.55
C LEU A 939 -10.15 14.60 -14.61
N ARG A 940 -8.93 14.09 -14.42
CA ARG A 940 -7.82 14.30 -15.34
C ARG A 940 -7.15 12.96 -15.60
N ILE A 941 -7.01 12.61 -16.89
CA ILE A 941 -6.57 11.28 -17.31
C ILE A 941 -5.45 11.43 -18.32
N GLY A 942 -4.35 10.70 -18.11
CA GLY A 942 -3.25 10.69 -19.06
C GLY A 942 -2.69 9.30 -19.29
N ILE A 943 -2.49 8.93 -20.56
CA ILE A 943 -2.11 7.57 -20.93
C ILE A 943 -0.81 7.61 -21.74
N HIS A 944 0.08 6.64 -21.49
CA HIS A 944 1.34 6.54 -22.23
C HIS A 944 1.66 5.07 -22.45
N THR A 945 2.49 4.81 -23.46
CA THR A 945 2.91 3.45 -23.83
C THR A 945 4.42 3.40 -23.98
N GLY A 946 5.05 2.44 -23.31
CA GLY A 946 6.49 2.28 -23.42
C GLY A 946 7.02 1.11 -22.61
N PRO A 947 8.31 0.83 -22.74
CA PRO A 947 8.89 -0.32 -22.04
C PRO A 947 9.27 0.02 -20.61
N VAL A 948 9.04 -0.93 -19.70
CA VAL A 948 9.38 -0.76 -18.29
C VAL A 948 9.94 -2.07 -17.76
N CYS A 949 10.65 -1.99 -16.64
CA CYS A 949 11.12 -3.18 -15.95
C CYS A 949 10.42 -3.28 -14.61
N ALA A 950 9.90 -4.46 -14.29
CA ALA A 950 9.07 -4.62 -13.11
C ALA A 950 9.58 -5.77 -12.24
N GLY A 951 9.26 -5.69 -10.96
CA GLY A 951 9.65 -6.75 -10.04
C GLY A 951 9.00 -6.58 -8.69
N VAL A 952 9.14 -7.62 -7.86
CA VAL A 952 8.53 -7.63 -6.54
C VAL A 952 9.56 -7.11 -5.53
N VAL A 953 9.19 -6.04 -4.83
CA VAL A 953 10.03 -5.50 -3.77
C VAL A 953 9.32 -5.68 -2.44
N GLY A 954 10.10 -5.74 -1.38
CA GLY A 954 9.55 -5.95 -0.05
C GLY A 954 9.52 -7.41 0.34
N LEU A 955 9.75 -7.66 1.63
CA LEU A 955 9.66 -8.99 2.19
C LEU A 955 8.63 -9.09 3.31
N LYS A 956 8.55 -8.07 4.17
CA LYS A 956 7.50 -8.06 5.20
C LYS A 956 6.13 -7.96 4.57
N MET A 957 5.98 -7.14 3.53
CA MET A 957 4.73 -7.01 2.79
C MET A 957 5.09 -6.81 1.33
N PRO A 958 4.94 -7.83 0.49
CA PRO A 958 5.39 -7.73 -0.89
C PRO A 958 4.58 -6.73 -1.69
N ARG A 959 5.22 -6.16 -2.72
CA ARG A 959 4.56 -5.19 -3.58
C ARG A 959 5.19 -5.21 -4.96
N TYR A 960 4.36 -5.23 -5.99
CA TYR A 960 4.86 -5.10 -7.35
C TYR A 960 5.26 -3.65 -7.63
N CYS A 961 6.43 -3.48 -8.24
CA CYS A 961 6.99 -2.16 -8.50
C CYS A 961 7.50 -2.08 -9.93
N LEU A 962 7.48 -0.86 -10.48
CA LEU A 962 7.84 -0.59 -11.85
C LEU A 962 8.95 0.46 -11.90
N PHE A 963 9.83 0.34 -12.89
CA PHE A 963 10.90 1.29 -13.11
C PHE A 963 10.96 1.61 -14.59
N GLY A 964 11.21 2.87 -14.91
CA GLY A 964 11.33 3.31 -16.28
C GLY A 964 10.93 4.76 -16.41
N ASP A 965 11.39 5.38 -17.49
CA ASP A 965 11.04 6.77 -17.77
C ASP A 965 9.63 6.93 -18.31
N THR A 966 9.02 5.85 -18.79
CA THR A 966 7.65 5.95 -19.30
C THR A 966 6.65 6.22 -18.19
N VAL A 967 6.95 5.77 -16.97
CA VAL A 967 6.09 6.10 -15.84
C VAL A 967 6.02 7.61 -15.63
N ASN A 968 7.17 8.27 -15.66
CA ASN A 968 7.20 9.72 -15.47
C ASN A 968 6.70 10.46 -16.70
N THR A 969 6.88 9.90 -17.89
CA THR A 969 6.23 10.50 -19.05
C THR A 969 4.72 10.45 -18.94
N ALA A 970 4.16 9.32 -18.47
CA ALA A 970 2.72 9.23 -18.28
C ALA A 970 2.23 10.19 -17.19
N SER A 971 2.98 10.29 -16.09
CA SER A 971 2.60 11.23 -15.04
C SER A 971 2.61 12.66 -15.54
N ARG A 972 3.63 13.02 -16.33
CA ARG A 972 3.70 14.36 -16.89
C ARG A 972 2.57 14.62 -17.88
N MET A 973 2.20 13.61 -18.68
CA MET A 973 1.06 13.75 -19.58
C MET A 973 -0.22 13.97 -18.80
N GLU A 974 -0.39 13.28 -17.68
CA GLU A 974 -1.56 13.52 -16.83
C GLU A 974 -1.54 14.93 -16.25
N SER A 975 -0.37 15.39 -15.81
CA SER A 975 -0.26 16.72 -15.21
C SER A 975 -0.60 17.81 -16.22
N ASN A 976 -0.13 17.68 -17.45
CA ASN A 976 -0.39 18.70 -18.46
C ASN A 976 -1.79 18.61 -19.06
N GLY A 977 -2.54 17.56 -18.77
CA GLY A 977 -3.85 17.39 -19.35
C GLY A 977 -4.88 18.34 -18.77
N GLU A 978 -6.03 18.37 -19.40
CA GLU A 978 -7.15 19.22 -18.98
C GLU A 978 -8.18 18.39 -18.21
N ALA A 979 -9.12 19.09 -17.60
CA ALA A 979 -10.15 18.43 -16.80
C ALA A 979 -11.18 17.76 -17.70
N LEU A 980 -11.60 16.56 -17.30
CA LEU A 980 -12.62 15.78 -18.00
C LEU A 980 -12.20 15.50 -19.44
N LYS A 981 -10.91 15.21 -19.65
CA LYS A 981 -10.39 14.89 -20.97
C LYS A 981 -9.30 13.84 -20.84
N ILE A 982 -9.11 13.07 -21.89
CA ILE A 982 -8.14 11.96 -21.91
C ILE A 982 -6.97 12.38 -22.79
N HIS A 983 -5.78 12.43 -22.19
CA HIS A 983 -4.58 12.99 -22.81
C HIS A 983 -3.66 11.84 -23.21
N LEU A 984 -3.49 11.64 -24.52
CA LEU A 984 -2.62 10.60 -25.04
C LEU A 984 -1.36 11.22 -25.61
N SER A 985 -0.25 10.49 -25.53
CA SER A 985 0.98 10.90 -26.16
C SER A 985 0.93 10.51 -27.64
N SER A 986 2.04 10.66 -28.35
CA SER A 986 2.13 10.23 -29.74
C SER A 986 2.54 8.79 -29.89
N GLU A 987 3.08 8.16 -28.84
CA GLU A 987 3.47 6.76 -28.90
C GLU A 987 2.27 5.83 -28.81
N THR A 988 1.27 6.19 -28.01
CA THR A 988 0.07 5.38 -27.90
C THR A 988 -0.94 5.70 -28.99
N LYS A 989 -0.90 6.92 -29.52
CA LYS A 989 -1.81 7.29 -30.60
C LYS A 989 -1.58 6.42 -31.83
N ALA A 990 -0.31 6.12 -32.14
CA ALA A 990 -0.02 5.26 -33.28
C ALA A 990 -0.63 3.87 -33.11
N VAL A 991 -0.50 3.30 -31.91
CA VAL A 991 -1.07 1.99 -31.64
C VAL A 991 -2.59 2.02 -31.78
N LEU A 992 -3.21 3.06 -31.20
CA LEU A 992 -4.67 3.17 -31.27
C LEU A 992 -5.15 3.35 -32.70
N GLU A 993 -4.45 4.15 -33.49
CA GLU A 993 -4.83 4.34 -34.89
C GLU A 993 -4.65 3.07 -35.69
N GLU A 994 -3.57 2.32 -35.43
CA GLU A 994 -3.37 1.05 -36.13
C GLU A 994 -4.48 0.06 -35.80
N PHE A 995 -4.90 0.02 -34.54
CA PHE A 995 -6.01 -0.86 -34.18
C PHE A 995 -7.31 -0.42 -34.85
N GLY A 996 -7.55 0.88 -34.89
CA GLY A 996 -8.71 1.42 -35.56
C GLY A 996 -9.96 1.39 -34.69
N GLY A 997 -10.90 2.26 -35.03
CA GLY A 997 -12.15 2.33 -34.32
C GLY A 997 -12.24 3.35 -33.21
N PHE A 998 -11.21 4.19 -33.05
CA PHE A 998 -11.17 5.20 -32.00
C PHE A 998 -11.22 6.59 -32.62
N GLU A 999 -11.56 7.57 -31.79
CA GLU A 999 -11.64 8.96 -32.21
C GLU A 999 -10.57 9.76 -31.48
N LEU A 1000 -9.60 10.28 -32.23
CA LEU A 1000 -8.49 11.04 -31.67
C LEU A 1000 -8.40 12.38 -32.37
N GLU A 1001 -8.19 13.44 -31.60
CA GLU A 1001 -8.06 14.78 -32.14
C GLU A 1001 -6.72 15.37 -31.72
N LEU A 1002 -5.98 15.90 -32.70
CA LEU A 1002 -4.72 16.56 -32.37
C LEU A 1002 -4.98 17.75 -31.46
N ARG A 1003 -4.19 17.85 -30.40
CA ARG A 1003 -4.38 18.94 -29.44
C ARG A 1003 -4.14 20.30 -30.07
N GLY A 1004 -3.35 20.38 -31.13
CA GLY A 1004 -3.05 21.65 -31.76
C GLY A 1004 -1.94 22.42 -31.11
N ASP A 1005 -1.26 21.85 -30.12
CA ASP A 1005 -0.16 22.52 -29.45
C ASP A 1005 0.82 21.47 -28.96
N VAL A 1006 2.06 21.91 -28.72
CA VAL A 1006 3.13 21.06 -28.22
C VAL A 1006 3.42 21.46 -26.78
N GLU A 1007 3.43 20.47 -25.89
CA GLU A 1007 3.65 20.73 -24.48
C GLU A 1007 5.09 21.21 -24.25
N MET A 1008 5.31 21.81 -23.09
CA MET A 1008 6.60 22.39 -22.73
C MET A 1008 7.14 21.78 -21.44
N LYS A 1009 6.93 20.48 -21.23
CA LYS A 1009 7.42 19.77 -20.05
C LYS A 1009 8.44 18.74 -20.52
N GLY A 1010 9.72 19.08 -20.40
CA GLY A 1010 10.80 18.21 -20.78
C GLY A 1010 11.17 18.24 -22.25
N LYS A 1011 10.42 18.95 -23.08
CA LYS A 1011 10.66 19.04 -24.52
C LYS A 1011 9.74 20.12 -25.08
N GLY A 1012 9.88 20.38 -26.37
CA GLY A 1012 9.04 21.37 -27.02
C GLY A 1012 8.52 20.92 -28.39
N LYS A 1013 8.96 19.75 -28.84
CA LYS A 1013 8.56 19.22 -30.14
C LYS A 1013 7.69 17.97 -30.02
N VAL A 1014 7.05 17.77 -28.87
CA VAL A 1014 6.24 16.58 -28.62
C VAL A 1014 4.77 16.93 -28.86
N ARG A 1015 4.12 16.14 -29.69
CA ARG A 1015 2.70 16.32 -30.01
C ARG A 1015 1.85 15.40 -29.15
N THR A 1016 0.74 15.93 -28.65
CA THR A 1016 -0.16 15.18 -27.80
C THR A 1016 -1.58 15.27 -28.37
N TYR A 1017 -2.43 14.32 -27.99
CA TYR A 1017 -3.74 14.16 -28.58
C TYR A 1017 -4.80 14.02 -27.50
N TRP A 1018 -6.04 14.33 -27.87
CA TRP A 1018 -7.21 14.07 -27.05
C TRP A 1018 -7.92 12.83 -27.56
N LEU A 1019 -8.33 11.98 -26.63
CA LEU A 1019 -9.20 10.85 -26.95
C LEU A 1019 -10.64 11.27 -26.72
N LEU A 1020 -11.50 11.06 -27.73
CA LEU A 1020 -12.88 11.52 -27.65
C LEU A 1020 -13.90 10.40 -27.51
N GLY A 1021 -13.62 9.23 -28.03
CA GLY A 1021 -14.55 8.12 -27.91
C GLY A 1021 -14.23 7.03 -28.93
N GLU A 1022 -15.04 5.99 -28.89
CA GLU A 1022 -14.92 4.86 -29.79
C GLU A 1022 -16.23 4.61 -30.52
N ARG A 1023 -16.13 4.12 -31.74
CA ARG A 1023 -17.30 3.87 -32.56
C ARG A 1023 -18.05 2.63 -32.10
N GLU B 814 -2.37 -14.20 12.02
CA GLU B 814 -3.11 -13.39 12.98
C GLU B 814 -2.53 -11.99 13.09
N ALA B 815 -1.20 -11.90 13.16
CA ALA B 815 -0.54 -10.59 13.26
C ALA B 815 -0.68 -9.79 11.97
N LEU B 816 -0.73 -10.47 10.84
CA LEU B 816 -0.78 -9.82 9.54
C LEU B 816 -2.21 -9.51 9.09
N LEU B 817 -3.16 -9.45 10.02
CA LEU B 817 -4.54 -9.12 9.66
C LEU B 817 -4.66 -7.64 9.31
N TYR B 818 -4.06 -6.76 10.13
CA TYR B 818 -4.12 -5.32 9.97
C TYR B 818 -2.73 -4.72 10.04
N GLN B 819 -1.80 -5.28 9.27
CA GLN B 819 -0.40 -4.88 9.38
C GLN B 819 -0.12 -3.51 8.80
N ILE B 820 -1.06 -2.90 8.08
CA ILE B 820 -0.85 -1.58 7.49
C ILE B 820 -1.21 -0.47 8.47
N LEU B 821 -2.33 -0.63 9.18
CA LEU B 821 -2.81 0.40 10.09
C LEU B 821 -1.90 0.53 11.30
N PRO B 822 -1.94 1.67 11.99
CA PRO B 822 -1.15 1.81 13.22
C PRO B 822 -1.61 0.82 14.28
N HIS B 823 -0.75 0.62 15.28
CA HIS B 823 -1.06 -0.36 16.32
C HIS B 823 -2.31 0.03 17.10
N SER B 824 -2.47 1.32 17.40
CA SER B 824 -3.65 1.77 18.13
C SER B 824 -4.92 1.49 17.32
N VAL B 825 -4.93 1.88 16.05
CA VAL B 825 -6.13 1.69 15.23
C VAL B 825 -6.37 0.22 14.95
N ALA B 826 -5.30 -0.55 14.74
CA ALA B 826 -5.45 -1.98 14.51
C ALA B 826 -6.07 -2.67 15.73
N GLU B 827 -5.57 -2.33 16.92
CA GLU B 827 -6.14 -2.90 18.15
C GLU B 827 -7.58 -2.46 18.34
N GLN B 828 -7.88 -1.20 18.04
CA GLN B 828 -9.25 -0.71 18.18
C GLN B 828 -10.21 -1.45 17.26
N LEU B 829 -9.79 -1.72 16.02
CA LEU B 829 -10.64 -2.47 15.12
C LEU B 829 -10.77 -3.93 15.54
N LYS B 830 -9.67 -4.53 16.01
CA LYS B 830 -9.71 -5.93 16.40
C LYS B 830 -10.59 -6.14 17.63
N ARG B 831 -10.60 -5.18 18.56
CA ARG B 831 -11.46 -5.29 19.72
C ARG B 831 -12.93 -5.29 19.31
N GLY B 832 -13.30 -4.46 18.34
CA GLY B 832 -14.66 -4.49 17.83
C GLY B 832 -15.28 -3.12 17.59
N GLU B 833 -14.70 -2.08 18.19
CA GLU B 833 -15.27 -0.75 18.10
C GLU B 833 -15.08 -0.18 16.69
N THR B 834 -15.52 1.06 16.52
CA THR B 834 -15.38 1.78 15.26
C THR B 834 -14.56 3.03 15.49
N VAL B 835 -13.83 3.46 14.45
CA VAL B 835 -12.99 4.64 14.53
C VAL B 835 -13.65 5.78 13.77
N GLN B 836 -13.36 7.00 14.20
CA GLN B 836 -13.93 8.20 13.60
C GLN B 836 -12.82 9.09 13.06
N ALA B 837 -13.13 9.81 12.00
CA ALA B 837 -12.19 10.79 11.47
C ALA B 837 -11.97 11.91 12.48
N GLU B 838 -10.72 12.32 12.64
CA GLU B 838 -10.34 13.25 13.69
C GLU B 838 -9.62 14.45 13.09
N ALA B 839 -9.64 15.55 13.84
CA ALA B 839 -8.93 16.77 13.49
C ALA B 839 -7.81 17.00 14.51
N PHE B 840 -6.59 17.13 14.02
CA PHE B 840 -5.40 17.25 14.86
C PHE B 840 -4.86 18.66 14.78
N ASP B 841 -4.59 19.26 15.94
CA ASP B 841 -4.16 20.64 16.00
C ASP B 841 -2.70 20.82 15.59
N SER B 842 -1.87 19.81 15.77
CA SER B 842 -0.45 19.92 15.44
C SER B 842 0.11 18.54 15.18
N VAL B 843 0.70 18.36 14.00
CA VAL B 843 1.28 17.09 13.56
C VAL B 843 2.51 17.43 12.74
N THR B 844 3.57 16.61 12.85
CA THR B 844 4.80 16.87 12.13
C THR B 844 5.01 15.82 11.04
N ILE B 845 5.28 16.30 9.82
CA ILE B 845 5.39 15.46 8.64
C ILE B 845 6.81 15.56 8.08
N TYR B 846 7.33 14.42 7.62
CA TYR B 846 8.68 14.28 7.10
C TYR B 846 8.61 13.63 5.73
N PHE B 847 9.26 14.24 4.75
CA PHE B 847 9.26 13.77 3.36
C PHE B 847 10.69 13.66 2.87
N SER B 848 11.07 12.48 2.36
CA SER B 848 12.44 12.29 1.90
C SER B 848 12.44 11.54 0.57
N ASP B 849 13.48 11.76 -0.22
CA ASP B 849 13.67 10.99 -1.45
C ASP B 849 15.13 10.99 -1.87
N ILE B 850 15.45 10.08 -2.78
CA ILE B 850 16.79 9.95 -3.33
C ILE B 850 16.92 10.84 -4.55
N VAL B 851 17.95 11.68 -4.57
CA VAL B 851 18.23 12.55 -5.71
C VAL B 851 19.18 11.82 -6.65
N GLY B 852 18.80 11.74 -7.93
CA GLY B 852 19.59 11.03 -8.91
C GLY B 852 19.24 9.57 -9.07
N PHE B 853 18.10 9.12 -8.56
CA PHE B 853 17.70 7.73 -8.69
C PHE B 853 17.20 7.39 -10.09
N THR B 854 16.71 8.39 -10.83
CA THR B 854 16.25 8.11 -12.19
C THR B 854 17.42 7.87 -13.14
N ALA B 855 18.58 8.44 -12.86
CA ALA B 855 19.76 8.24 -13.68
C ALA B 855 20.61 7.07 -13.20
N LEU B 856 20.31 6.49 -12.05
CA LEU B 856 21.00 5.31 -11.55
C LEU B 856 20.28 4.01 -11.88
N SER B 857 18.95 4.02 -11.84
CA SER B 857 18.17 2.87 -12.28
C SER B 857 18.06 2.78 -13.79
N ALA B 858 18.59 3.77 -14.52
CA ALA B 858 18.57 3.78 -15.97
C ALA B 858 19.88 3.26 -16.56
N GLU B 859 20.75 2.67 -15.75
CA GLU B 859 21.96 2.05 -16.25
C GLU B 859 22.25 0.75 -15.51
N SER B 860 21.22 0.09 -14.98
CA SER B 860 21.37 -1.16 -14.25
C SER B 860 20.29 -2.13 -14.68
N THR B 861 20.62 -3.42 -14.63
CA THR B 861 19.67 -4.45 -14.98
C THR B 861 18.58 -4.55 -13.90
N PRO B 862 17.42 -5.13 -14.24
CA PRO B 862 16.30 -5.14 -13.27
C PRO B 862 16.64 -5.78 -11.93
N MET B 863 17.44 -6.85 -11.91
CA MET B 863 17.75 -7.50 -10.65
C MET B 863 18.56 -6.58 -9.75
N GLN B 864 19.49 -5.83 -10.33
CA GLN B 864 20.31 -4.89 -9.55
C GLN B 864 19.44 -3.87 -8.82
N VAL B 865 18.52 -3.23 -9.55
CA VAL B 865 17.71 -2.18 -8.95
C VAL B 865 16.69 -2.76 -7.97
N VAL B 866 16.13 -3.93 -8.26
CA VAL B 866 15.18 -4.53 -7.32
C VAL B 866 15.88 -4.87 -6.00
N THR B 867 17.08 -5.46 -6.08
CA THR B 867 17.81 -5.77 -4.86
C THR B 867 18.24 -4.50 -4.13
N LEU B 868 18.58 -3.44 -4.88
CA LEU B 868 18.90 -2.17 -4.23
C LEU B 868 17.71 -1.61 -3.46
N LEU B 869 16.51 -1.69 -4.05
CA LEU B 869 15.32 -1.21 -3.35
C LEU B 869 15.04 -2.05 -2.11
N ASN B 870 15.20 -3.37 -2.20
CA ASN B 870 15.00 -4.20 -1.01
C ASN B 870 16.00 -3.83 0.08
N ASP B 871 17.27 -3.63 -0.28
CA ASP B 871 18.28 -3.25 0.71
C ASP B 871 17.94 -1.92 1.36
N LEU B 872 17.53 -0.93 0.55
CA LEU B 872 17.21 0.37 1.09
C LEU B 872 16.02 0.31 2.05
N TYR B 873 14.98 -0.44 1.67
CA TYR B 873 13.82 -0.58 2.55
C TYR B 873 14.19 -1.25 3.85
N THR B 874 15.01 -2.31 3.79
CA THR B 874 15.43 -2.99 5.01
C THR B 874 16.26 -2.07 5.89
N CYS B 875 17.13 -1.26 5.29
CA CYS B 875 17.94 -0.35 6.09
C CYS B 875 17.09 0.72 6.76
N PHE B 876 16.12 1.28 6.05
CA PHE B 876 15.35 2.40 6.60
C PHE B 876 14.31 1.94 7.61
N ASP B 877 13.70 0.78 7.40
CA ASP B 877 12.64 0.33 8.30
C ASP B 877 13.16 -0.11 9.66
N ALA B 878 14.47 -0.26 9.83
CA ALA B 878 15.04 -0.55 11.12
C ALA B 878 15.40 0.71 11.90
N VAL B 879 15.83 1.76 11.19
CA VAL B 879 16.05 3.05 11.83
C VAL B 879 14.71 3.67 12.25
N ILE B 880 13.68 3.49 11.43
CA ILE B 880 12.38 4.10 11.73
C ILE B 880 11.80 3.52 13.02
N ASP B 881 11.93 2.22 13.23
CA ASP B 881 11.28 1.56 14.35
C ASP B 881 11.82 1.98 15.71
N ASN B 882 12.97 2.66 15.76
CA ASN B 882 13.53 3.07 17.05
C ASN B 882 12.75 4.23 17.66
N PHE B 883 12.12 5.06 16.83
CA PHE B 883 11.45 6.27 17.29
C PHE B 883 9.94 6.11 17.25
N ASP B 884 9.25 7.04 17.91
CA ASP B 884 7.80 7.06 17.97
C ASP B 884 7.29 7.86 16.78
N VAL B 885 7.19 7.20 15.63
CA VAL B 885 6.69 7.78 14.40
C VAL B 885 5.84 6.74 13.69
N TYR B 886 5.13 7.17 12.64
CA TYR B 886 4.31 6.28 11.84
C TYR B 886 4.65 6.49 10.37
N LYS B 887 4.93 5.41 9.66
CA LYS B 887 5.28 5.46 8.25
C LYS B 887 4.01 5.39 7.41
N VAL B 888 3.69 6.46 6.69
CA VAL B 888 2.42 6.54 6.01
C VAL B 888 2.45 5.73 4.70
N GLU B 889 3.33 6.10 3.78
CA GLU B 889 3.39 5.43 2.48
C GLU B 889 4.83 5.37 2.01
N THR B 890 5.07 4.49 1.04
CA THR B 890 6.38 4.29 0.46
C THR B 890 6.19 3.89 -1.00
N ILE B 891 6.49 4.81 -1.92
CA ILE B 891 6.41 4.54 -3.35
C ILE B 891 7.78 4.81 -3.96
N GLY B 892 8.29 3.84 -4.73
CA GLY B 892 9.61 3.96 -5.32
C GLY B 892 10.68 4.20 -4.28
N ASP B 893 11.23 5.41 -4.27
CA ASP B 893 12.22 5.82 -3.28
C ASP B 893 11.68 6.84 -2.28
N ALA B 894 10.48 7.38 -2.50
CA ALA B 894 9.94 8.39 -1.61
C ALA B 894 9.54 7.79 -0.27
N TYR B 895 9.66 8.60 0.78
CA TYR B 895 9.32 8.21 2.14
C TYR B 895 8.53 9.32 2.80
N MET B 896 7.40 8.96 3.40
CA MET B 896 6.57 9.90 4.16
C MET B 896 6.34 9.33 5.55
N VAL B 897 6.71 10.09 6.57
CA VAL B 897 6.60 9.65 7.96
C VAL B 897 6.05 10.79 8.80
N VAL B 898 5.01 10.52 9.58
CA VAL B 898 4.36 11.54 10.39
C VAL B 898 4.47 11.16 11.86
N SER B 899 4.35 12.18 12.70
CA SER B 899 4.40 11.99 14.15
C SER B 899 3.41 12.92 14.82
N GLY B 900 2.87 12.44 15.94
CA GLY B 900 1.79 13.08 16.64
C GLY B 900 0.41 12.68 16.16
N LEU B 901 0.32 11.90 15.09
CA LEU B 901 -0.97 11.65 14.44
C LEU B 901 -1.86 10.70 15.24
N PRO B 902 -1.55 9.40 15.36
CA PRO B 902 -2.58 8.49 15.90
C PRO B 902 -2.91 8.75 17.36
N VAL B 903 -1.90 8.91 18.20
CA VAL B 903 -2.07 9.22 19.62
C VAL B 903 -1.31 10.51 19.89
N ARG B 904 -2.02 11.56 20.30
CA ARG B 904 -1.40 12.84 20.56
C ARG B 904 -0.42 12.74 21.72
N ASN B 905 0.73 13.41 21.59
CA ASN B 905 1.79 13.31 22.59
C ASN B 905 2.38 14.68 22.89
N GLY B 906 1.56 15.72 22.88
CA GLY B 906 2.05 17.05 23.19
C GLY B 906 2.82 17.68 22.05
N ARG B 907 3.95 18.31 22.36
CA ARG B 907 4.83 18.89 21.35
C ARG B 907 6.06 18.03 21.10
N LEU B 908 5.95 16.74 21.34
CA LEU B 908 7.06 15.81 21.17
C LEU B 908 7.21 15.28 19.75
N HIS B 909 6.27 15.61 18.86
CA HIS B 909 6.38 15.11 17.48
C HIS B 909 7.58 15.72 16.76
N ALA B 910 7.82 17.02 16.96
CA ALA B 910 8.91 17.69 16.29
C ALA B 910 10.26 17.11 16.71
N CYS B 911 10.44 16.88 18.01
CA CYS B 911 11.71 16.35 18.50
C CYS B 911 11.96 14.95 17.96
N GLU B 912 10.95 14.08 17.99
CA GLU B 912 11.12 12.73 17.49
C GLU B 912 11.40 12.71 15.99
N VAL B 913 10.72 13.56 15.23
CA VAL B 913 10.94 13.58 13.78
C VAL B 913 12.32 14.13 13.46
N ALA B 914 12.78 15.15 14.20
CA ALA B 914 14.12 15.67 13.96
C ALA B 914 15.19 14.64 14.31
N ARG B 915 15.01 13.92 15.42
CA ARG B 915 15.96 12.88 15.77
C ARG B 915 15.96 11.76 14.73
N MET B 916 14.79 11.39 14.23
CA MET B 916 14.71 10.38 13.18
C MET B 916 15.41 10.84 11.91
N ALA B 917 15.24 12.11 11.55
CA ALA B 917 15.90 12.64 10.36
C ALA B 917 17.42 12.59 10.51
N LEU B 918 17.92 12.97 11.68
CA LEU B 918 19.38 12.90 11.90
C LEU B 918 19.87 11.46 11.85
N ALA B 919 19.14 10.53 12.45
CA ALA B 919 19.55 9.13 12.43
C ALA B 919 19.51 8.54 11.02
N LEU B 920 18.51 8.94 10.22
CA LEU B 920 18.43 8.47 8.85
C LEU B 920 19.55 9.04 8.00
N LEU B 921 19.93 10.29 8.23
CA LEU B 921 21.08 10.86 7.54
C LEU B 921 22.36 10.13 7.92
N ASP B 922 22.50 9.78 9.20
CA ASP B 922 23.68 9.03 9.63
C ASP B 922 23.72 7.64 9.00
N ALA B 923 22.58 6.97 8.92
CA ALA B 923 22.55 5.58 8.47
C ALA B 923 22.73 5.45 6.96
N VAL B 924 22.53 6.51 6.19
CA VAL B 924 22.68 6.44 4.74
C VAL B 924 24.12 6.72 4.31
N ARG B 925 24.99 7.11 5.23
CA ARG B 925 26.40 7.30 4.90
C ARG B 925 27.14 5.98 4.76
N SER B 926 26.72 4.96 5.50
CA SER B 926 27.34 3.65 5.45
C SER B 926 26.59 2.66 4.57
N PHE B 927 25.53 3.09 3.89
CA PHE B 927 24.81 2.20 2.98
C PHE B 927 25.70 1.84 1.79
N ARG B 928 25.65 0.57 1.41
CA ARG B 928 26.47 0.07 0.31
C ARG B 928 25.58 -0.42 -0.82
N ILE B 929 25.75 0.17 -2.00
CA ILE B 929 25.10 -0.33 -3.20
C ILE B 929 25.87 -1.54 -3.68
N ARG B 930 25.16 -2.65 -3.91
CA ARG B 930 25.83 -3.91 -4.18
C ARG B 930 26.59 -3.88 -5.50
N HIS B 931 26.11 -3.16 -6.51
CA HIS B 931 26.73 -3.16 -7.82
C HIS B 931 27.61 -1.95 -8.06
N ARG B 932 27.90 -1.16 -7.04
CA ARG B 932 28.91 -0.10 -7.11
C ARG B 932 29.38 0.24 -5.69
N PRO B 933 30.37 -0.49 -5.17
CA PRO B 933 30.74 -0.31 -3.75
C PRO B 933 31.35 1.05 -3.43
N GLN B 934 31.86 1.78 -4.42
CA GLN B 934 32.55 3.04 -4.18
C GLN B 934 31.65 4.24 -4.39
N GLU B 935 30.36 4.11 -4.10
CA GLU B 935 29.41 5.20 -4.27
C GLU B 935 28.40 5.16 -3.13
N GLN B 936 27.91 6.33 -2.74
CA GLN B 936 26.93 6.46 -1.68
C GLN B 936 25.70 7.20 -2.18
N LEU B 937 24.55 6.85 -1.60
CA LEU B 937 23.30 7.47 -1.99
C LEU B 937 23.14 8.84 -1.33
N ARG B 938 22.47 9.74 -2.05
CA ARG B 938 22.28 11.11 -1.59
C ARG B 938 20.80 11.32 -1.29
N LEU B 939 20.52 11.70 -0.04
CA LEU B 939 19.16 11.86 0.46
C LEU B 939 18.76 13.33 0.44
N ARG B 940 17.45 13.57 0.35
CA ARG B 940 16.90 14.91 0.41
C ARG B 940 15.68 14.87 1.32
N ILE B 941 15.69 15.71 2.36
CA ILE B 941 14.75 15.60 3.48
C ILE B 941 14.13 16.97 3.77
N GLY B 942 12.81 17.00 3.90
CA GLY B 942 12.12 18.19 4.34
C GLY B 942 11.11 17.87 5.43
N ILE B 943 10.96 18.80 6.37
CA ILE B 943 10.12 18.60 7.54
C ILE B 943 9.20 19.80 7.72
N HIS B 944 7.96 19.55 8.09
CA HIS B 944 6.99 20.62 8.36
C HIS B 944 6.12 20.21 9.54
N THR B 945 5.41 21.18 10.11
CA THR B 945 4.49 20.92 11.21
C THR B 945 3.25 21.80 11.07
N GLY B 946 2.09 21.23 11.31
CA GLY B 946 0.85 21.96 11.19
C GLY B 946 -0.38 21.11 11.45
N PRO B 947 -1.57 21.71 11.30
CA PRO B 947 -2.80 20.96 11.54
C PRO B 947 -3.21 20.09 10.37
N VAL B 948 -3.47 18.82 10.64
CA VAL B 948 -3.86 17.87 9.62
C VAL B 948 -5.01 17.03 10.15
N CYS B 949 -5.78 16.43 9.25
CA CYS B 949 -6.87 15.53 9.62
C CYS B 949 -6.57 14.13 9.12
N ALA B 950 -7.11 13.12 9.80
CA ALA B 950 -6.78 11.75 9.49
C ALA B 950 -8.03 10.88 9.51
N GLY B 951 -7.98 9.78 8.77
CA GLY B 951 -9.09 8.85 8.74
C GLY B 951 -8.72 7.55 8.09
N VAL B 952 -9.51 6.52 8.41
CA VAL B 952 -9.32 5.18 7.85
C VAL B 952 -10.23 5.04 6.65
N VAL B 953 -9.64 4.95 5.46
CA VAL B 953 -10.42 4.82 4.24
C VAL B 953 -10.11 3.49 3.59
N GLY B 954 -11.07 2.99 2.82
CA GLY B 954 -10.88 1.72 2.13
C GLY B 954 -11.72 0.64 2.75
N LEU B 955 -12.38 -0.13 1.88
CA LEU B 955 -13.13 -1.32 2.27
C LEU B 955 -12.45 -2.52 1.62
N LYS B 956 -12.33 -3.61 2.39
CA LYS B 956 -11.60 -4.82 2.05
C LYS B 956 -10.09 -4.61 2.02
N MET B 957 -9.61 -3.39 2.26
CA MET B 957 -8.19 -3.08 2.37
C MET B 957 -8.02 -1.73 3.08
N PRO B 958 -8.36 -1.65 4.37
CA PRO B 958 -8.36 -0.34 5.03
C PRO B 958 -6.96 0.21 5.17
N ARG B 959 -6.87 1.55 5.16
CA ARG B 959 -5.59 2.22 5.31
C ARG B 959 -5.80 3.61 5.89
N TYR B 960 -4.86 4.02 6.75
CA TYR B 960 -4.86 5.35 7.32
C TYR B 960 -4.44 6.37 6.26
N CYS B 961 -5.07 7.55 6.29
CA CYS B 961 -4.73 8.59 5.32
C CYS B 961 -4.97 9.96 5.93
N LEU B 962 -4.32 10.96 5.34
CA LEU B 962 -4.25 12.31 5.87
C LEU B 962 -4.75 13.32 4.85
N PHE B 963 -5.48 14.33 5.33
CA PHE B 963 -5.96 15.43 4.51
C PHE B 963 -5.51 16.75 5.14
N GLY B 964 -5.05 17.66 4.31
CA GLY B 964 -4.66 18.96 4.79
C GLY B 964 -3.72 19.63 3.80
N ASP B 965 -3.37 20.87 4.13
CA ASP B 965 -2.42 21.63 3.34
C ASP B 965 -0.99 21.52 3.83
N THR B 966 -0.79 21.19 5.12
CA THR B 966 0.57 21.02 5.63
C THR B 966 1.28 19.84 4.99
N VAL B 967 0.54 18.87 4.44
CA VAL B 967 1.16 17.81 3.67
C VAL B 967 1.81 18.38 2.41
N ASN B 968 1.10 19.28 1.73
CA ASN B 968 1.66 19.89 0.52
C ASN B 968 2.92 20.68 0.84
N THR B 969 2.91 21.44 1.93
CA THR B 969 4.08 22.23 2.28
C THR B 969 5.23 21.36 2.77
N ALA B 970 4.94 20.28 3.49
CA ALA B 970 5.98 19.35 3.88
C ALA B 970 6.63 18.71 2.65
N SER B 971 5.84 18.44 1.62
CA SER B 971 6.40 17.91 0.37
C SER B 971 7.20 18.97 -0.37
N ARG B 972 6.71 20.20 -0.39
CA ARG B 972 7.41 21.28 -1.08
C ARG B 972 8.73 21.61 -0.41
N MET B 973 8.81 21.44 0.91
CA MET B 973 10.08 21.67 1.61
C MET B 973 11.14 20.69 1.13
N GLU B 974 10.75 19.44 0.90
CA GLU B 974 11.67 18.46 0.32
C GLU B 974 11.99 18.78 -1.13
N SER B 975 10.98 19.17 -1.91
CA SER B 975 11.21 19.42 -3.33
C SER B 975 12.18 20.57 -3.56
N ASN B 976 12.24 21.53 -2.63
CA ASN B 976 13.14 22.67 -2.72
C ASN B 976 14.42 22.47 -1.92
N GLY B 977 14.60 21.28 -1.33
CA GLY B 977 15.72 21.04 -0.44
C GLY B 977 17.01 20.78 -1.20
N GLU B 978 18.02 20.34 -0.44
CA GLU B 978 19.33 20.04 -0.97
C GLU B 978 19.74 18.64 -0.56
N ALA B 979 20.60 18.02 -1.38
CA ALA B 979 21.03 16.66 -1.11
C ALA B 979 21.88 16.60 0.15
N LEU B 980 21.66 15.56 0.96
CA LEU B 980 22.37 15.37 2.23
C LEU B 980 22.21 16.59 3.14
N LYS B 981 20.99 17.09 3.24
CA LYS B 981 20.70 18.25 4.07
C LYS B 981 19.24 18.18 4.50
N ILE B 982 18.97 18.59 5.73
CA ILE B 982 17.63 18.54 6.31
C ILE B 982 17.04 19.94 6.30
N HIS B 983 15.93 20.11 5.57
CA HIS B 983 15.28 21.40 5.37
C HIS B 983 14.08 21.52 6.31
N LEU B 984 13.97 22.66 6.98
CA LEU B 984 12.89 22.93 7.91
C LEU B 984 12.18 24.22 7.53
N SER B 985 10.88 24.27 7.78
CA SER B 985 10.14 25.51 7.64
C SER B 985 10.38 26.38 8.87
N SER B 986 9.75 27.55 8.88
CA SER B 986 9.84 28.41 10.05
C SER B 986 8.84 28.03 11.14
N GLU B 987 7.89 27.16 10.84
CA GLU B 987 6.92 26.69 11.83
C GLU B 987 7.52 25.65 12.77
N THR B 988 8.43 24.81 12.27
CA THR B 988 9.07 23.80 13.11
C THR B 988 10.36 24.30 13.76
N LYS B 989 11.00 25.33 13.19
CA LYS B 989 12.17 25.91 13.83
C LYS B 989 11.83 26.49 15.18
N ALA B 990 10.66 27.13 15.30
CA ALA B 990 10.24 27.69 16.58
C ALA B 990 10.06 26.60 17.62
N VAL B 991 9.44 25.48 17.26
CA VAL B 991 9.27 24.38 18.20
C VAL B 991 10.62 23.82 18.62
N LEU B 992 11.52 23.63 17.65
CA LEU B 992 12.81 23.02 17.97
C LEU B 992 13.70 23.97 18.76
N GLU B 993 13.52 25.28 18.63
CA GLU B 993 14.30 26.22 19.41
C GLU B 993 13.70 26.47 20.79
N GLU B 994 12.40 26.24 20.96
CA GLU B 994 11.84 26.23 22.31
C GLU B 994 12.18 24.93 23.03
N PHE B 995 12.40 23.84 22.31
CA PHE B 995 12.95 22.64 22.92
C PHE B 995 14.38 22.87 23.40
N GLY B 996 15.19 23.55 22.59
CA GLY B 996 16.57 23.81 22.93
C GLY B 996 17.48 22.63 22.71
N GLY B 997 18.72 22.89 22.30
CA GLY B 997 19.68 21.86 22.05
C GLY B 997 19.87 21.45 20.61
N PHE B 998 19.28 22.19 19.66
CA PHE B 998 19.39 21.89 18.24
C PHE B 998 20.11 23.04 17.54
N GLU B 999 21.03 22.69 16.65
CA GLU B 999 21.80 23.69 15.91
C GLU B 999 21.09 23.97 14.59
N LEU B 1000 20.54 25.18 14.46
CA LEU B 1000 19.80 25.58 13.27
C LEU B 1000 20.49 26.77 12.62
N GLU B 1001 20.71 26.68 11.31
CA GLU B 1001 21.33 27.74 10.53
C GLU B 1001 20.34 28.22 9.47
N LEU B 1002 20.10 29.52 9.43
CA LEU B 1002 19.17 30.07 8.46
C LEU B 1002 19.71 29.93 7.05
N ARG B 1003 18.84 29.50 6.13
CA ARG B 1003 19.22 29.39 4.72
C ARG B 1003 19.06 30.72 4.01
N GLY B 1004 17.89 31.30 4.08
CA GLY B 1004 17.61 32.57 3.42
C GLY B 1004 16.16 32.67 3.02
N ASP B 1005 15.80 33.85 2.49
CA ASP B 1005 14.44 34.13 2.06
C ASP B 1005 14.20 33.41 0.72
N VAL B 1006 13.86 32.13 0.82
CA VAL B 1006 13.66 31.34 -0.39
C VAL B 1006 12.32 31.70 -1.03
N GLU B 1007 12.14 31.26 -2.27
CA GLU B 1007 10.92 31.51 -3.04
C GLU B 1007 10.16 30.19 -3.15
N MET B 1008 9.29 29.94 -2.18
CA MET B 1008 8.49 28.73 -2.18
C MET B 1008 7.48 28.76 -3.33
N LYS B 1009 7.16 27.56 -3.83
CA LYS B 1009 6.25 27.43 -4.97
C LYS B 1009 4.81 27.77 -4.62
N GLY B 1010 4.48 27.88 -3.34
CA GLY B 1010 3.12 28.18 -2.93
C GLY B 1010 2.85 29.65 -2.69
N LYS B 1011 3.70 30.29 -1.88
CA LYS B 1011 3.53 31.69 -1.52
C LYS B 1011 4.61 32.58 -2.11
N GLY B 1012 5.88 32.25 -1.88
CA GLY B 1012 6.98 33.07 -2.38
C GLY B 1012 8.06 33.31 -1.36
N LYS B 1013 8.36 34.57 -1.08
CA LYS B 1013 9.41 34.93 -0.13
C LYS B 1013 9.08 34.43 1.27
N VAL B 1014 9.83 33.43 1.74
CA VAL B 1014 9.61 32.85 3.06
C VAL B 1014 10.93 32.34 3.58
N ARG B 1015 11.10 32.40 4.90
CA ARG B 1015 12.35 32.01 5.55
C ARG B 1015 12.29 30.53 5.92
N THR B 1016 13.31 29.78 5.52
CA THR B 1016 13.46 28.37 5.86
C THR B 1016 14.86 28.16 6.44
N TYR B 1017 15.05 27.01 7.07
CA TYR B 1017 16.25 26.75 7.85
C TYR B 1017 16.83 25.38 7.50
N TRP B 1018 18.08 25.18 7.91
CA TRP B 1018 18.74 23.88 7.86
C TRP B 1018 18.81 23.28 9.25
N LEU B 1019 18.94 21.96 9.32
CA LEU B 1019 19.20 21.27 10.58
C LEU B 1019 20.58 20.63 10.50
N LEU B 1020 21.46 20.97 11.45
CA LEU B 1020 22.85 20.55 11.41
C LEU B 1020 23.22 19.51 12.45
N GLY B 1021 22.42 19.34 13.49
CA GLY B 1021 22.67 18.34 14.52
C GLY B 1021 22.23 18.83 15.88
N GLU B 1022 22.17 17.90 16.82
CA GLU B 1022 21.79 18.20 18.20
C GLU B 1022 23.00 18.06 19.11
N ARG B 1023 23.12 18.98 20.06
CA ARG B 1023 24.24 18.99 20.99
C ARG B 1023 23.89 18.14 22.20
N GLY B 1024 24.61 17.04 22.39
CA GLY B 1024 24.39 16.15 23.52
C GLY B 1024 25.63 15.95 24.36
N UNK C 1 45.29 -9.19 -11.44
CA UNK C 1 46.21 -10.15 -10.84
C UNK C 1 45.47 -11.17 -9.99
N UNK C 2 44.15 -11.20 -10.14
CA UNK C 2 43.33 -12.14 -9.40
C UNK C 2 43.67 -13.58 -9.81
N UNK C 3 43.50 -14.51 -8.87
CA UNK C 3 43.80 -15.91 -9.12
C UNK C 3 42.90 -16.77 -8.26
N UNK C 4 42.05 -17.57 -8.89
CA UNK C 4 41.17 -18.51 -8.21
C UNK C 4 41.69 -19.92 -8.47
N UNK C 5 41.78 -20.73 -7.42
CA UNK C 5 42.41 -22.05 -7.49
C UNK C 5 41.46 -23.11 -6.93
N UNK C 6 40.65 -23.69 -7.80
CA UNK C 6 39.84 -24.84 -7.40
C UNK C 6 40.76 -26.02 -7.13
N UNK C 7 40.47 -26.76 -6.06
CA UNK C 7 41.45 -27.65 -5.45
C UNK C 7 41.12 -29.11 -5.72
N UNK C 8 42.11 -29.82 -6.29
CA UNK C 8 42.19 -31.28 -6.28
C UNK C 8 41.17 -31.97 -7.20
N UNK C 9 41.52 -33.17 -7.65
CA UNK C 9 40.62 -34.03 -8.41
C UNK C 9 40.09 -35.11 -7.46
N UNK C 10 38.77 -35.21 -7.36
CA UNK C 10 38.13 -36.07 -6.37
C UNK C 10 37.42 -37.23 -7.07
N UNK C 11 37.63 -38.44 -6.53
CA UNK C 11 36.95 -39.64 -7.00
C UNK C 11 36.19 -40.23 -5.82
N UNK C 12 34.88 -40.36 -5.96
CA UNK C 12 34.01 -40.81 -4.88
C UNK C 12 33.26 -42.06 -5.30
N UNK C 13 32.38 -42.53 -4.41
CA UNK C 13 31.54 -43.68 -4.64
C UNK C 13 30.09 -43.23 -4.80
N UNK C 14 29.28 -44.07 -5.44
CA UNK C 14 27.90 -43.72 -5.74
C UNK C 14 27.15 -43.38 -4.46
N UNK C 15 26.37 -42.28 -4.51
CA UNK C 15 25.56 -41.77 -3.41
C UNK C 15 26.39 -41.23 -2.24
N UNK C 16 27.58 -40.69 -2.51
CA UNK C 16 28.42 -40.09 -1.48
C UNK C 16 28.60 -38.61 -1.78
N UNK C 17 28.38 -37.78 -0.76
CA UNK C 17 28.48 -36.33 -0.93
C UNK C 17 29.95 -35.91 -1.05
N UNK C 18 30.17 -34.79 -1.73
CA UNK C 18 31.50 -34.24 -1.93
C UNK C 18 31.47 -32.74 -1.72
N UNK C 19 32.64 -32.16 -1.43
CA UNK C 19 32.79 -30.73 -1.25
C UNK C 19 34.00 -30.24 -2.04
N UNK C 20 33.80 -29.19 -2.83
CA UNK C 20 34.85 -28.58 -3.61
C UNK C 20 35.04 -27.14 -3.15
N UNK C 21 36.28 -26.65 -3.21
CA UNK C 21 36.61 -25.35 -2.68
C UNK C 21 37.46 -24.56 -3.66
N UNK C 22 37.21 -23.26 -3.75
CA UNK C 22 38.00 -22.33 -4.55
C UNK C 22 38.44 -21.17 -3.68
N UNK C 23 39.73 -20.87 -3.69
CA UNK C 23 40.30 -19.83 -2.85
C UNK C 23 40.64 -18.61 -3.70
N UNK C 24 39.92 -17.51 -3.48
CA UNK C 24 40.16 -16.28 -4.19
C UNK C 24 41.38 -15.55 -3.62
N UNK C 25 41.93 -14.65 -4.42
CA UNK C 25 43.11 -13.90 -4.01
C UNK C 25 43.22 -12.64 -4.85
N UNK C 26 44.03 -11.70 -4.36
CA UNK C 26 44.38 -10.46 -5.05
C UNK C 26 43.16 -9.56 -5.30
N UNK C 27 42.10 -9.72 -4.51
CA UNK C 27 40.94 -8.86 -4.63
C UNK C 27 40.20 -8.85 -3.31
N UNK C 28 39.36 -7.82 -3.13
CA UNK C 28 38.45 -7.77 -1.99
C UNK C 28 37.34 -8.78 -2.22
N UNK C 29 37.42 -9.93 -1.53
CA UNK C 29 36.52 -11.04 -1.82
C UNK C 29 35.07 -10.67 -1.52
N UNK C 30 34.85 -9.81 -0.54
CA UNK C 30 33.50 -9.53 -0.06
C UNK C 30 32.76 -8.55 -0.96
N UNK C 31 33.23 -8.34 -2.19
CA UNK C 31 32.65 -7.36 -3.07
C UNK C 31 32.00 -7.93 -4.33
N UNK C 32 32.51 -9.05 -4.85
CA UNK C 32 32.05 -9.59 -6.13
C UNK C 32 31.46 -10.98 -5.93
N UNK C 33 30.28 -11.21 -6.49
CA UNK C 33 29.62 -12.51 -6.39
C UNK C 33 30.40 -13.58 -7.13
N UNK C 34 30.27 -14.81 -6.66
CA UNK C 34 30.96 -15.96 -7.27
C UNK C 34 29.91 -16.91 -7.82
N UNK C 35 30.09 -17.31 -9.08
CA UNK C 35 29.18 -18.19 -9.77
C UNK C 35 29.88 -19.50 -10.09
N UNK C 36 29.11 -20.57 -10.25
CA UNK C 36 29.67 -21.89 -10.53
C UNK C 36 29.05 -22.47 -11.79
N UNK C 37 29.88 -23.06 -12.64
CA UNK C 37 29.43 -23.65 -13.90
C UNK C 37 30.00 -25.06 -14.05
N UNK C 38 29.17 -25.99 -14.49
CA UNK C 38 29.55 -27.39 -14.64
C UNK C 38 29.52 -27.80 -16.11
N UNK C 39 30.63 -28.35 -16.59
CA UNK C 39 30.71 -28.83 -17.97
C UNK C 39 31.06 -30.31 -17.96
N UNK C 40 30.28 -31.10 -18.71
CA UNK C 40 30.48 -32.53 -18.77
C UNK C 40 31.62 -32.87 -19.73
N UNK C 41 31.71 -34.14 -20.13
CA UNK C 41 32.73 -34.58 -21.08
C UNK C 41 32.26 -34.24 -22.48
N UNK C 42 32.91 -33.23 -23.08
CA UNK C 42 32.60 -32.78 -24.45
C UNK C 42 31.12 -32.38 -24.57
N UNK C 43 30.75 -31.36 -23.79
CA UNK C 43 29.37 -30.90 -23.78
C UNK C 43 29.35 -29.43 -23.38
N UNK C 44 28.21 -28.78 -23.65
CA UNK C 44 28.06 -27.37 -23.34
C UNK C 44 28.07 -27.14 -21.84
N UNK C 45 28.53 -25.96 -21.44
CA UNK C 45 28.60 -25.60 -20.04
C UNK C 45 27.22 -25.24 -19.51
N UNK C 46 26.94 -25.62 -18.26
CA UNK C 46 25.67 -25.35 -17.62
C UNK C 46 25.90 -24.64 -16.30
N UNK C 47 25.19 -23.54 -16.07
CA UNK C 47 25.34 -22.78 -14.84
C UNK C 47 24.68 -23.51 -13.68
N UNK C 48 25.35 -23.53 -12.54
CA UNK C 48 24.86 -24.22 -11.35
C UNK C 48 24.19 -23.26 -10.37
N UNK C 49 24.89 -22.24 -9.91
CA UNK C 49 24.35 -21.32 -8.91
C UNK C 49 25.29 -20.13 -8.75
N UNK C 50 24.91 -19.23 -7.84
CA UNK C 50 25.68 -18.05 -7.50
C UNK C 50 25.73 -17.91 -5.98
N UNK C 51 26.59 -17.00 -5.51
CA UNK C 51 26.69 -16.70 -4.09
C UNK C 51 27.33 -15.33 -3.92
N UNK C 52 26.64 -14.43 -3.22
CA UNK C 52 27.22 -13.13 -2.90
C UNK C 52 28.05 -13.26 -1.63
N UNK C 53 29.31 -12.83 -1.69
CA UNK C 53 30.22 -13.08 -0.58
C UNK C 53 30.26 -11.93 0.43
N UNK C 54 29.11 -11.42 0.83
CA UNK C 54 29.00 -10.51 1.96
C UNK C 54 27.89 -10.92 2.92
N UNK C 55 26.78 -11.40 2.40
CA UNK C 55 25.74 -12.10 3.13
C UNK C 55 25.72 -13.54 2.63
N UNK C 56 24.76 -14.32 3.11
CA UNK C 56 24.56 -15.67 2.56
C UNK C 56 23.50 -15.66 1.47
N UNK C 57 23.65 -14.77 0.48
CA UNK C 57 22.66 -14.63 -0.58
C UNK C 57 23.03 -15.58 -1.71
N UNK C 58 22.28 -16.67 -1.83
CA UNK C 58 22.53 -17.70 -2.82
C UNK C 58 21.31 -17.84 -3.72
N UNK C 59 21.56 -18.28 -4.96
CA UNK C 59 20.49 -18.54 -5.90
C UNK C 59 20.95 -19.65 -6.83
N UNK C 60 20.10 -20.65 -7.05
CA UNK C 60 20.47 -21.84 -7.78
C UNK C 60 19.47 -22.10 -8.91
N UNK C 61 19.94 -22.79 -9.94
CA UNK C 61 19.06 -23.17 -11.04
C UNK C 61 18.07 -24.24 -10.59
N UNK C 62 16.90 -24.25 -11.22
CA UNK C 62 15.88 -25.21 -10.85
C UNK C 62 16.32 -26.64 -11.11
N UNK C 63 17.11 -26.86 -12.16
CA UNK C 63 17.56 -28.22 -12.48
C UNK C 63 18.48 -28.76 -11.38
N UNK C 64 19.38 -27.93 -10.86
CA UNK C 64 20.37 -28.35 -9.88
C UNK C 64 20.09 -27.78 -8.50
N UNK C 65 18.82 -27.54 -8.18
CA UNK C 65 18.48 -26.92 -6.90
C UNK C 65 18.72 -27.87 -5.73
N UNK C 66 18.38 -29.15 -5.90
CA UNK C 66 18.44 -30.11 -4.81
C UNK C 66 19.76 -30.88 -4.76
N UNK C 67 20.70 -30.60 -5.65
CA UNK C 67 21.95 -31.35 -5.71
C UNK C 67 23.14 -30.41 -5.67
N UNK C 68 23.04 -29.32 -4.91
CA UNK C 68 24.13 -28.38 -4.74
C UNK C 68 23.80 -27.44 -3.59
N UNK C 69 24.79 -27.18 -2.73
CA UNK C 69 24.64 -26.20 -1.65
C UNK C 69 25.94 -25.40 -1.55
N UNK C 70 25.82 -24.09 -1.64
CA UNK C 70 26.99 -23.20 -1.70
C UNK C 70 27.16 -22.44 -0.41
N UNK C 71 28.41 -22.23 -0.01
CA UNK C 71 28.73 -21.53 1.23
C UNK C 71 30.05 -20.80 1.05
N UNK C 72 30.30 -19.85 1.93
CA UNK C 72 31.51 -19.03 1.84
C UNK C 72 32.11 -18.83 3.22
N UNK C 73 33.43 -18.83 3.29
CA UNK C 73 34.18 -18.51 4.51
C UNK C 73 35.00 -17.27 4.19
N UNK C 74 34.55 -16.12 4.69
CA UNK C 74 35.20 -14.85 4.40
C UNK C 74 36.48 -14.65 5.19
N UNK C 75 36.63 -15.35 6.32
CA UNK C 75 37.89 -15.27 7.07
C UNK C 75 39.03 -15.92 6.30
N UNK C 76 38.81 -17.12 5.80
CA UNK C 76 39.79 -17.82 4.97
C UNK C 76 39.69 -17.44 3.50
N UNK C 77 38.69 -16.66 3.11
CA UNK C 77 38.47 -16.24 1.73
C UNK C 77 38.38 -17.46 0.81
N UNK C 78 37.37 -18.29 1.05
CA UNK C 78 37.19 -19.51 0.26
C UNK C 78 35.71 -19.77 0.03
N UNK C 79 35.36 -20.07 -1.22
CA UNK C 79 33.99 -20.40 -1.59
C UNK C 79 33.89 -21.90 -1.84
N UNK C 80 32.92 -22.55 -1.20
CA UNK C 80 32.80 -24.00 -1.24
C UNK C 80 31.41 -24.40 -1.74
N UNK C 81 31.36 -25.54 -2.41
CA UNK C 81 30.11 -26.11 -2.90
C UNK C 81 30.07 -27.59 -2.54
N UNK C 82 28.93 -28.03 -2.01
CA UNK C 82 28.72 -29.42 -1.63
C UNK C 82 27.68 -30.03 -2.55
N UNK C 83 28.03 -31.16 -3.17
CA UNK C 83 27.14 -31.92 -4.03
C UNK C 83 26.74 -33.20 -3.30
N UNK C 84 25.43 -33.40 -3.15
CA UNK C 84 24.90 -34.49 -2.35
C UNK C 84 24.22 -35.52 -3.26
N UNK C 85 24.19 -36.77 -2.79
CA UNK C 85 23.59 -37.89 -3.51
C UNK C 85 24.17 -38.03 -4.91
N UNK C 86 25.50 -38.04 -4.98
CA UNK C 86 26.18 -38.12 -6.27
C UNK C 86 25.82 -39.42 -6.99
N UNK C 87 25.56 -39.30 -8.29
CA UNK C 87 25.19 -40.46 -9.11
C UNK C 87 26.21 -40.68 -10.21
N UNK C 88 25.87 -41.57 -11.15
CA UNK C 88 26.79 -41.84 -12.26
C UNK C 88 26.87 -40.68 -13.25
N UNK C 89 25.82 -39.86 -13.32
CA UNK C 89 25.77 -38.76 -14.27
C UNK C 89 26.31 -37.45 -13.70
N UNK C 90 26.72 -37.44 -12.43
CA UNK C 90 27.29 -36.24 -11.81
C UNK C 90 28.80 -36.18 -11.96
N UNK C 91 29.37 -36.88 -12.93
CA UNK C 91 30.80 -36.85 -13.19
C UNK C 91 31.07 -35.86 -14.31
N UNK C 92 31.74 -34.77 -13.97
CA UNK C 92 32.00 -33.67 -14.90
C UNK C 92 33.10 -32.81 -14.30
N UNK C 93 33.37 -31.67 -14.92
CA UNK C 93 34.31 -30.69 -14.40
C UNK C 93 33.54 -29.45 -13.95
N UNK C 94 33.69 -29.10 -12.68
CA UNK C 94 32.99 -27.96 -12.09
C UNK C 94 33.99 -26.84 -11.85
N UNK C 95 33.63 -25.63 -12.28
CA UNK C 95 34.51 -24.47 -12.23
C UNK C 95 33.82 -23.31 -11.54
N UNK C 96 34.63 -22.44 -10.94
CA UNK C 96 34.16 -21.26 -10.23
C UNK C 96 34.66 -20.01 -10.95
N UNK C 97 33.87 -18.95 -10.90
CA UNK C 97 34.23 -17.71 -11.57
C UNK C 97 33.67 -16.53 -10.78
N UNK C 98 34.24 -15.35 -11.03
CA UNK C 98 33.82 -14.13 -10.36
C UNK C 98 33.19 -13.18 -11.38
N UNK C 99 32.06 -12.59 -11.01
CA UNK C 99 31.39 -11.68 -11.92
C UNK C 99 32.20 -10.40 -12.12
N UNK C 100 32.29 -9.96 -13.37
CA UNK C 100 33.05 -8.74 -13.68
C UNK C 100 32.42 -7.53 -13.00
N UNK C 101 31.13 -7.32 -13.21
CA UNK C 101 30.39 -6.33 -12.44
C UNK C 101 30.11 -6.91 -11.05
N UNK C 102 29.92 -6.02 -10.08
CA UNK C 102 29.94 -6.46 -8.69
C UNK C 102 28.81 -7.44 -8.39
N UNK C 103 27.60 -7.18 -8.89
CA UNK C 103 26.48 -8.04 -8.56
C UNK C 103 25.42 -7.98 -9.66
N UNK C 104 24.76 -9.13 -9.87
CA UNK C 104 23.60 -9.27 -10.74
C UNK C 104 23.89 -9.02 -12.21
N UNK C 105 25.15 -9.05 -12.61
CA UNK C 105 25.54 -9.15 -14.01
C UNK C 105 26.35 -10.42 -14.16
N UNK C 106 25.96 -11.27 -15.10
CA UNK C 106 26.46 -12.64 -15.16
C UNK C 106 27.66 -12.81 -16.09
N UNK C 107 28.48 -11.78 -16.28
CA UNK C 107 29.70 -11.91 -17.06
C UNK C 107 30.85 -12.28 -16.12
N UNK C 108 31.47 -13.43 -16.37
CA UNK C 108 32.48 -13.98 -15.49
C UNK C 108 33.86 -13.60 -16.02
N UNK C 109 34.62 -12.87 -15.21
CA UNK C 109 35.90 -12.31 -15.64
C UNK C 109 37.05 -13.29 -15.45
N UNK C 110 37.24 -13.78 -14.23
CA UNK C 110 38.32 -14.69 -13.90
C UNK C 110 37.74 -16.05 -13.54
N UNK C 111 38.26 -17.10 -14.18
CA UNK C 111 37.76 -18.46 -14.02
C UNK C 111 38.76 -19.33 -13.29
N UNK C 112 38.29 -20.47 -12.81
CA UNK C 112 39.09 -21.38 -12.00
C UNK C 112 39.75 -22.43 -12.90
N UNK C 113 40.27 -23.50 -12.31
CA UNK C 113 40.94 -24.56 -13.05
C UNK C 113 40.21 -25.89 -13.02
N UNK C 114 38.98 -25.93 -12.48
CA UNK C 114 38.11 -27.10 -12.49
C UNK C 114 38.58 -28.21 -11.55
N UNK C 115 37.64 -29.01 -11.05
CA UNK C 115 37.92 -30.06 -10.07
C UNK C 115 37.81 -31.47 -10.62
N UNK C 116 36.89 -31.71 -11.56
CA UNK C 116 36.75 -32.99 -12.26
C UNK C 116 36.42 -34.12 -11.27
N UNK C 117 35.24 -33.99 -10.67
CA UNK C 117 34.73 -35.05 -9.80
C UNK C 117 34.28 -36.24 -10.63
N UNK C 118 34.56 -37.44 -10.12
CA UNK C 118 34.20 -38.69 -10.79
C UNK C 118 33.44 -39.58 -9.83
N UNK C 119 32.27 -40.05 -10.25
CA UNK C 119 31.43 -40.91 -9.43
C UNK C 119 30.91 -42.10 -10.22
N UNK D 1 12.77 -19.20 -19.28
CA UNK D 1 13.70 -18.08 -19.44
C UNK D 1 14.19 -17.98 -20.87
N UNK D 2 15.16 -17.09 -21.10
CA UNK D 2 15.69 -16.91 -22.45
C UNK D 2 16.55 -18.11 -22.84
N UNK D 3 16.33 -18.62 -24.05
CA UNK D 3 17.07 -19.74 -24.59
C UNK D 3 17.89 -19.28 -25.78
N UNK D 4 19.21 -19.33 -25.66
CA UNK D 4 20.11 -18.89 -26.71
C UNK D 4 20.45 -20.04 -27.65
N UNK D 5 20.70 -19.71 -28.91
CA UNK D 5 20.97 -20.71 -29.94
C UNK D 5 22.07 -20.20 -30.85
N UNK D 6 23.12 -21.00 -31.02
CA UNK D 6 24.23 -20.66 -31.90
C UNK D 6 24.05 -21.37 -33.23
N UNK D 7 24.38 -20.66 -34.32
CA UNK D 7 23.93 -21.05 -35.65
C UNK D 7 24.79 -22.15 -36.26
N UNK D 8 26.07 -21.86 -36.52
CA UNK D 8 26.87 -22.73 -37.38
C UNK D 8 27.10 -24.09 -36.73
N UNK D 9 27.54 -24.10 -35.47
CA UNK D 9 27.72 -25.30 -34.66
C UNK D 9 28.89 -26.15 -35.12
N UNK D 10 29.47 -25.81 -36.27
CA UNK D 10 30.69 -26.44 -36.78
C UNK D 10 31.22 -25.61 -37.95
N UNK D 11 32.47 -25.15 -37.88
CA UNK D 11 33.02 -24.32 -38.92
C UNK D 11 34.47 -24.70 -39.18
N UNK D 12 34.85 -24.72 -40.45
CA UNK D 12 36.22 -24.98 -40.86
C UNK D 12 36.65 -23.90 -41.85
N UNK D 13 37.81 -23.31 -41.61
CA UNK D 13 38.29 -22.22 -42.45
C UNK D 13 39.81 -22.31 -42.59
N UNK D 14 40.31 -21.70 -43.66
CA UNK D 14 41.74 -21.61 -43.90
C UNK D 14 42.32 -20.37 -43.24
N UNK D 15 43.64 -20.34 -43.10
CA UNK D 15 44.31 -19.24 -42.44
C UNK D 15 44.10 -17.93 -43.21
N UNK D 16 44.04 -16.84 -42.45
CA UNK D 16 43.86 -15.49 -42.99
C UNK D 16 42.53 -15.33 -43.73
N UNK D 17 41.48 -15.99 -43.24
CA UNK D 17 40.15 -15.87 -43.81
C UNK D 17 39.16 -15.52 -42.70
N UNK D 18 38.31 -14.53 -42.96
CA UNK D 18 37.33 -14.11 -41.97
C UNK D 18 36.29 -15.19 -41.73
N UNK D 19 35.98 -15.44 -40.46
CA UNK D 19 34.99 -16.43 -40.06
C UNK D 19 33.93 -15.75 -39.19
N UNK D 20 32.67 -15.95 -39.53
CA UNK D 20 31.56 -15.27 -38.86
C UNK D 20 30.64 -16.30 -38.22
N UNK D 21 30.24 -16.03 -36.97
CA UNK D 21 29.32 -16.88 -36.23
C UNK D 21 28.18 -16.02 -35.70
N UNK D 22 27.05 -16.65 -35.45
CA UNK D 22 25.83 -15.94 -35.08
C UNK D 22 25.25 -16.49 -33.79
N UNK D 23 24.45 -15.67 -33.11
CA UNK D 23 23.78 -16.06 -31.88
C UNK D 23 22.47 -15.29 -31.78
N UNK D 24 21.36 -16.01 -31.62
CA UNK D 24 20.04 -15.42 -31.54
C UNK D 24 19.41 -15.74 -30.20
N UNK D 25 18.78 -14.75 -29.60
CA UNK D 25 18.14 -14.88 -28.30
C UNK D 25 16.63 -15.00 -28.43
N UNK D 26 16.00 -15.55 -27.41
CA UNK D 26 14.55 -15.72 -27.37
C UNK D 26 13.83 -14.49 -26.83
N UNK D 27 14.56 -13.46 -26.41
CA UNK D 27 13.97 -12.20 -26.00
C UNK D 27 14.96 -11.09 -26.27
N UNK D 28 14.46 -9.86 -26.38
CA UNK D 28 15.33 -8.73 -26.65
C UNK D 28 16.29 -8.51 -25.48
N UNK D 29 17.57 -8.33 -25.81
CA UNK D 29 18.62 -8.16 -24.81
C UNK D 29 19.12 -6.72 -24.76
N UNK D 30 18.28 -5.75 -25.14
CA UNK D 30 18.65 -4.35 -25.15
C UNK D 30 17.93 -3.62 -24.02
N UNK D 31 18.70 -2.90 -23.20
CA UNK D 31 18.11 -2.07 -22.17
C UNK D 31 17.60 -0.77 -22.78
N UNK D 32 16.36 -0.42 -22.51
CA UNK D 32 15.75 0.75 -23.13
C UNK D 32 16.35 2.05 -22.64
N UNK D 33 17.02 2.04 -21.48
CA UNK D 33 17.55 3.27 -20.88
C UNK D 33 19.01 3.52 -21.28
N UNK D 34 19.88 2.56 -20.98
CA UNK D 34 21.29 2.70 -21.32
C UNK D 34 21.56 2.49 -22.80
N UNK D 35 20.61 1.87 -23.53
CA UNK D 35 20.77 1.55 -24.94
C UNK D 35 22.01 0.69 -25.19
N UNK D 36 22.21 -0.31 -24.34
CA UNK D 36 23.33 -1.23 -24.46
C UNK D 36 22.81 -2.66 -24.49
N UNK D 37 23.14 -3.39 -25.55
CA UNK D 37 22.79 -4.79 -25.65
C UNK D 37 23.73 -5.61 -24.78
N UNK D 38 23.18 -6.50 -23.96
CA UNK D 38 23.94 -7.23 -22.95
C UNK D 38 24.12 -8.68 -23.41
N UNK D 39 25.23 -8.93 -24.12
CA UNK D 39 25.63 -10.27 -24.54
C UNK D 39 27.11 -10.45 -24.29
N UNK D 40 27.49 -11.64 -23.84
CA UNK D 40 28.88 -11.95 -23.53
C UNK D 40 29.35 -13.13 -24.38
N UNK D 41 30.58 -13.03 -24.89
CA UNK D 41 31.17 -14.08 -25.72
C UNK D 41 32.45 -14.59 -25.09
N UNK D 42 32.62 -15.91 -25.09
CA UNK D 42 33.76 -16.55 -24.46
C UNK D 42 34.33 -17.60 -25.40
N UNK D 43 35.61 -17.91 -25.23
CA UNK D 43 36.33 -18.86 -26.08
C UNK D 43 37.01 -19.91 -25.20
N UNK D 44 36.53 -21.15 -25.26
CA UNK D 44 37.16 -22.26 -24.56
C UNK D 44 38.16 -22.93 -25.49
N UNK D 45 39.41 -23.03 -25.04
CA UNK D 45 40.46 -23.59 -25.87
C UNK D 45 40.40 -25.11 -25.89
N UNK D 46 41.47 -25.76 -26.36
CA UNK D 46 41.45 -27.21 -26.51
C UNK D 46 41.20 -27.92 -25.18
N UNK D 47 42.00 -27.60 -24.16
CA UNK D 47 41.78 -28.15 -22.83
C UNK D 47 42.24 -27.10 -21.81
N UNK D 48 41.30 -26.27 -21.38
CA UNK D 48 41.59 -25.18 -20.45
C UNK D 48 40.25 -24.59 -20.01
N UNK D 49 40.31 -23.59 -19.15
CA UNK D 49 39.11 -22.89 -18.73
C UNK D 49 38.60 -22.00 -19.85
N UNK D 50 37.39 -21.47 -19.67
CA UNK D 50 36.86 -20.50 -20.61
C UNK D 50 37.63 -19.18 -20.49
N UNK D 51 37.25 -18.21 -21.31
CA UNK D 51 37.92 -16.91 -21.27
C UNK D 51 37.02 -15.86 -21.90
N UNK D 52 36.61 -14.86 -21.13
CA UNK D 52 35.77 -13.81 -21.69
C UNK D 52 36.53 -13.05 -22.77
N UNK D 53 35.84 -12.79 -23.87
CA UNK D 53 36.45 -12.10 -25.01
C UNK D 53 35.81 -10.75 -25.31
N UNK D 54 34.48 -10.66 -25.28
CA UNK D 54 33.79 -9.41 -25.54
C UNK D 54 32.59 -9.29 -24.62
N UNK D 55 32.43 -8.10 -24.03
CA UNK D 55 31.32 -7.80 -23.14
C UNK D 55 30.49 -6.68 -23.73
N UNK D 56 29.19 -6.71 -23.42
CA UNK D 56 28.22 -5.73 -23.93
C UNK D 56 28.15 -5.75 -25.46
N UNK D 57 28.55 -6.88 -26.06
CA UNK D 57 28.35 -7.20 -27.47
C UNK D 57 29.24 -6.41 -28.40
N UNK D 58 29.99 -5.44 -27.88
CA UNK D 58 30.92 -4.69 -28.72
C UNK D 58 32.26 -4.40 -28.09
N UNK D 59 32.39 -4.41 -26.76
CA UNK D 59 33.62 -3.99 -26.11
C UNK D 59 34.51 -5.19 -25.83
N UNK D 60 35.76 -5.12 -26.27
CA UNK D 60 36.70 -6.19 -26.09
C UNK D 60 37.24 -6.21 -24.65
N UNK D 61 37.75 -7.36 -24.25
CA UNK D 61 38.27 -7.54 -22.89
C UNK D 61 39.68 -6.96 -22.80
N UNK D 62 40.38 -7.25 -21.70
CA UNK D 62 41.67 -6.62 -21.46
C UNK D 62 42.74 -7.15 -22.40
N UNK D 63 42.83 -8.47 -22.57
CA UNK D 63 43.92 -9.09 -23.31
C UNK D 63 43.53 -9.59 -24.69
N UNK D 64 42.25 -9.52 -25.05
CA UNK D 64 41.82 -10.02 -26.35
C UNK D 64 42.48 -9.21 -27.48
N UNK D 65 42.77 -9.90 -28.58
CA UNK D 65 43.44 -9.28 -29.72
C UNK D 65 42.44 -8.39 -30.46
N UNK D 66 42.89 -7.81 -31.57
CA UNK D 66 42.05 -6.93 -32.38
C UNK D 66 41.48 -7.61 -33.60
N UNK D 67 41.70 -8.91 -33.76
CA UNK D 67 41.15 -9.65 -34.89
C UNK D 67 39.70 -10.09 -34.67
N UNK D 68 39.19 -9.99 -33.46
CA UNK D 68 37.83 -10.39 -33.14
C UNK D 68 36.96 -9.15 -32.96
N UNK D 69 35.85 -9.10 -33.69
CA UNK D 69 34.92 -7.97 -33.60
C UNK D 69 33.50 -8.49 -33.57
N UNK D 70 32.72 -8.07 -32.57
CA UNK D 70 31.32 -8.44 -32.47
C UNK D 70 30.45 -7.29 -32.92
N UNK D 71 29.22 -7.62 -33.30
CA UNK D 71 28.34 -6.62 -33.90
C UNK D 71 26.89 -7.09 -33.81
N UNK D 72 25.99 -6.22 -34.26
CA UNK D 72 24.55 -6.42 -34.36
C UNK D 72 23.87 -6.32 -33.00
N UNK D 73 22.59 -5.92 -33.00
CA UNK D 73 21.88 -5.61 -31.77
C UNK D 73 20.53 -6.30 -31.69
N UNK D 74 19.72 -5.93 -30.69
CA UNK D 74 18.40 -6.47 -30.47
C UNK D 74 18.44 -7.94 -30.07
N UNK D 75 18.17 -8.84 -31.03
CA UNK D 75 18.05 -10.26 -30.71
C UNK D 75 18.78 -11.14 -31.71
N UNK D 76 19.81 -10.62 -32.37
CA UNK D 76 20.60 -11.44 -33.29
C UNK D 76 21.99 -10.79 -33.42
N UNK D 77 22.97 -11.35 -32.71
CA UNK D 77 24.31 -10.81 -32.65
C UNK D 77 25.27 -11.69 -33.45
N UNK D 78 26.39 -11.11 -33.85
CA UNK D 78 27.36 -11.82 -34.68
C UNK D 78 28.77 -11.53 -34.19
N UNK D 79 29.67 -12.49 -34.42
CA UNK D 79 31.09 -12.34 -34.09
C UNK D 79 31.92 -12.73 -35.29
N UNK D 80 32.84 -11.85 -35.69
CA UNK D 80 33.69 -12.07 -36.85
C UNK D 80 35.14 -12.07 -36.43
N UNK D 81 35.86 -13.12 -36.81
CA UNK D 81 37.31 -13.20 -36.64
C UNK D 81 37.93 -12.96 -38.00
N UNK D 82 38.58 -11.79 -38.17
CA UNK D 82 39.20 -11.42 -39.42
C UNK D 82 40.65 -11.87 -39.43
N UNK D 83 41.07 -12.44 -40.56
CA UNK D 83 42.42 -12.98 -40.72
C UNK D 83 42.72 -14.02 -39.64
N UNK D 84 41.95 -15.10 -39.66
CA UNK D 84 42.09 -16.14 -38.65
C UNK D 84 43.47 -16.79 -38.74
N UNK D 85 44.13 -16.91 -37.59
CA UNK D 85 45.43 -17.54 -37.51
C UNK D 85 45.26 -19.00 -37.10
N UNK D 86 46.39 -19.70 -36.91
CA UNK D 86 46.35 -21.10 -36.56
C UNK D 86 46.13 -21.33 -35.07
N UNK D 87 46.21 -20.28 -34.24
CA UNK D 87 46.05 -20.38 -32.81
C UNK D 87 44.65 -20.00 -32.34
N UNK D 88 43.70 -19.85 -33.26
CA UNK D 88 42.33 -19.46 -32.94
C UNK D 88 41.37 -20.64 -32.93
N UNK D 89 41.88 -21.87 -32.97
CA UNK D 89 41.00 -23.04 -32.91
C UNK D 89 40.48 -23.22 -31.48
N UNK D 90 39.15 -23.24 -31.34
CA UNK D 90 38.52 -23.30 -30.03
C UNK D 90 37.02 -23.50 -30.19
N UNK D 91 36.29 -23.54 -29.07
CA UNK D 91 34.83 -23.55 -29.08
C UNK D 91 34.35 -22.23 -28.51
N UNK D 92 33.54 -21.50 -29.27
CA UNK D 92 33.08 -20.18 -28.87
C UNK D 92 31.64 -20.23 -28.41
N UNK D 93 31.36 -19.65 -27.25
CA UNK D 93 30.04 -19.70 -26.64
C UNK D 93 29.54 -18.29 -26.33
N UNK D 94 28.22 -18.16 -26.23
CA UNK D 94 27.57 -16.89 -25.97
C UNK D 94 26.62 -17.03 -24.79
N UNK D 95 26.48 -15.95 -24.02
CA UNK D 95 25.64 -15.97 -22.83
C UNK D 95 24.94 -14.62 -22.69
N UNK D 96 23.81 -14.65 -21.98
CA UNK D 96 23.05 -13.46 -21.68
C UNK D 96 23.56 -12.80 -20.40
N UNK D 97 23.12 -11.57 -20.17
CA UNK D 97 23.42 -10.87 -18.92
C UNK D 97 22.22 -10.19 -18.29
N UNK D 98 21.17 -9.85 -19.04
CA UNK D 98 19.99 -9.22 -18.46
C UNK D 98 19.04 -10.22 -17.83
N UNK D 99 19.22 -11.51 -18.10
CA UNK D 99 18.34 -12.53 -17.56
C UNK D 99 18.74 -12.88 -16.12
N UNK D 100 17.75 -13.29 -15.33
CA UNK D 100 18.01 -13.65 -13.95
C UNK D 100 18.73 -14.99 -13.84
N UNK D 101 18.29 -15.98 -14.62
CA UNK D 101 18.93 -17.28 -14.69
C UNK D 101 19.80 -17.29 -15.94
N UNK D 102 21.08 -16.96 -15.77
CA UNK D 102 21.98 -16.86 -16.90
C UNK D 102 22.11 -18.19 -17.63
N UNK D 103 22.07 -18.15 -18.96
CA UNK D 103 22.08 -19.35 -19.78
C UNK D 103 23.06 -19.18 -20.93
N UNK D 104 23.89 -20.19 -21.15
CA UNK D 104 24.89 -20.15 -22.19
C UNK D 104 24.38 -20.81 -23.47
N UNK D 105 25.07 -20.55 -24.57
CA UNK D 105 24.72 -21.13 -25.85
C UNK D 105 25.26 -22.55 -25.95
N UNK D 106 25.13 -23.17 -27.12
CA UNK D 106 25.58 -24.54 -27.34
C UNK D 106 26.91 -24.61 -28.08
N UNK D 107 27.60 -23.48 -28.26
CA UNK D 107 28.95 -23.42 -28.80
C UNK D 107 29.02 -23.70 -30.29
N UNK D 108 30.03 -23.16 -30.96
CA UNK D 108 30.28 -23.35 -32.39
C UNK D 108 31.75 -23.71 -32.55
N UNK D 109 32.05 -25.00 -32.61
CA UNK D 109 33.42 -25.48 -32.60
C UNK D 109 34.11 -25.13 -33.91
N UNK D 110 34.98 -24.14 -33.88
CA UNK D 110 35.78 -23.79 -35.05
C UNK D 110 36.92 -24.79 -35.23
N UNK D 111 37.36 -24.93 -36.47
CA UNK D 111 38.43 -25.88 -36.80
C UNK D 111 39.30 -25.29 -37.89
N UNK D 112 40.54 -25.79 -37.97
CA UNK D 112 41.49 -25.33 -38.97
C UNK D 112 42.35 -26.49 -39.46
N UNK E 1 -42.36 24.94 1.72
CA UNK E 1 -41.81 24.87 3.07
C UNK E 1 -41.80 23.43 3.57
N UNK E 2 -40.63 22.96 4.00
CA UNK E 2 -40.49 21.60 4.48
C UNK E 2 -41.32 21.37 5.74
N UNK E 3 -41.80 20.15 5.91
CA UNK E 3 -42.58 19.81 7.09
C UNK E 3 -42.32 18.36 7.46
N UNK E 4 -42.49 18.05 8.74
CA UNK E 4 -42.33 16.69 9.24
C UNK E 4 -43.41 16.39 10.26
N UNK E 5 -44.00 15.20 10.15
CA UNK E 5 -45.06 14.76 11.04
C UNK E 5 -44.64 13.49 11.77
N UNK E 6 -44.94 13.42 13.06
CA UNK E 6 -44.57 12.29 13.91
C UNK E 6 -45.74 11.34 14.08
N UNK E 7 -45.57 10.35 14.96
CA UNK E 7 -46.50 9.23 15.09
C UNK E 7 -47.42 9.35 16.29
N UNK E 8 -47.65 10.56 16.78
CA UNK E 8 -48.62 10.81 17.86
C UNK E 8 -48.25 10.07 19.14
N UNK E 9 -49.17 10.05 20.10
CA UNK E 9 -48.89 9.47 21.41
C UNK E 9 -48.77 7.95 21.33
N UNK E 10 -48.19 7.38 22.38
CA UNK E 10 -48.03 5.94 22.49
C UNK E 10 -48.01 5.57 23.97
N UNK E 11 -48.49 4.36 24.27
CA UNK E 11 -48.57 3.89 25.67
C UNK E 11 -48.46 2.36 25.65
N UNK E 12 -47.26 1.87 25.90
CA UNK E 12 -46.99 0.44 25.91
C UNK E 12 -46.67 -0.02 27.34
N UNK E 13 -46.40 -1.32 27.47
CA UNK E 13 -46.05 -1.93 28.74
C UNK E 13 -44.57 -2.32 28.71
N UNK E 14 -44.13 -2.97 29.79
CA UNK E 14 -42.72 -3.34 29.89
C UNK E 14 -42.36 -4.41 28.87
N UNK E 15 -41.12 -4.33 28.37
CA UNK E 15 -40.50 -5.27 27.44
C UNK E 15 -41.13 -5.28 26.06
N UNK E 16 -42.15 -4.48 25.80
CA UNK E 16 -42.83 -4.47 24.51
C UNK E 16 -42.12 -3.50 23.57
N UNK E 17 -41.71 -3.99 22.41
CA UNK E 17 -41.08 -3.13 21.42
C UNK E 17 -42.10 -2.15 20.83
N UNK E 18 -41.63 -0.95 20.51
CA UNK E 18 -42.48 0.11 19.99
C UNK E 18 -41.87 0.67 18.72
N UNK E 19 -42.73 1.23 17.87
CA UNK E 19 -42.30 1.78 16.58
C UNK E 19 -42.85 3.20 16.43
N UNK E 20 -41.95 4.13 16.10
CA UNK E 20 -42.33 5.51 15.84
C UNK E 20 -41.92 5.86 14.41
N UNK E 21 -42.69 6.76 13.79
CA UNK E 21 -42.50 7.10 12.38
C UNK E 21 -42.50 8.60 12.20
N UNK E 22 -41.71 9.07 11.24
CA UNK E 22 -41.63 10.49 10.88
C UNK E 22 -41.73 10.61 9.37
N UNK E 23 -42.71 11.37 8.90
CA UNK E 23 -42.96 11.55 7.47
C UNK E 23 -42.58 12.97 7.07
N UNK E 24 -41.78 13.09 6.02
CA UNK E 24 -41.23 14.36 5.58
C UNK E 24 -41.84 14.78 4.26
N UNK E 25 -42.12 16.08 4.12
CA UNK E 25 -42.73 16.63 2.92
C UNK E 25 -42.04 17.92 2.53
N UNK E 26 -42.09 18.21 1.22
CA UNK E 26 -41.58 19.41 0.56
C UNK E 26 -40.06 19.40 0.38
N UNK E 27 -39.42 18.25 0.43
CA UNK E 27 -37.99 18.15 0.17
C UNK E 27 -37.71 16.82 -0.51
N UNK E 28 -36.57 16.75 -1.19
CA UNK E 28 -36.10 15.50 -1.79
C UNK E 28 -35.58 14.61 -0.67
N UNK E 29 -36.43 13.67 -0.23
CA UNK E 29 -36.14 12.92 0.98
C UNK E 29 -34.83 12.16 0.90
N UNK E 30 -34.41 11.76 -0.30
CA UNK E 30 -33.24 10.90 -0.45
C UNK E 30 -31.96 11.71 -0.52
N UNK E 31 -31.95 12.92 0.03
CA UNK E 31 -30.77 13.78 0.01
C UNK E 31 -30.21 14.03 1.40
N UNK E 32 -31.03 14.51 2.33
CA UNK E 32 -30.54 14.94 3.64
C UNK E 32 -30.74 13.84 4.67
N UNK E 33 -29.71 13.60 5.48
CA UNK E 33 -29.78 12.58 6.52
C UNK E 33 -30.82 12.96 7.58
N UNK E 34 -31.37 11.95 8.24
CA UNK E 34 -32.37 12.16 9.28
C UNK E 34 -31.78 11.75 10.62
N UNK E 35 -31.80 12.67 11.59
CA UNK E 35 -31.19 12.47 12.89
C UNK E 35 -32.29 12.43 13.95
N UNK E 36 -32.26 11.39 14.79
CA UNK E 36 -33.26 11.17 15.82
C UNK E 36 -32.64 11.35 17.19
N UNK E 37 -33.34 12.12 18.04
CA UNK E 37 -32.89 12.47 19.39
C UNK E 37 -34.00 12.20 20.39
N UNK E 38 -33.64 12.24 21.67
CA UNK E 38 -34.57 11.97 22.76
C UNK E 38 -34.46 13.05 23.83
N UNK E 39 -35.55 13.26 24.56
CA UNK E 39 -35.59 14.23 25.65
C UNK E 39 -36.43 13.67 26.77
N UNK E 40 -35.85 13.58 27.96
CA UNK E 40 -36.51 12.95 29.09
C UNK E 40 -37.53 13.91 29.71
N UNK E 41 -38.02 13.54 30.90
CA UNK E 41 -39.06 14.34 31.55
C UNK E 41 -38.52 15.70 32.00
N UNK E 42 -37.39 15.71 32.69
CA UNK E 42 -36.79 16.94 33.20
C UNK E 42 -35.29 16.93 32.97
N UNK E 43 -34.87 16.56 31.76
CA UNK E 43 -33.46 16.48 31.43
C UNK E 43 -33.20 17.24 30.13
N UNK E 44 -31.95 17.25 29.71
CA UNK E 44 -31.55 17.90 28.47
C UNK E 44 -31.74 16.93 27.30
N UNK E 45 -31.53 17.44 26.08
CA UNK E 45 -31.65 16.60 24.90
C UNK E 45 -30.46 15.66 24.80
N UNK E 46 -30.70 14.49 24.23
CA UNK E 46 -29.65 13.49 24.05
C UNK E 46 -29.83 12.84 22.69
N UNK E 47 -28.79 12.90 21.86
CA UNK E 47 -28.87 12.33 20.53
C UNK E 47 -28.98 10.82 20.59
N UNK E 48 -29.75 10.25 19.66
CA UNK E 48 -29.95 8.81 19.60
C UNK E 48 -29.25 8.18 18.40
N UNK E 49 -29.53 8.64 17.19
CA UNK E 49 -28.92 8.02 16.01
C UNK E 49 -29.14 8.90 14.79
N UNK E 50 -28.64 8.42 13.65
CA UNK E 50 -28.81 9.09 12.38
C UNK E 50 -28.85 8.05 11.27
N UNK E 51 -29.60 8.35 10.21
CA UNK E 51 -29.75 7.45 9.07
C UNK E 51 -29.65 8.25 7.79
N UNK E 52 -28.81 7.79 6.86
CA UNK E 52 -28.72 8.40 5.53
C UNK E 52 -29.81 7.82 4.65
N UNK E 53 -30.59 8.69 4.03
CA UNK E 53 -31.82 8.26 3.38
C UNK E 53 -31.55 7.33 2.20
N UNK E 54 -30.68 7.74 1.29
CA UNK E 54 -30.52 7.01 0.02
C UNK E 54 -29.74 5.72 0.23
N UNK E 55 -28.48 5.81 0.66
CA UNK E 55 -27.64 4.63 0.79
C UNK E 55 -28.05 3.74 1.95
N UNK E 56 -28.94 4.20 2.83
CA UNK E 56 -29.41 3.43 3.99
C UNK E 56 -28.26 3.09 4.94
N UNK E 57 -27.36 4.06 5.17
CA UNK E 57 -26.28 3.92 6.13
C UNK E 57 -26.69 4.58 7.43
N UNK E 58 -26.52 3.87 8.54
CA UNK E 58 -26.99 4.32 9.84
C UNK E 58 -25.85 4.30 10.86
N UNK E 59 -25.95 5.18 11.85
CA UNK E 59 -24.96 5.25 12.92
C UNK E 59 -25.66 5.66 14.21
N UNK E 60 -25.33 4.97 15.29
CA UNK E 60 -26.00 5.15 16.57
C UNK E 60 -24.98 5.30 17.69
N UNK E 61 -25.37 6.03 18.73
CA UNK E 61 -24.50 6.22 19.88
C UNK E 61 -24.29 4.92 20.63
N UNK E 62 -23.14 4.81 21.30
CA UNK E 62 -22.80 3.58 22.01
C UNK E 62 -23.80 3.28 23.11
N UNK E 63 -24.27 4.30 23.83
CA UNK E 63 -25.22 4.09 24.91
C UNK E 63 -26.59 3.64 24.44
N UNK E 64 -26.87 3.75 23.14
CA UNK E 64 -28.15 3.34 22.57
C UNK E 64 -27.96 2.47 21.34
N UNK E 65 -26.87 1.70 21.30
CA UNK E 65 -26.62 0.82 20.16
C UNK E 65 -27.37 -0.50 20.26
N UNK E 66 -27.86 -0.85 21.45
CA UNK E 66 -28.56 -2.11 21.66
C UNK E 66 -30.01 -1.91 22.07
N UNK E 67 -30.57 -0.73 21.83
CA UNK E 67 -31.95 -0.45 22.20
C UNK E 67 -32.78 0.19 21.11
N UNK E 68 -32.17 0.72 20.04
CA UNK E 68 -32.91 1.39 18.99
C UNK E 68 -32.40 0.92 17.64
N UNK E 69 -33.33 0.70 16.71
CA UNK E 69 -33.00 0.35 15.33
C UNK E 69 -33.70 1.33 14.40
N UNK E 70 -32.95 1.91 13.48
CA UNK E 70 -33.46 2.94 12.58
C UNK E 70 -33.52 2.40 11.16
N UNK E 71 -34.65 2.63 10.48
CA UNK E 71 -34.85 2.18 9.12
C UNK E 71 -35.57 3.27 8.33
N UNK E 72 -35.59 3.12 7.01
CA UNK E 72 -36.18 4.11 6.13
C UNK E 72 -37.05 3.42 5.09
N UNK E 73 -38.00 4.18 4.54
CA UNK E 73 -38.85 3.73 3.44
C UNK E 73 -38.93 4.90 2.46
N UNK E 74 -38.17 4.80 1.37
CA UNK E 74 -38.10 5.90 0.41
C UNK E 74 -39.40 6.04 -0.38
N UNK E 75 -40.03 4.91 -0.72
CA UNK E 75 -41.28 4.97 -1.48
C UNK E 75 -42.37 5.68 -0.68
N UNK E 76 -42.50 5.35 0.61
CA UNK E 76 -43.45 6.02 1.48
C UNK E 76 -42.89 7.29 2.09
N UNK E 77 -41.59 7.58 1.88
CA UNK E 77 -40.94 8.78 2.40
C UNK E 77 -41.07 8.88 3.92
N UNK E 78 -40.75 7.79 4.61
CA UNK E 78 -40.88 7.74 6.05
C UNK E 78 -39.59 7.25 6.68
N UNK E 79 -39.34 7.70 7.90
CA UNK E 79 -38.19 7.26 8.69
C UNK E 79 -38.72 6.66 9.99
N UNK E 80 -38.37 5.41 10.26
CA UNK E 80 -38.94 4.66 11.36
C UNK E 80 -37.85 4.31 12.37
N UNK E 81 -38.22 4.38 13.65
CA UNK E 81 -37.37 3.95 14.74
C UNK E 81 -38.10 2.91 15.56
N UNK E 82 -37.38 1.88 16.00
CA UNK E 82 -37.95 0.80 16.78
C UNK E 82 -37.16 0.63 18.06
N UNK E 83 -37.86 0.64 19.19
CA UNK E 83 -37.26 0.49 20.50
C UNK E 83 -37.59 -0.89 21.07
N UNK E 84 -36.57 -1.64 21.44
CA UNK E 84 -36.71 -3.01 21.90
C UNK E 84 -36.57 -3.08 23.41
N UNK E 85 -37.44 -3.88 24.04
CA UNK E 85 -37.44 -4.10 25.48
C UNK E 85 -37.56 -2.78 26.24
N UNK E 86 -38.69 -2.12 26.04
CA UNK E 86 -38.96 -0.86 26.73
C UNK E 86 -39.01 -1.08 28.24
N UNK E 87 -38.32 -0.23 28.98
CA UNK E 87 -38.26 -0.28 30.44
C UNK E 87 -38.97 0.94 31.02
N UNK E 88 -38.89 1.07 32.34
CA UNK E 88 -39.49 2.23 33.00
C UNK E 88 -38.70 3.51 32.75
N UNK E 89 -37.44 3.38 32.32
CA UNK E 89 -36.60 4.54 32.04
C UNK E 89 -36.65 4.98 30.58
N UNK E 90 -37.40 4.28 29.74
CA UNK E 90 -37.55 4.62 28.32
C UNK E 90 -38.83 5.39 28.05
N UNK E 91 -39.25 6.22 29.00
CA UNK E 91 -40.43 7.08 28.84
C UNK E 91 -39.94 8.51 28.64
N UNK E 92 -39.87 8.94 27.38
CA UNK E 92 -39.32 10.24 27.04
C UNK E 92 -39.78 10.61 25.64
N UNK E 93 -39.87 11.92 25.39
CA UNK E 93 -40.31 12.37 24.07
C UNK E 93 -39.19 12.21 23.06
N UNK E 94 -39.48 11.53 21.95
CA UNK E 94 -38.51 11.28 20.90
C UNK E 94 -38.80 12.15 19.70
N UNK E 95 -37.79 12.87 19.21
CA UNK E 95 -37.94 13.82 18.13
C UNK E 95 -37.04 13.45 16.97
N UNK E 96 -37.42 13.91 15.78
CA UNK E 96 -36.68 13.66 14.55
C UNK E 96 -36.44 14.97 13.83
N UNK E 97 -35.29 15.08 13.17
CA UNK E 97 -34.93 16.32 12.50
C UNK E 97 -34.09 16.01 11.27
N UNK E 98 -33.96 17.01 10.39
CA UNK E 98 -33.20 16.88 9.16
C UNK E 98 -31.98 17.79 9.22
N UNK E 99 -30.84 17.28 8.77
CA UNK E 99 -29.61 18.06 8.78
C UNK E 99 -29.70 19.22 7.80
N UNK E 100 -29.12 20.36 8.20
CA UNK E 100 -29.11 21.53 7.33
C UNK E 100 -28.29 21.27 6.07
N UNK E 101 -27.00 20.98 6.25
CA UNK E 101 -26.20 20.48 5.13
C UNK E 101 -26.61 19.04 4.83
N UNK E 102 -26.21 18.56 3.66
CA UNK E 102 -26.73 17.29 3.17
C UNK E 102 -26.32 16.14 4.08
N UNK E 103 -25.05 16.04 4.44
CA UNK E 103 -24.60 14.94 5.28
C UNK E 103 -23.43 15.38 6.14
N UNK E 104 -23.29 14.73 7.30
CA UNK E 104 -22.14 14.81 8.19
C UNK E 104 -21.97 16.16 8.87
N UNK E 105 -22.94 17.06 8.76
CA UNK E 105 -22.82 18.36 9.40
C UNK E 105 -23.32 18.35 10.84
N UNK E 106 -24.32 17.52 11.14
CA UNK E 106 -24.89 17.36 12.47
C UNK E 106 -25.58 18.62 12.99
N UNK E 107 -25.99 19.52 12.10
CA UNK E 107 -26.75 20.71 12.47
C UNK E 107 -28.15 20.56 11.90
N UNK E 108 -29.12 20.33 12.77
CA UNK E 108 -30.49 20.00 12.36
C UNK E 108 -31.31 21.27 12.20
N UNK E 109 -31.89 21.47 11.02
CA UNK E 109 -32.61 22.69 10.70
C UNK E 109 -34.08 22.61 11.07
N UNK E 110 -34.81 21.66 10.51
CA UNK E 110 -36.23 21.49 10.74
C UNK E 110 -36.47 20.26 11.59
N UNK E 111 -37.24 20.41 12.66
CA UNK E 111 -37.52 19.34 13.61
C UNK E 111 -38.99 18.94 13.53
N UNK E 112 -39.36 17.96 14.36
CA UNK E 112 -40.71 17.40 14.38
C UNK E 112 -41.38 17.68 15.71
N UNK E 113 -42.67 17.34 15.79
CA UNK E 113 -43.47 17.59 16.97
C UNK E 113 -43.24 16.59 18.09
N UNK E 114 -42.50 15.50 17.82
CA UNK E 114 -42.10 14.51 18.81
C UNK E 114 -43.27 13.66 19.29
N UNK E 115 -42.98 12.41 19.67
CA UNK E 115 -43.96 11.45 20.15
C UNK E 115 -43.59 11.00 21.55
N UNK E 116 -44.58 10.90 22.43
CA UNK E 116 -44.36 10.56 23.83
C UNK E 116 -44.38 9.05 23.99
N UNK E 117 -43.26 8.42 23.67
CA UNK E 117 -43.13 6.97 23.79
C UNK E 117 -42.84 6.56 25.22
N UNK F 1 -14.97 11.82 23.46
CA UNK F 1 -15.73 12.77 22.66
C UNK F 1 -15.48 14.20 23.14
N UNK F 2 -16.14 15.15 22.48
CA UNK F 2 -16.02 16.57 22.83
C UNK F 2 -17.22 16.95 23.69
N UNK F 3 -17.00 17.07 25.00
CA UNK F 3 -18.07 17.37 25.95
C UNK F 3 -18.26 18.87 26.01
N UNK F 4 -19.43 19.34 25.59
CA UNK F 4 -19.74 20.76 25.58
C UNK F 4 -20.45 21.14 26.88
N UNK F 5 -19.90 22.10 27.60
CA UNK F 5 -20.42 22.51 28.91
C UNK F 5 -20.83 23.97 28.86
N UNK F 6 -22.08 24.26 29.25
CA UNK F 6 -22.60 25.61 29.28
C UNK F 6 -22.54 26.14 30.70
N UNK F 7 -22.06 27.37 30.85
CA UNK F 7 -21.65 27.87 32.16
C UNK F 7 -22.84 28.31 33.02
N UNK F 8 -23.55 29.35 32.59
CA UNK F 8 -24.61 29.94 33.42
C UNK F 8 -25.80 28.99 33.44
N UNK F 9 -25.92 28.20 34.50
CA UNK F 9 -26.97 27.18 34.57
C UNK F 9 -28.37 27.78 34.67
N UNK F 10 -28.49 29.05 35.06
CA UNK F 10 -29.78 29.72 35.15
C UNK F 10 -29.60 31.22 35.23
N UNK F 11 -30.36 31.97 34.44
CA UNK F 11 -30.28 33.42 34.41
C UNK F 11 -31.66 34.02 34.62
N UNK F 12 -31.67 35.26 35.10
CA UNK F 12 -32.92 35.97 35.37
C UNK F 12 -32.66 37.46 35.20
N UNK F 13 -33.16 38.03 34.11
CA UNK F 13 -32.95 39.44 33.81
C UNK F 13 -34.26 40.09 33.39
N UNK F 14 -34.34 41.40 33.61
CA UNK F 14 -35.53 42.15 33.24
C UNK F 14 -35.47 42.53 31.76
N UNK F 15 -36.53 43.20 31.30
CA UNK F 15 -36.58 43.65 29.92
C UNK F 15 -35.57 44.78 29.69
N UNK F 16 -35.19 44.95 28.42
CA UNK F 16 -34.27 45.96 27.92
C UNK F 16 -32.83 45.75 28.40
N UNK F 17 -32.57 44.73 29.21
CA UNK F 17 -31.22 44.44 29.64
C UNK F 17 -30.57 43.40 28.73
N UNK F 18 -29.25 43.29 28.82
CA UNK F 18 -28.49 42.35 28.02
C UNK F 18 -28.29 41.05 28.79
N UNK F 19 -28.38 39.93 28.08
CA UNK F 19 -28.14 38.62 28.66
C UNK F 19 -27.01 37.95 27.91
N UNK F 20 -26.10 37.32 28.65
CA UNK F 20 -24.94 36.67 28.07
C UNK F 20 -24.81 35.25 28.60
N UNK F 21 -24.42 34.33 27.71
CA UNK F 21 -24.22 32.94 28.08
C UNK F 21 -22.97 32.43 27.38
N UNK F 22 -22.34 31.41 27.95
CA UNK F 22 -21.07 30.90 27.46
C UNK F 22 -21.17 29.40 27.23
N UNK F 23 -20.33 28.91 26.31
CA UNK F 23 -20.23 27.48 26.05
C UNK F 23 -18.79 27.15 25.67
N UNK F 24 -18.17 26.24 26.42
CA UNK F 24 -16.79 25.87 26.21
C UNK F 24 -16.71 24.39 25.85
N UNK F 25 -16.07 24.09 24.73
CA UNK F 25 -15.88 22.71 24.29
C UNK F 25 -14.65 22.09 24.96
N UNK F 26 -14.51 20.79 24.78
CA UNK F 26 -13.34 20.06 25.24
C UNK F 26 -12.30 19.87 24.15
N UNK F 27 -12.53 20.44 22.97
CA UNK F 27 -11.56 20.45 21.89
C UNK F 27 -11.87 21.63 20.98
N UNK F 28 -10.86 22.06 20.23
CA UNK F 28 -11.03 23.19 19.33
C UNK F 28 -12.02 22.84 18.22
N UNK F 29 -12.90 23.79 17.91
CA UNK F 29 -13.93 23.61 16.90
C UNK F 29 -13.73 24.52 15.69
N UNK F 30 -12.49 24.85 15.37
CA UNK F 30 -12.16 25.72 14.26
C UNK F 30 -11.47 24.92 13.17
N UNK F 31 -11.98 25.04 11.93
CA UNK F 31 -11.35 24.39 10.79
C UNK F 31 -10.11 25.17 10.38
N UNK F 32 -9.00 24.46 10.16
CA UNK F 32 -7.76 25.12 9.81
C UNK F 32 -7.85 25.81 8.46
N UNK F 33 -8.53 25.19 7.49
CA UNK F 33 -8.54 25.72 6.13
C UNK F 33 -9.71 26.68 5.91
N UNK F 34 -10.91 26.30 6.36
CA UNK F 34 -12.07 27.17 6.20
C UNK F 34 -12.05 28.36 7.15
N UNK F 35 -11.30 28.26 8.24
CA UNK F 35 -11.21 29.33 9.25
C UNK F 35 -12.59 29.69 9.80
N UNK F 36 -13.44 28.68 9.98
CA UNK F 36 -14.80 28.86 10.48
C UNK F 36 -15.01 27.97 11.69
N UNK F 37 -15.49 28.56 12.78
CA UNK F 37 -15.80 27.82 13.99
C UNK F 37 -17.16 27.15 13.85
N UNK F 38 -17.21 25.84 14.06
CA UNK F 38 -18.40 25.04 13.79
C UNK F 38 -19.10 24.72 15.10
N UNK F 39 -20.00 25.62 15.51
CA UNK F 39 -20.86 25.41 16.67
C UNK F 39 -22.26 25.90 16.36
N UNK F 40 -23.26 25.22 16.92
CA UNK F 40 -24.65 25.57 16.68
C UNK F 40 -25.34 25.90 17.99
N UNK F 41 -26.28 26.83 17.95
CA UNK F 41 -27.03 27.26 19.13
C UNK F 41 -28.51 27.24 18.81
N UNK F 42 -29.29 26.58 19.67
CA UNK F 42 -30.72 26.39 19.49
C UNK F 42 -31.47 26.87 20.72
N UNK F 43 -32.74 27.22 20.53
CA UNK F 43 -33.60 27.73 21.60
C UNK F 43 -34.90 26.95 21.62
N UNK F 44 -35.15 26.21 22.69
CA UNK F 44 -36.37 25.44 22.86
C UNK F 44 -37.30 26.19 23.81
N UNK F 45 -38.53 26.41 23.37
CA UNK F 45 -39.51 27.15 24.16
C UNK F 45 -40.08 26.24 25.25
N UNK F 46 -41.17 26.69 25.89
CA UNK F 46 -41.72 25.96 27.02
C UNK F 46 -42.16 24.56 26.63
N UNK F 47 -42.96 24.45 25.56
CA UNK F 47 -43.45 23.15 25.10
C UNK F 47 -43.23 22.93 23.62
N UNK F 48 -42.75 23.93 22.88
CA UNK F 48 -42.52 23.78 21.45
C UNK F 48 -41.27 22.95 21.20
N UNK F 49 -41.10 22.55 19.94
CA UNK F 49 -39.91 21.81 19.55
C UNK F 49 -38.70 22.74 19.51
N UNK F 50 -37.52 22.14 19.61
CA UNK F 50 -36.29 22.91 19.55
C UNK F 50 -36.10 23.50 18.15
N UNK F 51 -35.67 24.76 18.10
CA UNK F 51 -35.49 25.46 16.84
C UNK F 51 -34.07 26.02 16.77
N UNK F 52 -33.39 25.79 15.65
CA UNK F 52 -32.05 26.31 15.48
C UNK F 52 -32.06 27.83 15.39
N UNK F 53 -31.12 28.47 16.07
CA UNK F 53 -31.00 29.92 16.08
C UNK F 53 -29.74 30.42 15.38
N UNK F 54 -28.58 29.89 15.73
CA UNK F 54 -27.32 30.34 15.15
C UNK F 54 -26.49 29.15 14.68
N UNK F 55 -25.88 29.30 13.51
CA UNK F 55 -25.03 28.29 12.92
C UNK F 55 -23.66 28.88 12.61
N UNK F 56 -22.64 28.03 12.65
CA UNK F 56 -21.25 28.41 12.39
C UNK F 56 -20.77 29.50 13.34
N UNK F 57 -21.42 29.63 14.50
CA UNK F 57 -21.04 30.49 15.62
C UNK F 57 -21.27 31.97 15.37
N UNK F 58 -21.61 32.39 14.15
CA UNK F 58 -21.89 33.79 13.90
C UNK F 58 -23.09 34.08 13.01
N UNK F 59 -23.64 33.08 12.32
CA UNK F 59 -24.69 33.31 11.32
C UNK F 59 -26.04 32.92 11.89
N UNK F 60 -27.05 33.76 11.62
CA UNK F 60 -28.41 33.53 12.09
C UNK F 60 -29.23 32.85 11.00
N UNK F 61 -30.04 31.87 11.41
CA UNK F 61 -30.75 31.02 10.47
C UNK F 61 -32.18 31.50 10.24
N UNK F 62 -32.56 31.60 8.97
CA UNK F 62 -33.94 31.86 8.53
C UNK F 62 -34.39 33.20 9.11
N UNK F 63 -35.53 33.29 9.78
CA UNK F 63 -36.10 34.55 10.24
C UNK F 63 -35.83 34.80 11.72
N UNK F 64 -34.66 34.42 12.21
CA UNK F 64 -34.30 34.73 13.59
C UNK F 64 -34.15 36.24 13.75
N UNK F 65 -34.54 36.74 14.92
CA UNK F 65 -34.50 38.17 15.17
C UNK F 65 -33.06 38.67 15.17
N UNK F 66 -32.92 40.00 15.00
CA UNK F 66 -31.61 40.63 14.90
C UNK F 66 -31.06 41.07 16.24
N UNK F 67 -31.75 40.79 17.34
CA UNK F 67 -31.28 41.14 18.66
C UNK F 67 -30.40 40.07 19.29
N UNK F 68 -30.27 38.91 18.66
CA UNK F 68 -29.45 37.82 19.16
C UNK F 68 -28.17 37.73 18.36
N UNK F 69 -27.05 37.56 19.06
CA UNK F 69 -25.75 37.49 18.40
C UNK F 69 -24.87 36.47 19.11
N UNK F 70 -23.83 36.02 18.40
CA UNK F 70 -22.87 35.10 18.97
C UNK F 70 -21.47 35.54 18.57
N UNK F 71 -20.49 35.18 19.39
CA UNK F 71 -19.13 35.66 19.19
C UNK F 71 -18.15 34.70 19.85
N UNK F 72 -16.87 35.07 19.79
CA UNK F 72 -15.73 34.31 20.30
C UNK F 72 -15.42 33.12 19.41
N UNK F 73 -14.25 32.52 19.60
CA UNK F 73 -13.76 31.46 18.72
C UNK F 73 -12.93 30.50 19.55
N UNK F 74 -12.15 29.65 18.85
CA UNK F 74 -11.32 28.62 19.45
C UNK F 74 -12.17 27.58 20.18
N UNK F 75 -12.06 27.53 21.51
CA UNK F 75 -12.76 26.53 22.31
C UNK F 75 -13.63 27.17 23.39
N UNK F 76 -14.08 28.40 23.17
CA UNK F 76 -14.97 29.06 24.13
C UNK F 76 -15.79 30.11 23.37
N UNK F 77 -17.04 29.77 23.06
CA UNK F 77 -17.93 30.66 22.33
C UNK F 77 -18.95 31.27 23.29
N UNK F 78 -19.54 32.39 22.86
CA UNK F 78 -20.49 33.11 23.71
C UNK F 78 -21.69 33.55 22.87
N UNK F 79 -22.84 33.66 23.54
CA UNK F 79 -24.06 34.17 22.94
C UNK F 79 -24.60 35.32 23.77
N UNK F 80 -25.25 36.27 23.11
CA UNK F 80 -25.72 37.47 23.78
C UNK F 80 -27.02 37.94 23.15
N UNK F 81 -28.02 38.16 24.00
CA UNK F 81 -29.26 38.82 23.61
C UNK F 81 -29.20 40.26 24.10
N UNK F 82 -29.24 41.21 23.17
CA UNK F 82 -29.02 42.61 23.53
C UNK F 82 -30.20 43.18 24.29
N UNK F 83 -31.37 43.22 23.67
CA UNK F 83 -32.57 43.80 24.27
C UNK F 83 -33.54 42.65 24.56
N UNK F 84 -33.48 42.13 25.78
CA UNK F 84 -34.34 41.02 26.17
C UNK F 84 -35.80 41.45 26.17
N UNK F 85 -36.66 40.59 25.63
CA UNK F 85 -38.09 40.82 25.58
C UNK F 85 -38.80 39.84 26.50
N UNK F 86 -40.11 40.03 26.64
CA UNK F 86 -40.89 39.16 27.51
C UNK F 86 -41.12 37.78 26.91
N UNK F 87 -40.98 37.64 25.59
CA UNK F 87 -41.22 36.38 24.91
C UNK F 87 -39.94 35.60 24.65
N UNK F 88 -38.79 36.07 25.12
CA UNK F 88 -37.52 35.40 24.91
C UNK F 88 -37.21 34.34 25.95
N UNK F 89 -38.11 34.11 26.90
CA UNK F 89 -37.88 33.11 27.94
C UNK F 89 -37.98 31.72 27.33
N UNK F 90 -36.88 30.97 27.41
CA UNK F 90 -36.79 29.62 26.85
C UNK F 90 -35.54 28.97 27.43
N UNK F 91 -35.18 27.80 26.90
CA UNK F 91 -33.94 27.12 27.25
C UNK F 91 -33.01 27.12 26.05
N UNK F 92 -31.79 27.61 26.24
CA UNK F 92 -30.83 27.76 25.16
C UNK F 92 -29.76 26.68 25.27
N UNK F 93 -29.57 25.92 24.19
CA UNK F 93 -28.64 24.81 24.16
C UNK F 93 -27.64 24.98 23.02
N UNK F 94 -26.52 24.29 23.12
CA UNK F 94 -25.44 24.38 22.15
C UNK F 94 -25.01 22.98 21.72
N UNK F 95 -24.49 22.89 20.50
CA UNK F 95 -24.09 21.61 19.94
C UNK F 95 -22.85 21.78 19.07
N UNK F 96 -22.11 20.69 18.92
CA UNK F 96 -20.90 20.65 18.11
C UNK F 96 -21.24 20.09 16.73
N UNK F 97 -20.96 20.87 15.69
CA UNK F 97 -21.24 20.48 14.32
C UNK F 97 -19.99 20.02 13.57
N UNK F 98 -18.90 19.75 14.27
CA UNK F 98 -17.65 19.34 13.65
C UNK F 98 -17.27 17.89 13.97
N UNK F 99 -17.51 17.42 15.19
CA UNK F 99 -17.07 16.10 15.60
C UNK F 99 -18.00 15.03 15.04
N UNK F 100 -17.79 13.79 15.45
CA UNK F 100 -18.49 12.64 14.88
C UNK F 100 -19.82 12.37 15.58
N UNK F 101 -19.80 12.27 16.91
CA UNK F 101 -21.03 12.13 17.70
C UNK F 101 -21.45 13.51 18.16
N UNK F 102 -22.57 14.00 17.62
CA UNK F 102 -22.98 15.38 17.86
C UNK F 102 -23.51 15.58 19.27
N UNK F 103 -22.62 15.90 20.20
CA UNK F 103 -23.00 16.06 21.60
C UNK F 103 -23.58 17.44 21.84
N UNK F 104 -24.66 17.50 22.62
CA UNK F 104 -25.34 18.74 22.95
C UNK F 104 -24.94 19.22 24.34
N UNK F 105 -25.26 20.48 24.62
CA UNK F 105 -24.88 21.12 25.87
C UNK F 105 -25.86 20.71 26.97
N UNK F 106 -25.78 21.39 28.12
CA UNK F 106 -26.64 21.09 29.26
C UNK F 106 -27.66 22.19 29.54
N UNK F 107 -27.88 23.10 28.58
CA UNK F 107 -28.92 24.12 28.63
C UNK F 107 -28.63 25.22 29.63
N UNK F 108 -29.21 26.40 29.40
CA UNK F 108 -29.06 27.57 30.27
C UNK F 108 -30.43 28.27 30.31
N UNK F 109 -31.26 27.88 31.26
CA UNK F 109 -32.64 28.37 31.31
C UNK F 109 -32.68 29.84 31.67
N UNK F 110 -33.40 30.62 30.86
CA UNK F 110 -33.56 32.05 31.09
C UNK F 110 -34.98 32.33 31.57
N UNK F 111 -35.10 33.23 32.55
CA UNK F 111 -36.39 33.61 33.11
C UNK F 111 -36.51 35.12 33.08
N UNK F 112 -37.56 35.64 33.70
CA UNK F 112 -37.81 37.07 33.73
C UNK F 112 -38.32 37.52 35.09
N UNK G 1 -4.94 -8.60 30.26
CA UNK G 1 -4.60 -7.26 30.72
C UNK G 1 -3.11 -7.14 30.98
N UNK G 2 -2.51 -6.06 30.48
CA UNK G 2 -1.08 -5.86 30.63
C UNK G 2 -0.68 -5.82 32.10
N UNK G 3 0.35 -6.58 32.46
CA UNK G 3 0.83 -6.64 33.83
C UNK G 3 2.31 -6.36 33.86
N UNK G 4 2.71 -5.38 34.67
CA UNK G 4 4.12 -5.03 34.86
C UNK G 4 4.48 -5.24 36.32
N UNK G 5 5.51 -6.04 36.57
CA UNK G 5 5.93 -6.39 37.92
C UNK G 5 7.29 -5.75 38.18
N UNK G 6 7.27 -4.50 38.63
CA UNK G 6 8.48 -3.70 38.82
C UNK G 6 8.99 -3.91 40.24
N UNK G 7 9.97 -4.79 40.40
CA UNK G 7 10.54 -5.05 41.73
C UNK G 7 12.00 -5.45 41.58
N UNK G 8 12.90 -4.46 41.69
CA UNK G 8 14.32 -4.80 41.83
C UNK G 8 15.09 -3.86 42.76
N UNK G 9 14.42 -3.15 43.67
CA UNK G 9 15.08 -2.10 44.44
C UNK G 9 14.78 -2.24 45.92
N UNK G 10 15.59 -1.56 46.72
CA UNK G 10 15.48 -1.56 48.18
C UNK G 10 16.35 -0.41 48.71
N UNK G 11 16.57 -0.40 50.02
CA UNK G 11 17.36 0.67 50.63
C UNK G 11 18.81 0.61 50.19
N UNK G 12 19.43 1.79 50.07
CA UNK G 12 20.82 1.91 49.68
C UNK G 12 21.56 2.83 50.63
N UNK G 13 22.79 3.20 50.29
CA UNK G 13 23.59 4.13 51.06
C UNK G 13 23.77 5.43 50.31
N UNK G 14 24.21 6.46 51.02
CA UNK G 14 24.45 7.76 50.40
C UNK G 14 25.56 7.63 49.37
N UNK G 15 25.33 8.25 48.20
CA UNK G 15 26.24 8.25 47.06
C UNK G 15 26.47 6.86 46.47
N UNK G 16 25.61 5.90 46.76
CA UNK G 16 25.72 4.57 46.19
C UNK G 16 24.92 4.51 44.90
N UNK G 17 24.72 3.31 44.35
CA UNK G 17 24.02 3.14 43.10
C UNK G 17 23.08 1.96 43.19
N UNK G 18 22.04 1.97 42.34
CA UNK G 18 21.07 0.89 42.29
C UNK G 18 20.61 0.72 40.85
N UNK G 19 20.01 -0.43 40.56
CA UNK G 19 19.55 -0.76 39.21
C UNK G 19 18.21 -1.50 39.32
N UNK G 20 17.12 -0.75 39.19
CA UNK G 20 15.79 -1.32 39.27
C UNK G 20 15.36 -1.86 37.92
N UNK G 21 14.52 -2.90 37.96
CA UNK G 21 14.08 -3.58 36.75
C UNK G 21 12.58 -3.81 36.81
N UNK G 22 11.99 -4.01 35.63
CA UNK G 22 10.56 -4.25 35.51
C UNK G 22 10.31 -5.22 34.37
N UNK G 23 9.48 -6.22 34.62
CA UNK G 23 9.13 -7.23 33.63
C UNK G 23 7.65 -7.08 33.26
N UNK G 24 7.37 -7.04 31.95
CA UNK G 24 6.04 -6.76 31.44
C UNK G 24 5.48 -7.98 30.71
N UNK G 25 4.16 -8.11 30.74
CA UNK G 25 3.50 -9.25 30.11
C UNK G 25 2.11 -8.84 29.63
N UNK G 26 1.56 -9.68 28.75
CA UNK G 26 0.23 -9.54 28.16
C UNK G 26 0.18 -8.40 27.14
N UNK G 27 1.29 -8.13 26.47
CA UNK G 27 1.34 -7.13 25.42
C UNK G 27 2.55 -7.41 24.54
N UNK G 28 2.55 -6.80 23.35
CA UNK G 28 3.72 -6.81 22.49
C UNK G 28 4.70 -5.76 23.02
N UNK G 29 5.87 -6.22 23.48
CA UNK G 29 6.78 -5.31 24.18
C UNK G 29 7.27 -4.19 23.26
N UNK G 30 7.61 -4.52 22.03
CA UNK G 30 8.13 -3.50 21.10
C UNK G 30 7.00 -2.80 20.35
N UNK G 31 6.00 -2.35 21.12
CA UNK G 31 4.95 -1.48 20.59
C UNK G 31 4.50 -0.45 21.62
N UNK G 32 5.12 -0.40 22.80
CA UNK G 32 4.72 0.49 23.88
C UNK G 32 5.92 1.26 24.38
N UNK G 33 5.70 2.51 24.78
CA UNK G 33 6.78 3.40 25.20
C UNK G 33 6.80 3.46 26.72
N UNK G 34 7.56 2.55 27.32
CA UNK G 34 7.59 2.41 28.77
C UNK G 34 8.25 3.63 29.42
N UNK G 35 7.83 3.92 30.66
CA UNK G 35 8.30 5.10 31.38
C UNK G 35 8.30 4.80 32.88
N UNK G 36 8.90 5.72 33.64
CA UNK G 36 9.03 5.58 35.09
C UNK G 36 8.52 6.82 35.80
N UNK G 37 8.08 6.64 37.04
CA UNK G 37 7.56 7.74 37.85
C UNK G 37 7.95 7.51 39.31
N UNK G 38 7.95 8.57 40.10
CA UNK G 38 8.35 8.52 41.50
C UNK G 38 7.30 9.21 42.37
N UNK G 39 6.88 8.54 43.44
CA UNK G 39 5.99 9.11 44.43
C UNK G 39 6.77 9.28 45.73
N UNK G 40 6.88 10.52 46.20
CA UNK G 40 7.71 10.82 47.35
C UNK G 40 7.05 10.29 48.64
N UNK G 41 7.71 10.55 49.77
CA UNK G 41 7.19 10.10 51.05
C UNK G 41 5.94 10.87 51.48
N UNK G 42 5.68 12.02 50.87
CA UNK G 42 4.51 12.82 51.19
C UNK G 42 3.35 12.58 50.23
N UNK G 43 3.39 11.48 49.47
CA UNK G 43 2.37 11.11 48.49
C UNK G 43 2.25 12.12 47.35
N UNK G 44 3.35 12.76 46.96
CA UNK G 44 3.38 13.66 45.83
C UNK G 44 4.13 12.99 44.69
N UNK G 45 3.48 12.84 43.54
CA UNK G 45 4.04 12.11 42.43
C UNK G 45 4.88 13.03 41.54
N UNK G 46 5.76 12.41 40.76
CA UNK G 46 6.63 13.12 39.83
C UNK G 46 7.02 12.17 38.71
N UNK G 47 7.66 12.71 37.68
CA UNK G 47 8.10 11.93 36.53
C UNK G 47 9.62 11.87 36.49
N UNK G 48 10.16 10.73 36.07
CA UNK G 48 11.59 10.52 36.02
C UNK G 48 12.15 10.39 34.61
N UNK G 49 11.63 9.48 33.80
CA UNK G 49 12.17 9.28 32.45
C UNK G 49 11.18 8.46 31.63
N UNK G 50 11.41 8.46 30.31
CA UNK G 50 10.60 7.72 29.36
C UNK G 50 11.51 7.15 28.28
N UNK G 51 11.05 6.11 27.60
CA UNK G 51 11.83 5.48 26.55
C UNK G 51 10.97 5.28 25.31
N UNK G 52 11.63 5.32 24.15
CA UNK G 52 10.94 5.14 22.88
C UNK G 52 10.55 3.67 22.70
N UNK G 53 9.93 3.38 21.56
CA UNK G 53 9.44 2.02 21.31
C UNK G 53 10.58 1.02 21.20
N UNK G 54 11.75 1.45 20.74
CA UNK G 54 12.92 0.59 20.66
C UNK G 54 14.17 1.37 21.09
N UNK G 55 14.05 2.10 22.20
CA UNK G 55 15.13 2.94 22.72
C UNK G 55 15.51 4.02 21.72
N UNK G 56 16.71 4.57 21.86
CA UNK G 56 17.28 5.66 21.06
C UNK G 56 16.65 7.02 21.38
N UNK G 57 15.63 7.08 22.23
CA UNK G 57 15.09 8.34 22.72
C UNK G 57 15.03 8.27 24.24
N UNK G 58 15.54 9.31 24.91
CA UNK G 58 15.75 9.27 26.34
C UNK G 58 14.82 10.20 27.11
N UNK G 59 14.80 11.49 26.80
CA UNK G 59 13.89 12.46 27.41
C UNK G 59 13.85 12.30 28.93
N UNK G 60 14.99 12.56 29.56
CA UNK G 60 15.13 12.43 31.00
C UNK G 60 14.74 13.73 31.70
N UNK G 61 14.62 13.66 33.02
CA UNK G 61 14.22 14.81 33.81
C UNK G 61 15.36 15.82 33.90
N UNK G 62 15.04 17.00 34.43
CA UNK G 62 16.04 18.06 34.53
C UNK G 62 17.04 17.80 35.65
N UNK G 63 16.58 17.31 36.80
CA UNK G 63 17.45 17.16 37.95
C UNK G 63 18.21 15.84 37.96
N UNK G 64 17.63 14.79 37.38
CA UNK G 64 18.23 13.46 37.38
C UNK G 64 18.85 13.09 36.04
N UNK G 65 19.26 14.08 35.25
CA UNK G 65 19.74 13.80 33.90
C UNK G 65 21.07 13.07 33.91
N UNK G 66 22.03 13.56 34.69
CA UNK G 66 23.37 12.97 34.67
C UNK G 66 23.51 11.78 35.61
N UNK G 67 22.54 11.54 36.49
CA UNK G 67 22.63 10.44 37.44
C UNK G 67 21.89 9.20 36.97
N UNK G 68 20.66 9.37 36.48
CA UNK G 68 19.82 8.25 36.08
C UNK G 68 20.02 7.91 34.61
N UNK G 69 19.75 6.65 34.27
CA UNK G 69 19.83 6.19 32.89
C UNK G 69 18.81 5.08 32.66
N UNK G 70 18.00 5.22 31.61
CA UNK G 70 16.97 4.27 31.28
C UNK G 70 17.42 3.36 30.15
N UNK G 71 16.88 2.14 30.12
CA UNK G 71 17.24 1.19 29.07
C UNK G 71 16.14 0.14 28.96
N UNK G 72 16.15 -0.58 27.84
CA UNK G 72 15.16 -1.61 27.58
C UNK G 72 15.86 -2.84 27.00
N UNK G 73 15.22 -3.98 27.16
CA UNK G 73 15.64 -5.23 26.53
C UNK G 73 14.39 -5.84 25.91
N UNK G 74 14.20 -5.62 24.61
CA UNK G 74 13.00 -6.08 23.94
C UNK G 74 13.01 -7.60 23.74
N UNK G 75 14.21 -8.20 23.61
CA UNK G 75 14.29 -9.64 23.51
C UNK G 75 13.94 -10.30 24.83
N UNK G 76 14.53 -9.82 25.93
CA UNK G 76 14.19 -10.33 27.26
C UNK G 76 12.95 -9.68 27.84
N UNK G 77 12.42 -8.63 27.19
CA UNK G 77 11.21 -7.95 27.63
C UNK G 77 11.35 -7.45 29.07
N UNK G 78 12.29 -6.55 29.27
CA UNK G 78 12.51 -5.98 30.59
C UNK G 78 13.02 -4.55 30.49
N UNK G 79 12.39 -3.65 31.23
CA UNK G 79 12.86 -2.28 31.34
C UNK G 79 13.77 -2.14 32.55
N UNK G 80 14.74 -1.23 32.45
CA UNK G 80 15.73 -1.08 33.51
C UNK G 80 16.04 0.39 33.71
N UNK G 81 16.17 0.81 34.98
CA UNK G 81 16.57 2.16 35.33
C UNK G 81 17.72 2.07 36.31
N UNK G 82 18.85 2.70 35.97
CA UNK G 82 20.04 2.67 36.79
C UNK G 82 20.27 4.06 37.37
N UNK G 83 20.35 4.15 38.69
CA UNK G 83 20.68 5.37 39.40
C UNK G 83 22.10 5.26 39.92
N UNK G 84 22.94 6.24 39.58
CA UNK G 84 24.38 6.17 39.82
C UNK G 84 24.82 6.96 41.04
N UNK G 85 24.48 8.25 41.09
CA UNK G 85 24.96 9.15 42.13
C UNK G 85 23.89 9.46 43.16
N UNK G 86 23.10 8.46 43.54
CA UNK G 86 21.94 8.66 44.40
C UNK G 86 22.30 9.46 45.65
N UNK G 87 21.36 10.27 46.11
CA UNK G 87 21.55 11.16 47.25
C UNK G 87 20.47 10.89 48.28
N UNK G 88 20.38 11.77 49.28
CA UNK G 88 19.40 11.62 50.35
C UNK G 88 18.03 12.17 49.99
N UNK G 89 17.90 12.81 48.83
CA UNK G 89 16.65 13.45 48.44
C UNK G 89 15.80 12.60 47.49
N UNK G 90 16.24 11.40 47.13
CA UNK G 90 15.41 10.58 46.24
C UNK G 90 14.34 9.84 47.05
N UNK G 91 14.76 8.88 47.88
CA UNK G 91 13.95 8.28 48.95
C UNK G 91 12.47 8.14 48.62
N UNK G 92 12.14 7.71 47.40
CA UNK G 92 10.75 7.70 46.95
C UNK G 92 10.41 6.36 46.32
N UNK G 93 9.11 6.05 46.31
CA UNK G 93 8.62 4.81 45.71
C UNK G 93 8.56 4.97 44.19
N UNK G 94 9.29 4.12 43.48
CA UNK G 94 9.37 4.20 42.03
C UNK G 94 8.44 3.19 41.38
N UNK G 95 7.77 3.61 40.31
CA UNK G 95 6.79 2.79 39.61
C UNK G 95 7.05 2.86 38.11
N UNK G 96 6.63 1.81 37.42
CA UNK G 96 6.77 1.70 35.97
C UNK G 96 5.40 1.79 35.31
N UNK G 97 5.35 2.44 34.15
CA UNK G 97 4.08 2.66 33.45
C UNK G 97 4.29 2.39 31.97
N UNK G 98 3.47 1.50 31.40
CA UNK G 98 3.49 1.24 29.97
C UNK G 98 2.75 2.36 29.27
N UNK G 99 2.53 2.23 27.96
CA UNK G 99 2.01 3.34 27.18
C UNK G 99 1.61 2.85 25.80
N UNK G 100 1.20 3.80 24.96
CA UNK G 100 1.08 3.62 23.52
C UNK G 100 1.99 4.57 22.76
N UNK G 101 1.91 5.87 23.06
CA UNK G 101 2.89 6.85 22.59
C UNK G 101 3.17 7.81 23.75
N UNK G 102 4.14 7.44 24.59
CA UNK G 102 4.58 8.25 25.73
C UNK G 102 3.42 8.67 26.62
N UNK G 103 2.51 7.73 26.90
CA UNK G 103 1.31 8.00 27.67
C UNK G 103 1.17 6.97 28.77
N UNK G 104 1.45 7.37 30.02
CA UNK G 104 1.53 6.43 31.13
C UNK G 104 0.14 5.92 31.45
N UNK G 105 -0.27 4.90 30.70
CA UNK G 105 -1.63 4.36 30.78
C UNK G 105 -1.74 3.22 31.79
N UNK G 106 -0.94 2.17 31.60
CA UNK G 106 -0.98 1.00 32.47
C UNK G 106 0.21 1.05 33.42
N UNK G 107 -0.05 0.99 34.72
CA UNK G 107 0.96 1.20 35.74
C UNK G 107 1.21 -0.06 36.55
N UNK G 108 2.36 -0.07 37.23
CA UNK G 108 2.86 -1.23 37.96
C UNK G 108 2.40 -1.15 39.42
N UNK G 109 3.02 -1.96 40.28
CA UNK G 109 2.70 -2.00 41.71
C UNK G 109 3.76 -1.35 42.59
N UNK G 110 4.79 -0.74 42.00
CA UNK G 110 5.78 0.08 42.69
C UNK G 110 6.76 -0.72 43.53
N UNK G 111 7.90 -0.12 43.85
CA UNK G 111 8.94 -0.76 44.66
C UNK G 111 9.76 0.32 45.34
N UNK G 112 9.76 0.32 46.67
CA UNK G 112 10.34 1.41 47.44
C UNK G 112 11.85 1.43 47.35
N UNK G 113 12.42 2.64 47.41
CA UNK G 113 13.85 2.84 47.48
C UNK G 113 14.15 3.86 48.58
N UNK G 114 15.12 3.54 49.44
CA UNK G 114 15.49 4.40 50.55
C UNK G 114 16.96 4.76 50.47
N UNK G 115 17.27 6.01 50.77
CA UNK G 115 18.65 6.49 50.71
C UNK G 115 18.88 7.60 51.73
N UNK H 1 7.65 24.99 32.68
CA UNK H 1 7.29 24.16 33.81
C UNK H 1 5.94 24.57 34.39
N UNK H 2 4.86 24.07 33.79
CA UNK H 2 3.53 24.35 34.29
C UNK H 2 3.33 23.72 35.66
N UNK H 3 2.63 24.43 36.54
CA UNK H 3 2.44 24.01 37.92
C UNK H 3 0.94 23.83 38.17
N UNK H 4 0.45 22.61 37.93
CA UNK H 4 -0.96 22.32 38.14
C UNK H 4 -1.24 22.18 39.63
N UNK H 5 -2.30 22.84 40.10
CA UNK H 5 -2.63 22.90 41.51
C UNK H 5 -4.09 22.58 41.73
N UNK H 6 -4.36 21.47 42.42
CA UNK H 6 -5.72 21.10 42.83
C UNK H 6 -5.94 21.64 44.23
N UNK H 7 -6.79 22.67 44.35
CA UNK H 7 -6.89 23.40 45.61
C UNK H 7 -7.51 22.55 46.71
N UNK H 8 -8.64 21.89 46.43
CA UNK H 8 -9.34 21.12 47.45
C UNK H 8 -8.51 19.89 47.78
N UNK H 9 -7.84 19.91 48.93
CA UNK H 9 -7.01 18.80 49.36
C UNK H 9 -7.83 17.63 49.89
N UNK H 10 -9.11 17.82 50.19
CA UNK H 10 -9.95 16.76 50.69
C UNK H 10 -11.41 17.15 50.50
N UNK H 11 -12.21 16.21 50.02
CA UNK H 11 -13.64 16.42 49.81
C UNK H 11 -14.42 15.30 50.48
N UNK H 12 -15.62 15.64 50.94
CA UNK H 12 -16.52 14.68 51.56
C UNK H 12 -17.76 14.52 50.70
N UNK H 13 -18.27 13.29 50.62
CA UNK H 13 -19.41 13.01 49.77
C UNK H 13 -20.20 11.84 50.36
N UNK H 14 -21.47 11.76 49.96
CA UNK H 14 -22.36 10.68 50.36
C UNK H 14 -22.54 9.72 49.20
N UNK H 15 -22.99 8.52 49.52
CA UNK H 15 -23.21 7.50 48.48
C UNK H 15 -24.30 7.94 47.52
N UNK H 16 -24.15 7.55 46.26
CA UNK H 16 -25.05 7.84 45.15
C UNK H 16 -25.12 9.33 44.82
N UNK H 17 -24.27 10.16 45.42
CA UNK H 17 -24.17 11.56 45.06
C UNK H 17 -23.16 11.76 43.94
N UNK H 18 -23.05 13.00 43.47
CA UNK H 18 -22.13 13.35 42.39
C UNK H 18 -21.11 14.35 42.91
N UNK H 19 -19.84 14.09 42.64
CA UNK H 19 -18.73 14.92 43.11
C UNK H 19 -17.99 15.53 41.93
N UNK H 20 -17.31 16.64 42.19
CA UNK H 20 -16.55 17.35 41.17
C UNK H 20 -15.23 17.83 41.74
N UNK H 21 -14.17 17.69 40.96
CA UNK H 21 -12.82 18.08 41.36
C UNK H 21 -12.19 18.94 40.26
N UNK H 22 -11.45 19.97 40.66
CA UNK H 22 -10.86 20.92 39.74
C UNK H 22 -9.34 20.86 39.82
N UNK H 23 -8.68 21.14 38.70
CA UNK H 23 -7.24 20.99 38.55
C UNK H 23 -6.63 22.18 37.80
N UNK H 24 -6.91 23.40 38.25
CA UNK H 24 -6.41 24.59 37.58
C UNK H 24 -4.90 24.56 37.43
N UNK H 25 -4.41 25.24 36.40
CA UNK H 25 -3.00 25.24 36.02
C UNK H 25 -2.46 26.66 35.98
N UNK H 26 -1.18 26.78 35.62
CA UNK H 26 -0.49 28.07 35.61
C UNK H 26 -0.56 28.73 34.23
N UNK H 27 -0.02 28.06 33.22
CA UNK H 27 -0.05 28.55 31.84
C UNK H 27 -1.09 27.76 31.05
N UNK H 28 -1.37 28.25 29.86
CA UNK H 28 -2.39 27.65 29.00
C UNK H 28 -1.88 26.33 28.45
N UNK H 29 -2.34 25.23 29.04
CA UNK H 29 -2.09 23.89 28.50
C UNK H 29 -3.19 23.54 27.53
N UNK H 30 -2.82 23.21 26.29
CA UNK H 30 -3.78 23.10 25.20
C UNK H 30 -4.57 21.79 25.31
N UNK H 31 -5.43 21.76 26.33
CA UNK H 31 -6.36 20.65 26.56
C UNK H 31 -5.64 19.31 26.68
N UNK H 32 -4.41 19.34 27.15
CA UNK H 32 -3.59 18.14 27.34
C UNK H 32 -3.48 17.89 28.84
N UNK H 33 -4.47 17.19 29.38
CA UNK H 33 -4.50 16.86 30.81
C UNK H 33 -5.08 15.47 30.97
N UNK H 34 -4.42 14.64 31.78
CA UNK H 34 -4.87 13.30 32.07
C UNK H 34 -5.23 13.18 33.55
N UNK H 35 -6.18 12.30 33.85
CA UNK H 35 -6.69 12.13 35.21
C UNK H 35 -6.64 10.66 35.60
N UNK H 36 -6.07 10.39 36.78
CA UNK H 36 -5.81 9.04 37.27
C UNK H 36 -6.26 8.92 38.71
N UNK H 37 -6.52 7.68 39.14
CA UNK H 37 -7.03 7.41 40.48
C UNK H 37 -6.20 6.33 41.15
N UNK H 38 -5.63 6.64 42.31
CA UNK H 38 -4.86 5.69 43.11
C UNK H 38 -5.70 5.26 44.30
N UNK H 39 -5.91 3.96 44.42
CA UNK H 39 -6.78 3.42 45.46
C UNK H 39 -6.06 3.45 46.80
N UNK H 40 -6.68 2.87 47.83
CA UNK H 40 -6.07 2.85 49.15
C UNK H 40 -4.80 2.01 49.16
N UNK H 41 -4.79 0.88 48.47
CA UNK H 41 -3.63 0.00 48.41
C UNK H 41 -2.51 0.54 47.52
N UNK H 42 -2.62 1.79 47.06
CA UNK H 42 -1.63 2.44 46.21
C UNK H 42 -1.46 1.72 44.86
N UNK H 43 -2.55 1.28 44.26
CA UNK H 43 -2.54 0.74 42.91
C UNK H 43 -3.14 1.78 41.97
N UNK H 44 -2.30 2.36 41.10
CA UNK H 44 -2.72 3.45 40.24
C UNK H 44 -3.35 2.94 38.95
N UNK H 45 -4.28 3.72 38.42
CA UNK H 45 -4.98 3.37 37.18
C UNK H 45 -5.38 4.66 36.48
N UNK H 46 -5.60 4.57 35.18
CA UNK H 46 -5.97 5.73 34.38
C UNK H 46 -7.48 5.83 34.25
N UNK H 47 -7.98 7.06 34.19
CA UNK H 47 -9.41 7.31 34.11
C UNK H 47 -9.81 8.23 32.97
N UNK H 48 -8.99 9.20 32.61
CA UNK H 48 -9.33 10.09 31.50
C UNK H 48 -8.07 10.57 30.80
N UNK H 49 -8.10 10.55 29.47
CA UNK H 49 -7.00 10.97 28.62
C UNK H 49 -7.44 12.12 27.72
N UNK H 50 -6.56 13.10 27.56
CA UNK H 50 -6.83 14.27 26.71
C UNK H 50 -8.06 15.05 27.18
N UNK H 51 -8.28 15.03 28.50
CA UNK H 51 -9.20 15.94 29.19
C UNK H 51 -10.67 15.66 28.94
N UNK H 52 -10.98 14.80 27.97
CA UNK H 52 -12.38 14.42 27.76
C UNK H 52 -12.59 12.96 27.41
N UNK H 53 -11.57 12.21 27.01
CA UNK H 53 -11.74 10.88 26.46
C UNK H 53 -11.51 9.85 27.54
N UNK H 54 -12.46 8.92 27.69
CA UNK H 54 -12.35 7.86 28.67
C UNK H 54 -11.34 6.83 28.23
N UNK H 55 -10.78 6.11 29.20
CA UNK H 55 -9.78 5.08 28.92
C UNK H 55 -10.46 3.89 28.26
N UNK H 56 -9.69 2.83 28.03
CA UNK H 56 -10.21 1.66 27.34
C UNK H 56 -11.07 0.77 28.23
N UNK H 57 -11.06 0.98 29.55
CA UNK H 57 -11.84 0.13 30.44
C UNK H 57 -12.61 0.91 31.51
N UNK H 58 -12.46 2.22 31.60
CA UNK H 58 -13.13 2.98 32.65
C UNK H 58 -14.64 2.92 32.49
N UNK H 59 -15.34 2.86 33.62
CA UNK H 59 -16.80 2.89 33.61
C UNK H 59 -17.29 4.23 33.08
N UNK H 60 -18.42 4.20 32.39
CA UNK H 60 -18.94 5.39 31.72
C UNK H 60 -19.43 6.46 32.67
N UNK H 61 -19.54 6.16 33.97
CA UNK H 61 -20.05 7.14 34.92
C UNK H 61 -19.13 8.35 35.04
N UNK H 62 -17.82 8.11 35.08
CA UNK H 62 -16.87 9.20 35.26
C UNK H 62 -16.76 10.04 34.00
N UNK H 63 -16.86 11.36 34.17
CA UNK H 63 -16.75 12.29 33.06
C UNK H 63 -15.69 13.35 33.37
N UNK H 64 -15.06 13.86 32.32
CA UNK H 64 -14.03 14.86 32.46
C UNK H 64 -14.21 15.91 31.37
N UNK H 65 -14.04 17.18 31.72
CA UNK H 65 -14.33 18.25 30.79
C UNK H 65 -13.57 19.50 31.19
N UNK H 66 -13.99 20.63 30.61
CA UNK H 66 -13.41 21.96 30.74
C UNK H 66 -12.10 22.06 29.97
N UNK H 67 -11.74 23.27 29.56
CA UNK H 67 -10.61 23.48 28.67
C UNK H 67 -9.86 24.73 29.11
N UNK H 68 -8.98 25.23 28.24
CA UNK H 68 -8.13 26.38 28.49
C UNK H 68 -7.11 26.09 29.59
N UNK H 69 -7.20 26.83 30.69
CA UNK H 69 -6.27 26.68 31.81
C UNK H 69 -6.99 26.26 33.09
N UNK H 70 -8.12 25.57 32.95
CA UNK H 70 -8.89 25.12 34.11
C UNK H 70 -9.75 23.94 33.70
N UNK H 71 -9.40 22.74 34.16
CA UNK H 71 -10.09 21.52 33.83
C UNK H 71 -10.94 21.04 35.01
N UNK H 72 -11.76 20.02 34.77
CA UNK H 72 -12.59 19.50 35.84
C UNK H 72 -12.94 18.04 35.56
N UNK H 73 -13.20 17.30 36.64
CA UNK H 73 -13.65 15.91 36.55
C UNK H 73 -14.83 15.70 37.48
N UNK H 74 -15.92 15.16 36.94
CA UNK H 74 -17.13 14.89 37.71
C UNK H 74 -17.37 13.39 37.74
N UNK H 75 -17.55 12.86 38.94
CA UNK H 75 -17.87 11.45 39.14
C UNK H 75 -19.31 11.36 39.64
N UNK H 76 -20.14 10.63 38.90
CA UNK H 76 -21.56 10.53 39.18
C UNK H 76 -21.90 9.15 39.72
N UNK H 77 -22.88 9.10 40.64
CA UNK H 77 -23.30 7.87 41.30
C UNK H 77 -22.13 7.21 42.03
N UNK H 78 -21.61 7.93 43.03
CA UNK H 78 -20.51 7.41 43.83
C UNK H 78 -20.93 6.13 44.54
N UNK H 79 -19.96 5.24 44.75
CA UNK H 79 -20.21 3.93 45.33
C UNK H 79 -19.12 3.64 46.36
N UNK H 80 -19.06 2.39 46.80
CA UNK H 80 -18.03 1.95 47.73
C UNK H 80 -16.76 1.47 47.03
N UNK H 81 -16.72 1.52 45.70
CA UNK H 81 -15.54 1.19 44.92
C UNK H 81 -14.95 2.41 44.24
N UNK H 82 -15.32 3.61 44.68
CA UNK H 82 -14.85 4.86 44.10
C UNK H 82 -14.36 5.80 45.19
N UNK H 83 -13.65 5.25 46.18
CA UNK H 83 -13.04 6.03 47.25
C UNK H 83 -11.53 5.89 47.12
N UNK H 84 -10.88 6.93 46.63
CA UNK H 84 -9.45 6.88 46.32
C UNK H 84 -8.91 8.30 46.30
N UNK H 85 -7.72 8.48 45.74
CA UNK H 85 -7.14 9.80 45.53
C UNK H 85 -7.00 10.05 44.04
N UNK H 86 -7.48 11.20 43.59
CA UNK H 86 -7.51 11.55 42.16
C UNK H 86 -6.46 12.61 41.86
N UNK H 87 -5.64 12.36 40.84
CA UNK H 87 -4.56 13.24 40.46
C UNK H 87 -4.64 13.55 38.97
N UNK H 88 -4.02 14.66 38.57
CA UNK H 88 -4.05 15.14 37.19
C UNK H 88 -2.66 15.53 36.73
N UNK H 89 -2.34 15.18 35.48
CA UNK H 89 -1.04 15.47 34.89
C UNK H 89 -1.21 16.32 33.64
N UNK H 90 -0.24 17.22 33.42
CA UNK H 90 -0.25 18.17 32.30
C UNK H 90 0.92 17.84 31.37
N UNK H 91 0.62 17.22 30.24
CA UNK H 91 1.62 16.66 29.33
C UNK H 91 1.91 17.57 28.14
N UNK H 92 1.90 18.89 28.33
CA UNK H 92 2.16 19.83 27.24
C UNK H 92 3.61 20.28 27.16
N UNK H 93 4.22 20.62 28.30
CA UNK H 93 5.56 21.17 28.31
C UNK H 93 6.60 20.05 28.48
N UNK H 94 7.86 20.44 28.67
CA UNK H 94 8.96 19.49 28.61
C UNK H 94 8.90 18.47 29.75
N UNK H 95 8.77 18.96 30.99
CA UNK H 95 8.75 18.10 32.17
C UNK H 95 7.31 17.95 32.65
N UNK H 96 6.74 16.77 32.44
CA UNK H 96 5.36 16.53 32.82
C UNK H 96 5.19 16.66 34.33
N UNK H 97 4.17 17.41 34.75
CA UNK H 97 3.93 17.70 36.16
C UNK H 97 2.55 17.19 36.55
N UNK H 98 2.43 16.69 37.77
CA UNK H 98 1.20 16.10 38.27
C UNK H 98 0.59 16.97 39.36
N UNK H 99 -0.74 16.94 39.44
CA UNK H 99 -1.46 17.66 40.48
C UNK H 99 -1.15 17.07 41.85
N UNK H 100 -1.66 17.71 42.90
CA UNK H 100 -1.29 17.28 44.24
C UNK H 100 -2.11 16.09 44.70
N UNK H 101 -3.41 16.29 44.93
CA UNK H 101 -4.31 15.24 45.40
C UNK H 101 -5.72 15.77 45.62
N UNK H 102 -6.71 14.87 45.62
CA UNK H 102 -8.05 15.21 46.10
C UNK H 102 -8.67 13.91 46.64
N UNK H 103 -8.57 13.72 47.95
CA UNK H 103 -9.03 12.48 48.57
C UNK H 103 -10.53 12.54 48.82
N UNK H 104 -11.27 11.60 48.24
CA UNK H 104 -12.71 11.53 48.44
C UNK H 104 -13.00 10.71 49.69
N UNK H 105 -13.72 11.31 50.64
CA UNK H 105 -14.04 10.67 51.90
C UNK H 105 -15.54 10.48 52.00
N UNK H 106 -15.96 9.25 52.25
CA UNK H 106 -17.38 8.92 52.34
C UNK H 106 -17.82 8.80 53.79
N UNK I 1 -6.61 -29.72 -12.36
CA UNK I 1 -7.91 -29.76 -11.71
C UNK I 1 -8.90 -28.84 -12.42
N UNK I 2 -8.39 -27.79 -13.04
CA UNK I 2 -9.25 -26.84 -13.75
C UNK I 2 -10.01 -27.55 -14.86
N UNK I 3 -11.34 -27.54 -14.77
CA UNK I 3 -12.17 -28.26 -15.73
C UNK I 3 -13.12 -27.28 -16.42
N UNK I 4 -13.51 -27.62 -17.64
CA UNK I 4 -14.41 -26.79 -18.42
C UNK I 4 -15.17 -27.71 -19.38
N UNK I 5 -16.48 -27.86 -19.16
CA UNK I 5 -17.30 -28.76 -19.95
C UNK I 5 -18.27 -27.96 -20.81
N UNK I 6 -18.21 -28.17 -22.12
CA UNK I 6 -19.04 -27.47 -23.07
C UNK I 6 -20.27 -28.31 -23.43
N UNK I 7 -21.33 -27.62 -23.86
CA UNK I 7 -22.61 -28.29 -24.11
C UNK I 7 -23.50 -27.40 -24.96
N UNK I 8 -24.65 -27.97 -25.35
CA UNK I 8 -25.69 -27.31 -26.12
C UNK I 8 -25.26 -27.07 -27.58
N UNK I 9 -24.64 -28.09 -28.18
CA UNK I 9 -24.26 -28.05 -29.58
C UNK I 9 -24.80 -29.28 -30.29
N UNK I 10 -25.43 -29.07 -31.43
CA UNK I 10 -26.04 -30.16 -32.21
C UNK I 10 -26.34 -29.62 -33.60
N UNK I 11 -27.09 -30.40 -34.38
CA UNK I 11 -27.45 -30.00 -35.73
C UNK I 11 -28.44 -28.83 -35.70
N UNK I 12 -28.31 -27.95 -36.69
CA UNK I 12 -29.20 -26.80 -36.80
C UNK I 12 -29.29 -26.41 -38.26
N UNK I 13 -30.51 -26.17 -38.74
CA UNK I 13 -30.72 -25.83 -40.14
C UNK I 13 -30.03 -24.51 -40.49
N UNK I 14 -29.96 -24.23 -41.78
CA UNK I 14 -29.36 -22.99 -42.23
C UNK I 14 -30.17 -21.79 -41.73
N UNK I 15 -29.47 -20.70 -41.43
CA UNK I 15 -30.08 -19.48 -40.91
C UNK I 15 -30.84 -19.72 -39.62
N UNK I 16 -30.30 -20.54 -38.73
CA UNK I 16 -30.87 -20.79 -37.42
C UNK I 16 -29.93 -20.31 -36.32
N UNK I 17 -30.46 -20.22 -35.11
CA UNK I 17 -29.73 -19.71 -33.96
C UNK I 17 -29.45 -20.83 -32.97
N UNK I 18 -28.29 -20.78 -32.34
CA UNK I 18 -27.90 -21.76 -31.33
C UNK I 18 -27.10 -21.09 -30.24
N UNK I 19 -27.32 -21.52 -28.99
CA UNK I 19 -26.64 -20.95 -27.84
C UNK I 19 -25.81 -22.05 -27.17
N UNK I 20 -24.50 -22.01 -27.40
CA UNK I 20 -23.59 -22.96 -26.79
C UNK I 20 -23.16 -22.46 -25.42
N UNK I 21 -22.94 -23.40 -24.49
CA UNK I 21 -22.61 -23.06 -23.11
C UNK I 21 -21.39 -23.82 -22.67
N UNK I 22 -20.76 -23.31 -21.60
CA UNK I 22 -19.62 -24.00 -21.00
C UNK I 22 -19.61 -23.70 -19.51
N UNK I 23 -19.41 -24.74 -18.71
CA UNK I 23 -19.35 -24.64 -17.26
C UNK I 23 -17.93 -24.91 -16.79
N UNK I 24 -17.39 -23.98 -16.00
CA UNK I 24 -16.00 -24.03 -15.56
C UNK I 24 -15.94 -24.31 -14.06
N UNK I 25 -14.88 -25.01 -13.65
CA UNK I 25 -14.75 -25.41 -12.26
C UNK I 25 -13.27 -25.52 -11.89
N UNK I 26 -13.02 -25.43 -10.58
CA UNK I 26 -11.69 -25.53 -9.96
C UNK I 26 -10.84 -24.29 -10.23
N UNK I 27 -11.47 -23.13 -10.36
CA UNK I 27 -10.74 -21.87 -10.53
C UNK I 27 -11.64 -20.74 -10.07
N UNK I 28 -11.02 -19.59 -9.84
CA UNK I 28 -11.78 -18.37 -9.55
C UNK I 28 -12.27 -17.78 -10.86
N UNK I 29 -13.59 -17.82 -11.07
CA UNK I 29 -14.13 -17.46 -12.37
C UNK I 29 -13.81 -16.01 -12.74
N UNK I 30 -13.94 -15.10 -11.79
CA UNK I 30 -13.67 -13.68 -12.06
C UNK I 30 -12.19 -13.35 -11.88
N UNK I 31 -11.34 -14.19 -12.46
CA UNK I 31 -9.91 -13.91 -12.54
C UNK I 31 -9.29 -14.38 -13.84
N UNK I 32 -10.08 -14.91 -14.78
CA UNK I 32 -9.57 -15.50 -16.01
C UNK I 32 -10.39 -14.99 -17.19
N UNK I 33 -9.70 -14.75 -18.31
CA UNK I 33 -10.33 -14.19 -19.51
C UNK I 33 -10.67 -15.34 -20.46
N UNK I 34 -11.94 -15.73 -20.49
CA UNK I 34 -12.38 -16.88 -21.24
C UNK I 34 -12.53 -16.56 -22.73
N UNK I 35 -12.41 -17.60 -23.56
CA UNK I 35 -12.38 -17.45 -25.01
C UNK I 35 -12.92 -18.73 -25.64
N UNK I 36 -13.25 -18.62 -26.94
CA UNK I 36 -13.83 -19.71 -27.70
C UNK I 36 -13.16 -19.81 -29.06
N UNK I 37 -12.73 -21.02 -29.44
CA UNK I 37 -12.02 -21.27 -30.69
C UNK I 37 -12.63 -22.47 -31.40
N UNK I 38 -12.65 -22.42 -32.72
CA UNK I 38 -13.30 -23.44 -33.53
C UNK I 38 -12.28 -24.23 -34.35
N UNK I 39 -12.46 -25.55 -34.40
CA UNK I 39 -11.66 -26.42 -35.24
C UNK I 39 -12.55 -26.93 -36.37
N UNK I 40 -12.14 -26.69 -37.61
CA UNK I 40 -12.95 -27.03 -38.75
C UNK I 40 -12.98 -28.55 -38.96
N UNK I 41 -13.68 -28.98 -40.00
CA UNK I 41 -13.78 -30.40 -40.31
C UNK I 41 -12.51 -30.96 -40.92
N UNK I 42 -11.59 -30.11 -41.37
CA UNK I 42 -10.31 -30.53 -41.93
C UNK I 42 -9.18 -30.43 -40.92
N UNK I 43 -9.50 -30.44 -39.62
CA UNK I 43 -8.51 -30.39 -38.55
C UNK I 43 -7.64 -29.13 -38.63
N UNK I 44 -8.27 -28.01 -38.94
CA UNK I 44 -7.60 -26.71 -38.97
C UNK I 44 -8.26 -25.80 -37.94
N UNK I 45 -7.48 -25.35 -36.96
CA UNK I 45 -8.03 -24.57 -35.86
C UNK I 45 -8.16 -23.10 -36.24
N UNK I 46 -9.15 -22.44 -35.64
CA UNK I 46 -9.40 -21.02 -35.87
C UNK I 46 -9.93 -20.40 -34.59
N UNK I 47 -9.74 -19.10 -34.43
CA UNK I 47 -10.17 -18.36 -33.25
C UNK I 47 -11.48 -17.63 -33.53
N UNK I 48 -12.40 -17.70 -32.57
CA UNK I 48 -13.74 -17.14 -32.73
C UNK I 48 -14.02 -15.94 -31.86
N UNK I 49 -13.77 -16.01 -30.54
CA UNK I 49 -14.09 -14.87 -29.69
C UNK I 49 -13.33 -14.94 -28.38
N UNK I 50 -13.29 -13.82 -27.67
CA UNK I 50 -12.66 -13.72 -26.36
C UNK I 50 -13.41 -12.69 -25.52
N UNK I 51 -13.28 -12.81 -24.19
CA UNK I 51 -14.00 -11.92 -23.29
C UNK I 51 -13.09 -11.53 -22.13
N UNK I 52 -13.41 -10.39 -21.51
CA UNK I 52 -12.61 -9.84 -20.43
C UNK I 52 -12.91 -10.59 -19.13
N UNK I 53 -12.41 -10.08 -18.01
CA UNK I 53 -12.64 -10.69 -16.71
C UNK I 53 -14.05 -10.46 -16.18
N UNK I 54 -14.77 -9.44 -16.68
CA UNK I 54 -16.15 -9.22 -16.26
C UNK I 54 -17.02 -8.74 -17.41
N UNK I 55 -16.73 -9.18 -18.64
CA UNK I 55 -17.59 -8.96 -19.80
C UNK I 55 -17.68 -7.48 -20.17
N UNK I 56 -16.56 -6.78 -20.15
CA UNK I 56 -16.50 -5.42 -20.64
C UNK I 56 -15.85 -5.29 -22.01
N UNK I 57 -14.96 -6.20 -22.36
CA UNK I 57 -14.31 -6.21 -23.67
C UNK I 57 -14.96 -7.26 -24.56
N UNK I 58 -14.92 -7.01 -25.86
CA UNK I 58 -15.59 -7.88 -26.83
C UNK I 58 -14.61 -8.65 -27.70
N UNK I 59 -13.74 -7.95 -28.43
CA UNK I 59 -12.68 -8.56 -29.23
C UNK I 59 -13.16 -9.78 -30.03
N UNK I 60 -14.02 -9.56 -31.01
CA UNK I 60 -14.56 -10.62 -31.83
C UNK I 60 -13.84 -10.70 -33.17
N UNK I 61 -14.08 -11.78 -33.90
CA UNK I 61 -13.45 -11.98 -35.20
C UNK I 61 -14.06 -11.02 -36.22
N UNK I 62 -13.60 -11.15 -37.47
CA UNK I 62 -14.06 -10.27 -38.54
C UNK I 62 -15.13 -10.91 -39.41
N UNK I 63 -15.13 -12.23 -39.56
CA UNK I 63 -16.12 -12.92 -40.36
C UNK I 63 -17.33 -13.37 -39.54
N UNK I 64 -17.35 -13.08 -38.23
CA UNK I 64 -18.45 -13.47 -37.37
C UNK I 64 -18.80 -12.37 -36.37
N UNK I 65 -18.62 -11.11 -36.77
CA UNK I 65 -18.78 -10.02 -35.81
C UNK I 65 -20.24 -9.62 -35.63
N UNK I 66 -21.00 -9.53 -36.72
CA UNK I 66 -22.37 -9.06 -36.64
C UNK I 66 -23.36 -10.15 -36.23
N UNK I 67 -22.91 -11.39 -36.08
CA UNK I 67 -23.80 -12.50 -35.78
C UNK I 67 -23.58 -13.06 -34.38
N UNK I 68 -22.37 -13.46 -34.05
CA UNK I 68 -22.10 -14.12 -32.78
C UNK I 68 -22.02 -13.10 -31.63
N UNK I 69 -22.18 -13.61 -30.41
CA UNK I 69 -22.09 -12.78 -29.22
C UNK I 69 -21.61 -13.62 -28.06
N UNK I 70 -20.52 -13.20 -27.42
CA UNK I 70 -19.95 -13.87 -26.26
C UNK I 70 -20.43 -13.20 -24.99
N UNK I 71 -20.61 -14.01 -23.94
CA UNK I 71 -21.09 -13.46 -22.68
C UNK I 71 -20.67 -14.40 -21.55
N UNK I 72 -20.70 -13.86 -20.33
CA UNK I 72 -20.32 -14.62 -19.15
C UNK I 72 -21.32 -14.36 -18.03
N UNK I 73 -21.40 -15.32 -17.11
CA UNK I 73 -22.22 -15.20 -15.91
C UNK I 73 -21.38 -15.69 -14.74
N UNK I 74 -20.81 -14.74 -14.00
CA UNK I 74 -19.89 -15.09 -12.92
C UNK I 74 -20.60 -15.64 -11.70
N UNK I 75 -21.86 -15.24 -11.48
CA UNK I 75 -22.62 -15.78 -10.35
C UNK I 75 -22.91 -17.26 -10.55
N UNK I 76 -23.37 -17.65 -11.72
CA UNK I 76 -23.62 -19.05 -12.05
C UNK I 76 -22.39 -19.75 -12.61
N UNK I 77 -21.30 -19.01 -12.84
CA UNK I 77 -20.04 -19.57 -13.35
C UNK I 77 -20.25 -20.30 -14.68
N UNK I 78 -20.65 -19.54 -15.69
CA UNK I 78 -20.84 -20.11 -17.02
C UNK I 78 -20.40 -19.11 -18.09
N UNK I 79 -20.03 -19.65 -19.25
CA UNK I 79 -19.71 -18.84 -20.42
C UNK I 79 -20.62 -19.26 -21.57
N UNK I 80 -21.20 -18.29 -22.27
CA UNK I 80 -22.17 -18.57 -23.31
C UNK I 80 -21.78 -17.88 -24.60
N UNK I 81 -22.11 -18.53 -25.72
CA UNK I 81 -21.90 -17.97 -27.05
C UNK I 81 -23.18 -18.16 -27.85
N UNK I 82 -23.75 -17.07 -28.33
CA UNK I 82 -24.98 -17.10 -29.12
C UNK I 82 -24.66 -16.82 -30.57
N UNK I 83 -25.09 -17.73 -31.46
CA UNK I 83 -24.89 -17.59 -32.89
C UNK I 83 -26.27 -17.47 -33.54
N UNK I 84 -26.41 -16.52 -34.47
CA UNK I 84 -27.71 -16.16 -35.01
C UNK I 84 -27.87 -16.53 -36.48
N UNK I 85 -27.02 -16.00 -37.35
CA UNK I 85 -27.16 -16.24 -38.79
C UNK I 85 -26.21 -17.36 -39.24
N UNK I 86 -26.39 -18.53 -38.64
CA UNK I 86 -25.49 -19.65 -38.91
C UNK I 86 -25.58 -20.06 -40.37
N UNK I 87 -24.41 -20.22 -41.00
CA UNK I 87 -24.30 -20.63 -42.39
C UNK I 87 -23.62 -21.99 -42.47
N UNK I 88 -23.38 -22.46 -43.70
CA UNK I 88 -22.76 -23.76 -43.88
C UNK I 88 -21.29 -23.76 -43.47
N UNK I 89 -20.61 -22.61 -43.60
CA UNK I 89 -19.20 -22.53 -43.26
C UNK I 89 -18.93 -22.62 -41.77
N UNK I 90 -19.96 -22.54 -40.93
CA UNK I 90 -19.81 -22.57 -39.49
C UNK I 90 -19.92 -23.98 -38.91
N UNK I 91 -20.00 -25.00 -39.74
CA UNK I 91 -20.05 -26.38 -39.28
C UNK I 91 -18.65 -26.81 -38.84
N UNK I 92 -18.44 -26.92 -37.53
CA UNK I 92 -17.12 -27.19 -36.99
C UNK I 92 -17.29 -27.77 -35.59
N UNK I 93 -16.20 -27.80 -34.82
CA UNK I 93 -16.23 -28.22 -33.42
C UNK I 93 -15.71 -27.05 -32.59
N UNK I 94 -16.58 -26.50 -31.75
CA UNK I 94 -16.22 -25.35 -30.94
C UNK I 94 -15.67 -25.80 -29.60
N UNK I 95 -14.69 -25.05 -29.08
CA UNK I 95 -14.01 -25.41 -27.85
C UNK I 95 -13.80 -24.16 -27.01
N UNK I 96 -13.80 -24.35 -25.70
CA UNK I 96 -13.69 -23.26 -24.73
C UNK I 96 -12.33 -23.31 -24.07
N UNK I 97 -11.68 -22.15 -23.96
CA UNK I 97 -10.38 -22.02 -23.33
C UNK I 97 -10.42 -20.85 -22.36
N UNK I 98 -9.47 -20.82 -21.43
CA UNK I 98 -9.47 -19.77 -20.42
C UNK I 98 -8.11 -19.71 -19.75
N UNK I 99 -7.64 -18.48 -19.51
CA UNK I 99 -6.36 -18.28 -18.84
C UNK I 99 -6.26 -16.89 -18.22
N UNK I 100 -5.05 -16.49 -17.86
CA UNK I 100 -4.84 -15.28 -17.07
C UNK I 100 -5.23 -14.00 -17.79
N UNK I 101 -4.56 -13.66 -18.89
CA UNK I 101 -4.88 -12.44 -19.65
C UNK I 101 -4.96 -12.78 -21.14
N UNK I 102 -6.13 -13.25 -21.57
CA UNK I 102 -6.40 -13.57 -22.97
C UNK I 102 -5.35 -14.52 -23.53
N UNK I 103 -5.15 -15.63 -22.81
CA UNK I 103 -4.04 -16.53 -23.13
C UNK I 103 -4.45 -17.94 -23.53
N UNK I 104 -5.62 -18.44 -23.13
CA UNK I 104 -6.11 -19.75 -23.54
C UNK I 104 -5.13 -20.86 -23.15
N UNK I 105 -4.92 -21.00 -21.85
CA UNK I 105 -4.00 -21.98 -21.30
C UNK I 105 -4.67 -23.32 -21.04
N UNK I 106 -5.85 -23.31 -20.41
CA UNK I 106 -6.60 -24.53 -20.15
C UNK I 106 -7.75 -24.63 -21.15
N UNK I 107 -7.82 -25.75 -21.86
CA UNK I 107 -8.80 -25.94 -22.91
C UNK I 107 -9.94 -26.84 -22.41
N UNK I 108 -10.81 -27.25 -23.32
CA UNK I 108 -11.98 -28.05 -22.98
C UNK I 108 -12.02 -29.30 -23.84
N UNK I 109 -13.13 -30.02 -23.78
CA UNK I 109 -13.32 -31.26 -24.54
C UNK I 109 -14.05 -31.06 -25.87
N UNK I 110 -14.60 -29.87 -26.11
CA UNK I 110 -15.18 -29.45 -27.38
C UNK I 110 -16.60 -29.99 -27.59
N UNK I 111 -17.33 -29.37 -28.52
CA UNK I 111 -18.70 -29.75 -28.84
C UNK I 111 -18.94 -29.45 -30.32
N UNK I 112 -19.52 -30.41 -31.03
CA UNK I 112 -19.65 -30.29 -32.48
C UNK I 112 -20.94 -29.59 -32.86
N UNK I 113 -20.83 -28.57 -33.71
CA UNK I 113 -21.99 -27.89 -34.29
C UNK I 113 -21.98 -28.13 -35.78
N UNK I 114 -23.11 -28.60 -36.31
CA UNK I 114 -23.27 -28.90 -37.72
C UNK I 114 -24.44 -28.12 -38.29
N UNK I 115 -24.23 -27.45 -39.41
CA UNK I 115 -25.26 -26.66 -40.07
C UNK I 115 -25.66 -27.32 -41.37
N UNK I 116 -26.96 -27.58 -41.52
CA UNK I 116 -27.52 -28.25 -42.70
C UNK I 116 -26.83 -29.57 -42.98
N UNK J 1 -4.24 -11.48 -41.73
CA UNK J 1 -3.09 -10.62 -41.49
C UNK J 1 -1.80 -11.44 -41.54
N UNK J 2 -1.40 -11.97 -40.38
CA UNK J 2 -0.21 -12.82 -40.28
C UNK J 2 -0.64 -14.27 -40.54
N UNK J 3 0.02 -14.90 -41.51
CA UNK J 3 -0.33 -16.26 -41.95
C UNK J 3 0.81 -17.19 -41.56
N UNK J 4 0.72 -17.78 -40.37
CA UNK J 4 1.70 -18.74 -39.92
C UNK J 4 1.61 -20.02 -40.75
N UNK J 5 2.76 -20.65 -40.98
CA UNK J 5 2.82 -21.82 -41.86
C UNK J 5 3.89 -22.79 -41.35
N UNK J 6 3.45 -23.96 -40.92
CA UNK J 6 4.36 -25.05 -40.52
C UNK J 6 4.55 -25.95 -41.74
N UNK J 7 5.77 -25.97 -42.27
CA UNK J 7 6.01 -26.59 -43.58
C UNK J 7 5.83 -28.10 -43.54
N UNK J 8 6.46 -28.77 -42.57
CA UNK J 8 6.40 -30.23 -42.50
C UNK J 8 5.02 -30.66 -42.05
N UNK J 9 4.44 -31.64 -42.75
CA UNK J 9 3.11 -32.12 -42.39
C UNK J 9 3.17 -33.39 -41.54
N UNK J 10 4.24 -34.17 -41.68
CA UNK J 10 4.42 -35.38 -40.88
C UNK J 10 5.91 -35.57 -40.64
N UNK J 11 6.30 -35.79 -39.39
CA UNK J 11 7.69 -35.90 -39.00
C UNK J 11 7.91 -37.26 -38.33
N UNK J 12 8.35 -38.23 -39.12
CA UNK J 12 8.62 -39.56 -38.60
C UNK J 12 9.87 -39.55 -37.74
N UNK J 13 9.80 -40.17 -36.56
CA UNK J 13 10.92 -40.20 -35.65
C UNK J 13 10.79 -41.41 -34.74
N UNK J 14 11.93 -41.93 -34.31
CA UNK J 14 12.00 -43.10 -33.45
C UNK J 14 12.04 -42.70 -31.98
N UNK J 15 11.83 -43.67 -31.10
CA UNK J 15 11.82 -43.40 -29.68
C UNK J 15 13.19 -42.96 -29.20
N UNK J 16 13.19 -42.13 -28.14
CA UNK J 16 14.41 -41.61 -27.52
C UNK J 16 15.27 -40.83 -28.52
N UNK J 17 14.61 -40.05 -29.37
CA UNK J 17 15.28 -39.22 -30.36
C UNK J 17 14.72 -37.80 -30.32
N UNK J 18 15.55 -36.83 -30.68
CA UNK J 18 15.16 -35.43 -30.66
C UNK J 18 14.51 -35.04 -31.98
N UNK J 19 13.31 -34.48 -31.90
CA UNK J 19 12.56 -34.03 -33.07
C UNK J 19 12.41 -32.51 -33.02
N UNK J 20 12.31 -31.89 -34.19
CA UNK J 20 12.22 -30.44 -34.28
C UNK J 20 11.16 -30.05 -35.30
N UNK J 21 10.26 -29.17 -34.89
CA UNK J 21 9.24 -28.60 -35.77
C UNK J 21 9.48 -27.09 -35.89
N UNK J 22 9.14 -26.54 -37.05
CA UNK J 22 9.46 -25.16 -37.36
C UNK J 22 8.24 -24.43 -37.91
N UNK J 23 8.16 -23.13 -37.62
CA UNK J 23 7.08 -22.28 -38.07
C UNK J 23 7.64 -20.97 -38.60
N UNK J 24 6.96 -20.40 -39.60
CA UNK J 24 7.32 -19.13 -40.20
C UNK J 24 6.07 -18.27 -40.32
N UNK J 25 6.27 -16.96 -40.31
CA UNK J 25 5.17 -16.00 -40.35
C UNK J 25 5.34 -15.04 -41.51
N UNK J 26 4.21 -14.52 -42.00
CA UNK J 26 4.24 -13.56 -43.10
C UNK J 26 4.88 -12.25 -42.68
N UNK J 27 4.78 -11.90 -41.40
CA UNK J 27 5.40 -10.69 -40.88
C UNK J 27 6.25 -11.03 -39.66
N UNK J 28 6.75 -10.02 -38.95
CA UNK J 28 7.63 -10.25 -37.80
C UNK J 28 6.81 -10.22 -36.52
N UNK J 29 6.26 -11.38 -36.16
CA UNK J 29 5.63 -11.55 -34.85
C UNK J 29 6.71 -11.38 -33.79
N UNK J 30 6.58 -10.34 -32.95
CA UNK J 30 7.69 -9.94 -32.10
C UNK J 30 7.92 -10.92 -30.96
N UNK J 31 8.40 -12.12 -31.29
CA UNK J 31 8.71 -13.16 -30.32
C UNK J 31 7.48 -13.55 -29.48
N UNK J 32 6.30 -13.39 -30.05
CA UNK J 32 5.04 -13.73 -29.37
C UNK J 32 4.39 -14.87 -30.14
N UNK J 33 4.79 -16.10 -29.81
CA UNK J 33 4.24 -17.29 -30.44
C UNK J 33 4.05 -18.36 -29.36
N UNK J 34 2.89 -19.01 -29.40
CA UNK J 34 2.55 -20.05 -28.45
C UNK J 34 2.44 -21.39 -29.17
N UNK J 35 2.77 -22.47 -28.46
CA UNK J 35 2.79 -23.81 -29.03
C UNK J 35 1.84 -24.71 -28.26
N UNK J 36 1.06 -25.50 -28.99
CA UNK J 36 0.06 -26.39 -28.41
C UNK J 36 0.18 -27.77 -29.04
N UNK J 37 -0.32 -28.78 -28.32
CA UNK J 37 -0.19 -30.17 -28.75
C UNK J 37 -1.54 -30.87 -28.57
N UNK J 38 -2.23 -31.12 -29.69
CA UNK J 38 -3.49 -31.83 -29.67
C UNK J 38 -3.22 -33.32 -29.76
N UNK J 39 -3.66 -34.06 -28.74
CA UNK J 39 -3.45 -35.50 -28.73
C UNK J 39 -4.36 -36.19 -29.74
N UNK J 40 -4.14 -37.48 -29.92
CA UNK J 40 -4.96 -38.26 -30.84
C UNK J 40 -6.35 -38.57 -30.30
N UNK J 41 -6.60 -38.31 -29.02
CA UNK J 41 -7.90 -38.50 -28.41
C UNK J 41 -8.78 -37.25 -28.49
N UNK J 42 -8.40 -36.28 -29.32
CA UNK J 42 -9.11 -35.03 -29.57
C UNK J 42 -9.05 -34.06 -28.41
N UNK J 43 -8.12 -34.24 -27.48
CA UNK J 43 -7.90 -33.27 -26.43
C UNK J 43 -6.92 -32.20 -26.91
N UNK J 44 -6.64 -31.21 -26.06
CA UNK J 44 -5.66 -30.18 -26.40
C UNK J 44 -5.03 -29.66 -25.12
N UNK J 45 -3.83 -29.10 -25.27
CA UNK J 45 -3.07 -28.58 -24.14
C UNK J 45 -2.05 -27.57 -24.65
N UNK J 46 -1.53 -26.77 -23.73
CA UNK J 46 -0.54 -25.75 -24.05
C UNK J 46 0.82 -26.20 -23.52
N UNK J 47 1.84 -26.12 -24.36
CA UNK J 47 3.19 -26.51 -23.98
C UNK J 47 4.07 -25.31 -23.65
N UNK J 48 4.23 -24.39 -24.59
CA UNK J 48 5.13 -23.25 -24.44
C UNK J 48 4.39 -21.95 -24.73
N UNK J 49 4.71 -20.91 -23.97
CA UNK J 49 4.15 -19.58 -24.16
C UNK J 49 5.29 -18.57 -24.33
N UNK J 50 5.04 -17.54 -25.14
CA UNK J 50 6.02 -16.48 -25.40
C UNK J 50 7.33 -17.05 -25.98
N UNK J 51 7.22 -18.17 -26.68
CA UNK J 51 8.28 -18.74 -27.52
C UNK J 51 9.43 -19.36 -26.73
N UNK J 52 9.47 -19.17 -25.42
CA UNK J 52 10.52 -19.82 -24.64
C UNK J 52 10.11 -20.26 -23.24
N UNK J 53 8.86 -20.06 -22.83
CA UNK J 53 8.46 -20.29 -21.44
C UNK J 53 7.53 -21.48 -21.37
N UNK J 54 7.90 -22.47 -20.56
CA UNK J 54 7.15 -23.70 -20.43
C UNK J 54 6.01 -23.52 -19.44
N UNK J 55 4.84 -24.05 -19.77
CA UNK J 55 3.68 -23.92 -18.90
C UNK J 55 3.87 -24.74 -17.64
N UNK J 56 2.92 -24.58 -16.72
CA UNK J 56 2.98 -25.32 -15.46
C UNK J 56 2.82 -26.82 -15.71
N UNK J 57 3.69 -27.60 -15.07
CA UNK J 57 3.69 -29.06 -15.11
C UNK J 57 4.03 -29.64 -16.48
N UNK J 58 4.48 -28.81 -17.42
CA UNK J 58 4.97 -29.35 -18.69
C UNK J 58 6.34 -29.97 -18.48
N UNK J 59 6.52 -31.19 -18.97
CA UNK J 59 7.78 -31.89 -18.80
C UNK J 59 8.92 -31.11 -19.43
N UNK J 60 10.07 -31.11 -18.76
CA UNK J 60 11.22 -30.33 -19.22
C UNK J 60 11.87 -30.88 -20.46
N UNK J 61 11.33 -31.92 -21.10
CA UNK J 61 11.94 -32.47 -22.30
C UNK J 61 11.60 -31.68 -23.56
N UNK J 62 10.74 -30.68 -23.46
CA UNK J 62 10.35 -29.86 -24.61
C UNK J 62 10.87 -28.44 -24.43
N UNK J 63 11.34 -27.85 -25.53
CA UNK J 63 11.85 -26.48 -25.51
C UNK J 63 11.42 -25.77 -26.78
N UNK J 64 11.50 -24.44 -26.74
CA UNK J 64 11.16 -23.63 -27.91
C UNK J 64 12.13 -22.47 -28.00
N UNK J 65 12.41 -22.03 -29.22
CA UNK J 65 13.44 -21.03 -29.43
C UNK J 65 13.24 -20.35 -30.78
N UNK J 66 14.25 -19.56 -31.17
CA UNK J 66 14.30 -18.75 -32.38
C UNK J 66 13.37 -17.54 -32.27
N UNK J 67 13.70 -16.47 -32.97
CA UNK J 67 12.99 -15.20 -32.87
C UNK J 67 12.75 -14.67 -34.28
N UNK J 68 12.32 -13.41 -34.35
CA UNK J 68 12.00 -12.72 -35.60
C UNK J 68 10.81 -13.36 -36.30
N UNK J 69 10.99 -13.81 -37.54
CA UNK J 69 9.92 -14.37 -38.33
C UNK J 69 9.94 -15.89 -38.39
N UNK J 70 10.96 -16.54 -37.84
CA UNK J 70 11.06 -18.00 -37.87
C UNK J 70 11.26 -18.51 -36.44
N UNK J 71 10.41 -19.42 -36.01
CA UNK J 71 10.45 -19.96 -34.65
C UNK J 71 10.47 -21.48 -34.71
N UNK J 72 10.94 -22.11 -33.63
CA UNK J 72 11.11 -23.55 -33.65
C UNK J 72 10.80 -24.14 -32.29
N UNK J 73 10.41 -25.42 -32.30
CA UNK J 73 10.21 -26.21 -31.09
C UNK J 73 10.96 -27.53 -31.22
N UNK J 74 11.56 -27.97 -30.11
CA UNK J 74 12.37 -29.19 -30.10
C UNK J 74 11.93 -30.06 -28.93
N UNK J 75 11.54 -31.30 -29.24
CA UNK J 75 11.17 -32.29 -28.23
C UNK J 75 12.27 -33.32 -28.13
N UNK J 76 12.76 -33.56 -26.91
CA UNK J 76 13.88 -34.45 -26.67
C UNK J 76 13.40 -35.70 -25.93
N UNK J 77 14.03 -36.83 -26.27
CA UNK J 77 13.70 -38.13 -25.67
C UNK J 77 12.23 -38.48 -25.90
N UNK J 78 11.88 -38.65 -27.17
CA UNK J 78 10.51 -38.94 -27.54
C UNK J 78 10.04 -40.25 -26.89
N UNK J 79 8.72 -40.38 -26.74
CA UNK J 79 8.13 -41.53 -26.10
C UNK J 79 6.83 -41.87 -26.82
N UNK J 80 6.05 -42.78 -26.21
CA UNK J 80 4.75 -43.14 -26.73
C UNK J 80 3.64 -42.25 -26.22
N UNK J 81 3.93 -41.38 -25.26
CA UNK J 81 2.98 -40.39 -24.79
C UNK J 81 3.09 -39.07 -25.52
N UNK J 82 4.04 -38.94 -26.44
CA UNK J 82 4.28 -37.71 -27.18
C UNK J 82 4.05 -37.93 -28.67
N UNK J 83 2.99 -38.67 -29.01
CA UNK J 83 2.54 -38.84 -30.39
C UNK J 83 1.25 -38.04 -30.54
N UNK J 84 1.35 -36.87 -31.17
CA UNK J 84 0.22 -35.96 -31.25
C UNK J 84 0.45 -35.04 -32.46
N UNK J 85 -0.31 -33.94 -32.52
CA UNK J 85 -0.13 -32.93 -33.56
C UNK J 85 0.21 -31.61 -32.88
N UNK J 86 1.30 -30.98 -33.33
CA UNK J 86 1.81 -29.76 -32.71
C UNK J 86 1.51 -28.56 -33.61
N UNK J 87 0.93 -27.51 -33.01
CA UNK J 87 0.53 -26.33 -33.75
C UNK J 87 1.03 -25.07 -33.06
N UNK J 88 1.12 -23.98 -33.82
CA UNK J 88 1.64 -22.71 -33.35
C UNK J 88 0.65 -21.59 -33.60
N UNK J 89 0.63 -20.60 -32.70
CA UNK J 89 -0.27 -19.47 -32.79
C UNK J 89 0.48 -18.17 -32.54
N UNK J 90 0.05 -17.12 -33.24
CA UNK J 90 0.64 -15.78 -33.12
C UNK J 90 -0.31 -14.89 -32.33
N UNK J 91 0.14 -14.45 -31.15
CA UNK J 91 -0.68 -13.64 -30.27
C UNK J 91 -0.50 -12.15 -30.50
N UNK J 92 0.22 -11.74 -31.55
CA UNK J 92 0.55 -10.33 -31.74
C UNK J 92 -0.59 -9.57 -32.42
N UNK J 93 -0.92 -9.96 -33.65
CA UNK J 93 -1.85 -9.18 -34.46
C UNK J 93 -3.28 -9.35 -33.94
N UNK J 94 -4.22 -8.68 -34.63
CA UNK J 94 -5.57 -8.54 -34.12
C UNK J 94 -6.30 -9.87 -34.08
N UNK J 95 -6.28 -10.62 -35.18
CA UNK J 95 -6.96 -11.91 -35.28
C UNK J 95 -5.92 -13.00 -35.10
N UNK J 96 -5.96 -13.68 -33.95
CA UNK J 96 -4.98 -14.69 -33.62
C UNK J 96 -5.11 -15.88 -34.57
N UNK J 97 -4.03 -16.17 -35.29
CA UNK J 97 -4.03 -17.19 -36.33
C UNK J 97 -3.13 -18.35 -35.93
N UNK J 98 -3.63 -19.57 -36.13
CA UNK J 98 -2.88 -20.78 -35.82
C UNK J 98 -2.22 -21.33 -37.08
N UNK J 99 -1.56 -22.47 -36.94
CA UNK J 99 -0.82 -23.11 -38.02
C UNK J 99 -1.52 -24.40 -38.46
N UNK J 100 -0.88 -25.13 -39.36
CA UNK J 100 -1.47 -26.30 -39.99
C UNK J 100 -0.97 -27.62 -39.39
N UNK J 101 -0.25 -27.57 -38.28
CA UNK J 101 0.13 -28.75 -37.50
C UNK J 101 1.15 -29.64 -38.21
N UNK J 102 1.87 -30.45 -37.44
CA UNK J 102 2.86 -31.41 -37.96
C UNK J 102 2.79 -32.66 -37.08
N UNK J 103 2.02 -33.65 -37.53
CA UNK J 103 1.83 -34.87 -36.76
C UNK J 103 3.11 -35.69 -36.70
N UNK J 104 3.37 -36.28 -35.54
CA UNK J 104 4.55 -37.10 -35.32
C UNK J 104 4.17 -38.58 -35.36
N UNK J 105 4.89 -39.35 -36.17
CA UNK J 105 4.61 -40.77 -36.35
C UNK J 105 5.79 -41.60 -35.84
N UNK J 106 5.47 -42.76 -35.25
CA UNK J 106 6.49 -43.66 -34.75
C UNK J 106 6.78 -44.78 -35.75
#